data_5HGQ
#
_entry.id   5HGQ
#
_cell.length_a   120.165
_cell.length_b   147.355
_cell.length_c   160.944
_cell.angle_alpha   90.00
_cell.angle_beta   90.00
_cell.angle_gamma   90.00
#
_symmetry.space_group_name_H-M   'P 21 21 21'
#
loop_
_entity.id
_entity.type
_entity.pdbx_description
1 polymer 'Lysine--tRNA ligase'
2 non-polymer LYSINE
3 non-polymer cladosporin
4 non-polymer GLYCEROL
5 water water
#
_entity_poly.entity_id   1
_entity_poly.type   'polypeptide(L)'
_entity_poly.pdbx_seq_one_letter_code
;MADPSDPQEYFKLRTALINERRSKGINPYPHKFHVSISLADFIAKYNSLEKDVILNDIVQSVAGRVFSKRESGGKLIFYD
LHGEGTRLQVLANARFHSGDEAFDNLHDRIKRGDIIGVNGYPARSKSGELSIIPYEIIQLTPCLHMLPHTHFGLKNQETR
YRMRYLDLIMNPDVKNRFVTRSRMISFLRRYLDNLGFLEVETPMMNLIAGGATAKPFITHHNDLDMDLYLRVAPELYLKM
LVVGGIDRVYEIGRVFRNEGIDQTHNPEFTSCEFYMAYADYEDLMKITEDMLARMVYYMHGTYKIQYHPNGIVENPVYEV
DFTPPFRKVNIYDGLQEKLGIQFPPADTLDTDEANKFFDKLAVENNVECPAPRTTARLLDKLIGEFLEPTFISPTFLTGH
PQIMSPLAKWHRSIPGLTERFELFVVTKEIVNAYTELNDPLTQRLRFDEQAKQKQAGDDEAQNIDENYCTALEYGLPPTA
GWGMGIDRLAMILTDSNNIKEVLFFPAMRPDEKGTNVLDEGGNA
;
_entity_poly.pdbx_strand_id   A,D,B,C
#
loop_
_chem_comp.id
_chem_comp.type
_chem_comp.name
_chem_comp.formula
GOL non-polymer GLYCEROL 'C3 H8 O3'
KRS non-polymer cladosporin 'C16 H20 O5'
#
# COMPACT_ATOMS: atom_id res chain seq x y z
N GLU A 9 -8.56 -15.24 -38.40
CA GLU A 9 -7.54 -14.23 -38.12
C GLU A 9 -6.17 -14.89 -38.03
N TYR A 10 -5.47 -14.62 -36.93
CA TYR A 10 -4.19 -15.24 -36.63
C TYR A 10 -4.38 -16.67 -36.15
N PHE A 11 -5.53 -16.95 -35.52
CA PHE A 11 -5.86 -18.30 -35.07
C PHE A 11 -6.02 -19.28 -36.23
N LYS A 12 -6.59 -18.82 -37.36
CA LYS A 12 -6.73 -19.70 -38.51
C LYS A 12 -5.38 -20.15 -39.04
N LEU A 13 -4.41 -19.22 -39.10
CA LEU A 13 -3.09 -19.57 -39.61
C LEU A 13 -2.38 -20.56 -38.70
N ARG A 14 -2.43 -20.33 -37.39
CA ARG A 14 -1.69 -21.21 -36.48
C ARG A 14 -2.37 -22.57 -36.30
N THR A 15 -3.71 -22.62 -36.33
CA THR A 15 -4.38 -23.91 -36.35
C THR A 15 -4.11 -24.63 -37.67
N ALA A 16 -3.92 -23.87 -38.75
CA ALA A 16 -3.50 -24.46 -40.02
C ALA A 16 -2.12 -25.10 -39.90
N LEU A 17 -1.16 -24.37 -39.36
CA LEU A 17 0.20 -24.90 -39.23
C LEU A 17 0.25 -26.11 -38.31
N ILE A 18 -0.49 -26.04 -37.19
CA ILE A 18 -0.46 -27.14 -36.23
C ILE A 18 -1.17 -28.36 -36.80
N ASN A 19 -2.29 -28.17 -37.50
CA ASN A 19 -3.00 -29.30 -38.09
C ASN A 19 -2.21 -29.91 -39.25
N GLU A 20 -1.57 -29.07 -40.07
CA GLU A 20 -0.72 -29.59 -41.13
C GLU A 20 0.49 -30.33 -40.55
N ARG A 21 0.92 -29.94 -39.35
CA ARG A 21 1.92 -30.74 -38.64
C ARG A 21 1.31 -32.02 -38.09
N ARG A 22 0.02 -31.97 -37.86
CA ARG A 22 -0.69 -33.11 -37.32
C ARG A 22 -0.91 -34.19 -38.36
N SER A 23 -0.89 -33.78 -39.63
CA SER A 23 -1.10 -34.68 -40.75
C SER A 23 0.20 -35.23 -41.32
N LYS A 24 1.29 -35.02 -40.61
CA LYS A 24 2.56 -35.52 -41.05
C LYS A 24 3.01 -36.53 -40.03
N GLY A 25 2.12 -36.88 -39.13
CA GLY A 25 2.43 -37.92 -38.17
C GLY A 25 3.08 -37.48 -36.89
N ILE A 26 3.16 -36.17 -36.64
CA ILE A 26 3.76 -35.64 -35.43
C ILE A 26 2.67 -35.32 -34.42
N ASN A 27 3.01 -35.45 -33.13
CA ASN A 27 2.05 -35.22 -32.06
C ASN A 27 2.21 -33.77 -31.60
N PRO A 28 1.24 -32.89 -31.88
CA PRO A 28 1.35 -31.49 -31.45
C PRO A 28 1.21 -31.27 -29.95
N TYR A 29 0.69 -32.24 -29.20
CA TYR A 29 0.41 -32.07 -27.77
C TYR A 29 1.02 -33.24 -27.02
N PRO A 30 2.30 -33.15 -26.63
CA PRO A 30 2.96 -34.29 -25.99
C PRO A 30 2.29 -34.65 -24.67
N HIS A 31 2.75 -35.76 -24.10
CA HIS A 31 2.09 -36.38 -22.96
C HIS A 31 2.76 -36.00 -21.65
N LYS A 32 4.06 -36.28 -21.53
CA LYS A 32 4.77 -36.01 -20.29
C LYS A 32 6.15 -35.45 -20.61
N PHE A 33 6.45 -34.31 -20.00
CA PHE A 33 7.78 -33.72 -20.02
C PHE A 33 8.25 -33.73 -18.58
N HIS A 34 9.45 -34.24 -18.33
CA HIS A 34 9.93 -34.39 -16.97
C HIS A 34 10.59 -33.08 -16.57
N VAL A 35 9.92 -32.35 -15.68
CA VAL A 35 10.42 -31.09 -15.15
C VAL A 35 11.29 -31.41 -13.94
N SER A 36 12.56 -31.01 -14.01
CA SER A 36 13.46 -31.31 -12.91
C SER A 36 13.17 -30.44 -11.68
N ILE A 37 13.13 -29.12 -11.87
CA ILE A 37 12.92 -28.19 -10.77
C ILE A 37 12.01 -27.05 -11.22
N SER A 38 11.23 -26.54 -10.27
CA SER A 38 10.39 -25.38 -10.52
C SER A 38 11.25 -24.13 -10.67
N LEU A 39 10.72 -23.15 -11.43
CA LEU A 39 11.47 -21.93 -11.72
C LEU A 39 11.90 -21.21 -10.44
N ALA A 40 10.99 -21.07 -9.49
CA ALA A 40 11.32 -20.45 -8.20
C ALA A 40 12.55 -21.10 -7.56
N ASP A 41 12.48 -22.43 -7.37
CA ASP A 41 13.62 -23.16 -6.80
C ASP A 41 14.86 -23.04 -7.67
N PHE A 42 14.70 -22.82 -8.98
CA PHE A 42 15.86 -22.65 -9.85
C PHE A 42 16.58 -21.35 -9.55
N ILE A 43 15.85 -20.22 -9.58
CA ILE A 43 16.49 -18.93 -9.33
C ILE A 43 17.01 -18.88 -7.90
N ALA A 44 16.26 -19.43 -6.95
CA ALA A 44 16.73 -19.51 -5.58
C ALA A 44 17.99 -20.36 -5.46
N LYS A 45 18.14 -21.37 -6.31
CA LYS A 45 19.30 -22.27 -6.22
C LYS A 45 20.55 -21.64 -6.84
N TYR A 46 20.43 -21.06 -8.04
CA TYR A 46 21.59 -20.54 -8.74
C TYR A 46 21.79 -19.03 -8.59
N ASN A 47 21.09 -18.39 -7.64
CA ASN A 47 21.33 -16.97 -7.40
C ASN A 47 22.73 -16.73 -6.86
N SER A 48 23.31 -17.70 -6.17
CA SER A 48 24.65 -17.57 -5.61
C SER A 48 25.74 -17.93 -6.61
N LEU A 49 25.38 -18.30 -7.84
CA LEU A 49 26.38 -18.64 -8.84
C LEU A 49 27.20 -17.41 -9.21
N GLU A 50 28.43 -17.65 -9.68
CA GLU A 50 29.30 -16.55 -10.06
C GLU A 50 28.81 -15.93 -11.36
N LYS A 51 29.44 -14.83 -11.76
CA LYS A 51 29.03 -14.14 -12.97
C LYS A 51 29.90 -14.57 -14.16
N ASP A 52 29.37 -14.30 -15.35
CA ASP A 52 30.01 -14.70 -16.61
C ASP A 52 30.47 -16.15 -16.60
N VAL A 53 29.75 -17.02 -15.90
CA VAL A 53 30.06 -18.44 -15.84
C VAL A 53 28.88 -19.20 -16.42
N ILE A 54 29.18 -20.30 -17.10
CA ILE A 54 28.17 -21.17 -17.68
C ILE A 54 28.49 -22.60 -17.27
N LEU A 55 27.53 -23.25 -16.62
CA LEU A 55 27.73 -24.56 -16.01
C LEU A 55 27.39 -25.68 -16.99
N ASN A 56 28.41 -26.33 -17.53
CA ASN A 56 28.23 -27.40 -18.51
C ASN A 56 28.04 -28.78 -17.88
N ASP A 57 28.40 -28.95 -16.62
CA ASP A 57 28.25 -30.22 -15.93
C ASP A 57 26.88 -30.42 -15.31
N ILE A 58 26.01 -29.41 -15.41
CA ILE A 58 24.68 -29.47 -14.83
C ILE A 58 23.65 -29.35 -15.94
N VAL A 59 22.69 -30.26 -15.95
CA VAL A 59 21.58 -30.23 -16.90
C VAL A 59 20.29 -30.19 -16.11
N GLN A 60 19.51 -29.13 -16.29
CA GLN A 60 18.24 -28.97 -15.61
C GLN A 60 17.13 -28.87 -16.64
N SER A 61 15.93 -29.27 -16.23
CA SER A 61 14.76 -29.28 -17.10
C SER A 61 13.67 -28.45 -16.45
N VAL A 62 13.38 -27.29 -17.02
CA VAL A 62 12.34 -26.40 -16.51
C VAL A 62 11.39 -26.08 -17.65
N ALA A 63 10.13 -25.85 -17.30
CA ALA A 63 9.09 -25.62 -18.29
C ALA A 63 8.21 -24.47 -17.85
N GLY A 64 7.60 -23.79 -18.82
CA GLY A 64 6.74 -22.67 -18.51
C GLY A 64 6.10 -22.12 -19.76
N ARG A 65 5.44 -20.98 -19.63
CA ARG A 65 4.76 -20.36 -20.74
C ARG A 65 5.61 -19.21 -21.21
N VAL A 66 5.76 -19.05 -22.51
CA VAL A 66 6.60 -17.98 -23.00
C VAL A 66 5.85 -16.66 -23.09
N PHE A 67 6.22 -15.75 -22.21
CA PHE A 67 5.65 -14.42 -22.16
C PHE A 67 6.03 -13.56 -23.36
N SER A 68 7.29 -13.64 -23.76
CA SER A 68 7.76 -12.84 -24.87
C SER A 68 8.88 -13.53 -25.64
N LYS A 69 9.01 -13.19 -26.92
CA LYS A 69 10.05 -13.76 -27.76
C LYS A 69 10.74 -12.63 -28.51
N ARG A 70 12.06 -12.52 -28.34
CA ARG A 70 12.84 -11.50 -29.03
C ARG A 70 13.98 -12.17 -29.77
N GLU A 71 14.04 -11.95 -31.07
CA GLU A 71 15.10 -12.54 -31.90
C GLU A 71 16.22 -11.53 -32.13
N LYS A 75 21.66 -15.52 -34.06
CA LYS A 75 22.46 -16.34 -33.16
C LYS A 75 21.72 -16.61 -31.86
N LEU A 76 21.33 -15.53 -31.19
CA LEU A 76 20.66 -15.57 -29.90
C LEU A 76 19.18 -15.22 -30.05
N ILE A 77 18.32 -15.95 -29.34
CA ILE A 77 16.89 -15.63 -29.27
C ILE A 77 16.49 -15.72 -27.80
N PHE A 78 15.75 -14.70 -27.33
CA PHE A 78 15.44 -14.54 -25.91
C PHE A 78 13.98 -14.89 -25.64
N TYR A 79 13.76 -15.80 -24.70
CA TYR A 79 12.43 -16.12 -24.22
C TYR A 79 12.33 -15.70 -22.76
N ASP A 80 11.22 -15.05 -22.40
CA ASP A 80 10.92 -14.77 -21.01
C ASP A 80 9.87 -15.78 -20.56
N LEU A 81 10.26 -16.68 -19.65
CA LEU A 81 9.47 -17.85 -19.33
C LEU A 81 8.79 -17.65 -17.99
N HIS A 82 7.47 -17.69 -17.99
CA HIS A 82 6.70 -17.49 -16.77
C HIS A 82 6.23 -18.80 -16.21
N GLY A 83 6.67 -19.07 -15.00
CA GLY A 83 6.33 -20.26 -14.26
C GLY A 83 6.00 -19.78 -12.85
N GLU A 84 4.89 -20.29 -12.30
CA GLU A 84 4.47 -19.93 -10.95
C GLU A 84 4.37 -18.42 -10.85
N GLY A 85 5.04 -17.85 -9.87
CA GLY A 85 5.04 -16.42 -9.71
C GLY A 85 6.35 -15.80 -10.17
N THR A 86 7.19 -16.59 -10.82
CA THR A 86 8.51 -16.08 -11.21
C THR A 86 8.71 -16.27 -12.71
N ARG A 87 9.64 -15.48 -13.26
CA ARG A 87 10.04 -15.58 -14.65
C ARG A 87 11.54 -15.88 -14.72
N LEU A 88 11.93 -16.58 -15.78
CA LEU A 88 13.32 -16.95 -16.00
C LEU A 88 13.64 -16.77 -17.46
N GLN A 89 14.86 -16.32 -17.75
CA GLN A 89 15.27 -15.97 -19.11
C GLN A 89 15.84 -17.21 -19.78
N VAL A 90 15.14 -17.69 -20.81
CA VAL A 90 15.62 -18.79 -21.65
C VAL A 90 16.45 -18.18 -22.76
N LEU A 91 17.74 -18.52 -22.79
CA LEU A 91 18.68 -17.97 -23.76
C LEU A 91 18.95 -19.04 -24.82
N ALA A 92 18.39 -18.84 -26.00
CA ALA A 92 18.52 -19.80 -27.10
C ALA A 92 19.73 -19.41 -27.95
N ASN A 93 20.80 -20.19 -27.84
CA ASN A 93 21.98 -20.01 -28.67
C ASN A 93 22.09 -21.17 -29.65
N ALA A 94 22.45 -20.84 -30.90
CA ALA A 94 22.53 -21.86 -31.94
C ALA A 94 23.74 -22.77 -31.74
N ARG A 95 24.76 -22.31 -31.01
CA ARG A 95 25.94 -23.14 -30.77
C ARG A 95 25.64 -24.30 -29.85
N PHE A 96 24.62 -24.17 -29.00
CA PHE A 96 24.29 -25.22 -28.04
C PHE A 96 23.10 -26.07 -28.47
N HIS A 97 22.53 -25.82 -29.65
CA HIS A 97 21.41 -26.63 -30.11
C HIS A 97 21.88 -28.03 -30.48
N SER A 98 21.30 -29.03 -29.84
CA SER A 98 21.60 -30.44 -30.07
C SER A 98 20.38 -31.08 -30.73
N GLY A 99 20.17 -30.73 -31.99
CA GLY A 99 19.05 -31.23 -32.75
C GLY A 99 19.27 -31.15 -34.25
N ASP A 100 18.47 -31.90 -34.98
CA ASP A 100 18.53 -31.96 -36.44
C ASP A 100 18.17 -30.62 -37.10
N GLU A 101 17.22 -29.90 -36.51
CA GLU A 101 16.75 -28.62 -37.04
C GLU A 101 17.81 -27.54 -37.15
N ALA A 102 18.71 -27.49 -36.18
CA ALA A 102 19.80 -26.51 -36.17
C ALA A 102 19.44 -25.05 -35.88
N PHE A 103 18.41 -24.87 -35.08
CA PHE A 103 18.03 -23.55 -34.60
C PHE A 103 17.24 -22.60 -35.49
N ASP A 104 16.92 -22.98 -36.72
CA ASP A 104 16.17 -22.05 -37.56
C ASP A 104 14.70 -22.41 -37.71
N ASN A 105 14.46 -23.65 -38.12
CA ASN A 105 13.10 -24.16 -38.30
C ASN A 105 12.37 -24.28 -37.00
N LEU A 106 13.09 -24.68 -35.97
CA LEU A 106 12.55 -24.91 -34.65
C LEU A 106 12.00 -23.70 -33.90
N HIS A 107 12.67 -22.56 -33.98
CA HIS A 107 12.20 -21.41 -33.22
C HIS A 107 11.14 -20.60 -33.94
N ASP A 108 10.86 -20.90 -35.20
CA ASP A 108 9.66 -20.37 -35.84
C ASP A 108 8.41 -21.16 -35.45
N ARG A 109 8.58 -22.37 -34.90
CA ARG A 109 7.44 -23.17 -34.46
C ARG A 109 6.92 -22.73 -33.10
N ILE A 110 7.78 -22.19 -32.24
CA ILE A 110 7.39 -21.78 -30.90
C ILE A 110 7.20 -20.26 -30.92
N LYS A 111 5.97 -19.83 -30.70
CA LYS A 111 5.61 -18.43 -30.66
C LYS A 111 5.32 -18.05 -29.21
N ARG A 112 5.07 -16.77 -28.98
CA ARG A 112 4.74 -16.33 -27.63
C ARG A 112 3.35 -16.84 -27.25
N GLY A 113 3.19 -17.19 -25.98
CA GLY A 113 1.99 -17.83 -25.51
C GLY A 113 2.08 -19.34 -25.49
N ASP A 114 3.01 -19.91 -26.23
CA ASP A 114 3.18 -21.35 -26.26
C ASP A 114 3.73 -21.82 -24.91
N ILE A 115 3.26 -22.98 -24.46
CA ILE A 115 3.82 -23.61 -23.27
C ILE A 115 4.91 -24.55 -23.74
N ILE A 116 6.13 -24.31 -23.29
CA ILE A 116 7.29 -25.08 -23.75
C ILE A 116 8.03 -25.65 -22.55
N GLY A 117 8.66 -26.79 -22.77
CA GLY A 117 9.66 -27.32 -21.88
C GLY A 117 11.05 -27.02 -22.39
N VAL A 118 12.01 -27.03 -21.48
CA VAL A 118 13.39 -26.69 -21.79
C VAL A 118 14.31 -27.61 -21.01
N ASN A 119 15.22 -28.27 -21.73
CA ASN A 119 16.34 -28.98 -21.13
C ASN A 119 17.60 -28.17 -21.46
N GLY A 120 18.29 -27.70 -20.42
CA GLY A 120 19.39 -26.79 -20.69
C GLY A 120 20.30 -26.62 -19.49
N TYR A 121 21.29 -25.73 -19.68
CA TYR A 121 22.40 -25.45 -18.78
C TYR A 121 22.16 -24.17 -18.00
N PRO A 122 22.26 -24.20 -16.67
CA PRO A 122 22.25 -22.94 -15.92
C PRO A 122 23.46 -22.09 -16.25
N ALA A 123 23.23 -20.81 -16.52
CA ALA A 123 24.32 -19.90 -16.83
C ALA A 123 23.95 -18.50 -16.34
N ARG A 124 24.98 -17.70 -16.04
CA ARG A 124 24.79 -16.30 -15.68
C ARG A 124 25.71 -15.42 -16.50
N SER A 125 25.14 -14.50 -17.26
CA SER A 125 25.91 -13.65 -18.15
C SER A 125 26.76 -12.66 -17.34
N LYS A 126 27.64 -11.94 -18.04
CA LYS A 126 28.43 -10.91 -17.37
C LYS A 126 27.55 -9.79 -16.84
N SER A 127 26.45 -9.49 -17.52
CA SER A 127 25.52 -8.46 -17.07
C SER A 127 24.79 -8.85 -15.79
N GLY A 128 24.95 -10.10 -15.33
CA GLY A 128 24.35 -10.57 -14.10
C GLY A 128 23.03 -11.29 -14.29
N GLU A 129 22.43 -11.22 -15.47
CA GLU A 129 21.13 -11.85 -15.71
C GLU A 129 21.26 -13.37 -15.70
N LEU A 130 20.53 -14.01 -14.78
CA LEU A 130 20.49 -15.46 -14.72
C LEU A 130 19.63 -16.02 -15.85
N SER A 131 20.12 -17.08 -16.48
CA SER A 131 19.51 -17.62 -17.69
C SER A 131 19.75 -19.12 -17.77
N ILE A 132 18.97 -19.78 -18.62
CA ILE A 132 19.15 -21.18 -18.94
C ILE A 132 19.33 -21.30 -20.46
N ILE A 133 20.34 -22.06 -20.87
CA ILE A 133 20.66 -22.24 -22.29
C ILE A 133 20.20 -23.63 -22.69
N PRO A 134 19.12 -23.77 -23.46
CA PRO A 134 18.63 -25.09 -23.84
C PRO A 134 19.44 -25.73 -24.95
N TYR A 135 19.71 -27.03 -24.80
CA TYR A 135 20.19 -27.83 -25.90
C TYR A 135 19.06 -28.45 -26.70
N GLU A 136 17.86 -28.47 -26.14
CA GLU A 136 16.66 -28.98 -26.80
C GLU A 136 15.47 -28.26 -26.22
N ILE A 137 14.48 -27.98 -27.07
CA ILE A 137 13.24 -27.33 -26.66
C ILE A 137 12.08 -28.17 -27.15
N ILE A 138 11.20 -28.55 -26.23
CA ILE A 138 10.04 -29.37 -26.55
C ILE A 138 8.79 -28.55 -26.30
N GLN A 139 8.04 -28.29 -27.37
CA GLN A 139 6.83 -27.47 -27.29
C GLN A 139 5.68 -28.34 -26.81
N LEU A 140 5.25 -28.11 -25.56
CA LEU A 140 4.24 -28.98 -24.96
C LEU A 140 2.82 -28.60 -25.37
N THR A 141 2.52 -27.30 -25.47
CA THR A 141 1.21 -26.91 -25.97
C THR A 141 1.31 -25.64 -26.81
N PRO A 142 0.69 -25.60 -27.98
CA PRO A 142 0.60 -24.34 -28.74
C PRO A 142 -0.49 -23.43 -28.22
N CYS A 143 -0.25 -22.13 -28.37
CA CYS A 143 -1.25 -21.10 -28.09
C CYS A 143 -1.88 -20.69 -29.42
N LEU A 144 -3.10 -21.14 -29.66
CA LEU A 144 -3.72 -20.98 -30.97
C LEU A 144 -4.30 -19.59 -31.19
N HIS A 145 -4.33 -18.73 -30.19
CA HIS A 145 -4.85 -17.37 -30.32
C HIS A 145 -3.74 -16.35 -30.17
N MET A 146 -4.08 -15.08 -30.40
CA MET A 146 -3.11 -14.01 -30.32
C MET A 146 -3.20 -13.25 -29.02
N LEU A 147 -2.13 -13.29 -28.23
CA LEU A 147 -2.11 -12.58 -26.97
C LEU A 147 -2.07 -11.07 -27.21
N PRO A 148 -2.75 -10.32 -26.36
CA PRO A 148 -2.80 -8.85 -26.47
C PRO A 148 -1.49 -8.18 -26.08
N HIS A 149 -1.30 -6.95 -26.55
CA HIS A 149 -0.14 -6.08 -26.31
C HIS A 149 0.77 -6.52 -25.15
N GLU A 158 -13.27 -5.33 -19.35
CA GLU A 158 -14.48 -5.78 -18.68
C GLU A 158 -14.72 -7.26 -18.93
N THR A 159 -14.21 -7.75 -20.05
CA THR A 159 -14.37 -9.15 -20.40
C THR A 159 -13.37 -9.99 -19.64
N ARG A 160 -12.45 -9.34 -18.95
CA ARG A 160 -11.47 -10.10 -18.18
C ARG A 160 -12.09 -10.81 -16.99
N TYR A 161 -13.36 -10.51 -16.68
CA TYR A 161 -14.09 -11.26 -15.69
C TYR A 161 -14.72 -12.50 -16.32
N ARG A 162 -15.14 -12.39 -17.58
CA ARG A 162 -15.66 -13.55 -18.30
C ARG A 162 -14.56 -14.58 -18.53
N MET A 163 -13.44 -14.15 -19.13
CA MET A 163 -12.29 -15.02 -19.34
C MET A 163 -11.22 -14.68 -18.30
N ARG A 164 -11.14 -15.47 -17.23
CA ARG A 164 -10.12 -15.17 -16.22
C ARG A 164 -8.77 -15.78 -16.57
N TYR A 165 -8.75 -16.88 -17.33
CA TYR A 165 -7.48 -17.49 -17.68
C TYR A 165 -6.59 -16.50 -18.41
N LEU A 166 -7.18 -15.70 -19.32
CA LEU A 166 -6.41 -14.72 -20.05
C LEU A 166 -5.94 -13.58 -19.15
N ASP A 167 -6.79 -13.18 -18.19
CA ASP A 167 -6.37 -12.21 -17.20
C ASP A 167 -5.15 -12.70 -16.43
N LEU A 168 -5.20 -13.93 -15.94
CA LEU A 168 -4.08 -14.50 -15.20
C LEU A 168 -2.83 -14.65 -16.07
N ILE A 169 -3.02 -14.84 -17.37
CA ILE A 169 -1.86 -14.93 -18.26
C ILE A 169 -1.23 -13.55 -18.47
N MET A 170 -2.04 -12.55 -18.82
CA MET A 170 -1.50 -11.25 -19.17
C MET A 170 -1.10 -10.45 -17.94
N ASN A 171 -1.80 -10.62 -16.82
CA ASN A 171 -1.56 -9.89 -15.59
C ASN A 171 -1.22 -10.93 -14.53
N PRO A 172 0.03 -11.41 -14.51
CA PRO A 172 0.38 -12.51 -13.60
C PRO A 172 0.26 -12.17 -12.13
N ASP A 173 0.16 -10.89 -11.78
CA ASP A 173 0.09 -10.46 -10.39
C ASP A 173 -1.30 -10.66 -9.78
N VAL A 174 -2.33 -10.84 -10.62
CA VAL A 174 -3.68 -11.08 -10.10
C VAL A 174 -3.71 -12.26 -9.15
N LYS A 175 -2.91 -13.29 -9.45
CA LYS A 175 -2.82 -14.46 -8.58
C LYS A 175 -2.59 -14.07 -7.13
N ASN A 176 -1.79 -13.01 -6.90
CA ASN A 176 -1.45 -12.63 -5.54
C ASN A 176 -2.68 -12.35 -4.70
N ARG A 177 -3.72 -11.75 -5.30
CA ARG A 177 -4.95 -11.53 -4.56
C ARG A 177 -5.52 -12.84 -4.04
N PHE A 178 -5.62 -13.84 -4.92
CA PHE A 178 -6.30 -15.07 -4.56
C PHE A 178 -5.45 -15.89 -3.60
N VAL A 179 -4.14 -15.91 -3.82
CA VAL A 179 -3.25 -16.54 -2.85
C VAL A 179 -3.51 -15.95 -1.48
N THR A 180 -3.65 -14.62 -1.42
CA THR A 180 -3.92 -13.98 -0.13
C THR A 180 -5.20 -14.52 0.48
N ARG A 181 -6.25 -14.62 -0.34
CA ARG A 181 -7.52 -15.15 0.15
C ARG A 181 -7.30 -16.53 0.76
N SER A 182 -6.54 -17.38 0.07
CA SER A 182 -6.28 -18.71 0.62
C SER A 182 -5.54 -18.59 1.94
N ARG A 183 -4.42 -17.85 1.93
CA ARG A 183 -3.65 -17.70 3.16
C ARG A 183 -4.45 -16.97 4.23
N MET A 184 -5.53 -16.29 3.84
CA MET A 184 -6.42 -15.72 4.84
C MET A 184 -7.28 -16.80 5.46
N ILE A 185 -7.97 -17.58 4.63
CA ILE A 185 -8.86 -18.61 5.16
C ILE A 185 -8.07 -19.63 5.99
N SER A 186 -6.91 -20.05 5.47
CA SER A 186 -6.01 -20.91 6.21
C SER A 186 -5.72 -20.33 7.59
N PHE A 187 -5.39 -19.04 7.64
CA PHE A 187 -5.15 -18.39 8.92
C PHE A 187 -6.34 -18.59 9.84
N LEU A 188 -7.53 -18.25 9.34
CA LEU A 188 -8.74 -18.43 10.13
C LEU A 188 -8.86 -19.88 10.59
N ARG A 189 -8.57 -20.81 9.68
CA ARG A 189 -8.64 -22.23 10.03
C ARG A 189 -7.65 -22.56 11.13
N ARG A 190 -6.45 -22.00 11.04
CA ARG A 190 -5.43 -22.22 12.05
C ARG A 190 -5.76 -21.50 13.36
N TYR A 191 -6.62 -20.48 13.30
CA TYR A 191 -7.00 -19.75 14.51
C TYR A 191 -8.03 -20.53 15.32
N LEU A 192 -9.17 -20.84 14.69
CA LEU A 192 -10.23 -21.59 15.36
C LEU A 192 -9.75 -22.96 15.81
N ASP A 193 -8.93 -23.62 14.99
CA ASP A 193 -8.41 -24.93 15.37
C ASP A 193 -7.54 -24.83 16.62
N ASN A 194 -6.88 -23.69 16.83
CA ASN A 194 -6.11 -23.51 18.06
C ASN A 194 -7.01 -23.32 19.27
N LEU A 195 -8.28 -22.96 19.06
CA LEU A 195 -9.23 -22.76 20.14
C LEU A 195 -10.03 -24.02 20.48
N GLY A 196 -9.69 -25.16 19.89
CA GLY A 196 -10.44 -26.37 20.15
C GLY A 196 -11.70 -26.53 19.31
N PHE A 197 -11.82 -25.76 18.23
CA PHE A 197 -12.97 -25.84 17.35
C PHE A 197 -12.86 -27.05 16.44
N LEU A 198 -14.02 -27.49 15.94
CA LEU A 198 -14.11 -28.64 15.05
C LEU A 198 -14.79 -28.19 13.76
N GLU A 199 -14.06 -28.22 12.65
CA GLU A 199 -14.67 -27.87 11.36
C GLU A 199 -15.60 -28.99 10.93
N VAL A 200 -16.85 -28.64 10.68
CA VAL A 200 -17.87 -29.59 10.26
C VAL A 200 -18.50 -29.08 8.98
N GLU A 201 -19.45 -29.84 8.45
CA GLU A 201 -20.16 -29.47 7.23
C GLU A 201 -21.61 -29.88 7.37
N THR A 202 -22.50 -29.01 6.90
CA THR A 202 -23.94 -29.15 7.05
C THR A 202 -24.60 -29.11 5.69
N PRO A 203 -25.82 -29.64 5.56
CA PRO A 203 -26.44 -29.75 4.23
C PRO A 203 -26.72 -28.39 3.60
N MET A 204 -26.37 -28.29 2.31
CA MET A 204 -26.65 -27.12 1.51
C MET A 204 -28.03 -27.17 0.85
N MET A 205 -28.82 -28.21 1.13
CA MET A 205 -30.17 -28.34 0.59
C MET A 205 -31.13 -28.63 1.74
N ASN A 206 -32.15 -27.77 1.89
CA ASN A 206 -33.13 -27.93 2.94
C ASN A 206 -34.53 -27.80 2.34
N LEU A 207 -35.52 -28.36 3.05
CA LEU A 207 -36.90 -28.15 2.63
C LEU A 207 -37.35 -26.73 2.94
N ILE A 208 -36.98 -26.22 4.11
CA ILE A 208 -37.25 -24.85 4.54
C ILE A 208 -35.92 -24.28 5.04
N ALA A 209 -35.23 -23.54 4.16
CA ALA A 209 -33.92 -22.95 4.45
C ALA A 209 -34.01 -21.86 5.51
N GLY A 210 -33.48 -22.13 6.71
CA GLY A 210 -33.42 -21.13 7.75
C GLY A 210 -32.10 -20.37 7.75
N GLY A 211 -32.10 -19.20 8.40
CA GLY A 211 -30.92 -18.37 8.48
C GLY A 211 -31.23 -16.88 8.47
N ALA A 212 -30.49 -16.12 7.68
CA ALA A 212 -30.67 -14.66 7.62
C ALA A 212 -31.89 -14.32 6.78
N THR A 213 -32.06 -13.04 6.47
CA THR A 213 -33.18 -12.56 5.68
C THR A 213 -32.71 -12.40 4.24
N ALA A 214 -33.07 -13.35 3.39
CA ALA A 214 -32.86 -13.23 1.96
C ALA A 214 -33.87 -14.10 1.23
N LYS A 215 -33.74 -14.14 -0.08
CA LYS A 215 -34.60 -14.98 -0.91
C LYS A 215 -33.82 -16.22 -1.30
N PRO A 216 -34.38 -17.40 -1.19
CA PRO A 216 -33.60 -18.61 -1.44
C PRO A 216 -33.77 -19.13 -2.86
N PHE A 217 -32.93 -20.09 -3.23
CA PHE A 217 -33.05 -20.78 -4.50
C PHE A 217 -33.94 -22.00 -4.34
N ILE A 218 -34.79 -22.23 -5.32
CA ILE A 218 -35.67 -23.40 -5.34
C ILE A 218 -35.16 -24.35 -6.41
N THR A 219 -34.90 -25.59 -6.02
CA THR A 219 -34.46 -26.63 -6.95
C THR A 219 -35.32 -27.86 -6.73
N HIS A 220 -35.24 -28.81 -7.66
CA HIS A 220 -36.02 -30.04 -7.56
C HIS A 220 -35.09 -31.24 -7.42
N HIS A 221 -35.45 -32.13 -6.49
CA HIS A 221 -34.75 -33.40 -6.31
C HIS A 221 -35.68 -34.52 -6.76
N ASN A 222 -35.28 -35.21 -7.83
CA ASN A 222 -36.05 -36.29 -8.43
C ASN A 222 -36.26 -37.54 -7.58
N ASP A 223 -35.23 -37.98 -6.87
CA ASP A 223 -35.33 -39.18 -6.06
C ASP A 223 -36.39 -39.03 -4.98
N LEU A 224 -36.45 -37.87 -4.36
CA LEU A 224 -37.46 -37.61 -3.35
C LEU A 224 -38.67 -36.99 -4.05
N ASP A 225 -38.52 -36.67 -5.32
CA ASP A 225 -39.62 -36.06 -6.07
C ASP A 225 -40.20 -34.89 -5.28
N MET A 226 -39.33 -33.96 -4.88
CA MET A 226 -39.79 -32.84 -4.07
C MET A 226 -38.92 -31.62 -4.35
N ASP A 227 -39.46 -30.45 -4.00
CA ASP A 227 -38.74 -29.20 -4.12
C ASP A 227 -37.96 -28.90 -2.85
N LEU A 228 -36.70 -28.51 -3.03
CA LEU A 228 -35.79 -28.21 -1.93
C LEU A 228 -35.26 -26.79 -2.08
N TYR A 229 -34.87 -26.20 -0.95
CA TYR A 229 -34.23 -24.88 -0.93
C TYR A 229 -32.74 -25.05 -0.70
N LEU A 230 -31.94 -24.34 -1.49
CA LEU A 230 -30.51 -24.29 -1.24
C LEU A 230 -30.28 -23.53 0.06
N ARG A 231 -29.27 -23.94 0.82
CA ARG A 231 -29.08 -23.34 2.13
C ARG A 231 -28.73 -21.86 1.98
N VAL A 232 -29.41 -21.03 2.77
CA VAL A 232 -29.11 -19.61 2.83
C VAL A 232 -28.24 -19.27 4.03
N ALA A 233 -28.05 -20.22 4.96
CA ALA A 233 -27.16 -20.06 6.10
C ALA A 233 -26.97 -21.41 6.80
N PRO A 234 -25.77 -21.68 7.31
CA PRO A 234 -25.54 -22.88 8.11
C PRO A 234 -26.05 -22.79 9.55
N GLU A 235 -26.87 -21.78 9.85
CA GLU A 235 -27.18 -21.36 11.21
C GLU A 235 -27.84 -22.47 12.04
N LEU A 236 -29.05 -22.86 11.64
CA LEU A 236 -29.85 -23.80 12.44
C LEU A 236 -29.13 -25.12 12.62
N TYR A 237 -28.47 -25.62 11.56
CA TYR A 237 -27.80 -26.91 11.66
C TYR A 237 -26.68 -26.87 12.67
N LEU A 238 -25.82 -25.84 12.59
CA LEU A 238 -24.74 -25.70 13.56
C LEU A 238 -25.30 -25.60 14.97
N LYS A 239 -26.45 -24.92 15.14
CA LYS A 239 -27.05 -24.84 16.46
C LYS A 239 -27.47 -26.22 16.97
N MET A 240 -28.03 -27.05 16.08
CA MET A 240 -28.34 -28.42 16.46
C MET A 240 -27.08 -29.20 16.83
N LEU A 241 -25.98 -28.95 16.10
CA LEU A 241 -24.71 -29.58 16.44
C LEU A 241 -24.23 -29.18 17.83
N VAL A 242 -24.48 -27.93 18.22
CA VAL A 242 -24.11 -27.51 19.57
C VAL A 242 -25.01 -28.17 20.60
N VAL A 243 -26.29 -28.38 20.27
CA VAL A 243 -27.20 -29.08 21.17
C VAL A 243 -26.67 -30.47 21.54
N GLY A 244 -26.13 -31.19 20.55
CA GLY A 244 -25.74 -32.57 20.74
C GLY A 244 -24.44 -32.83 21.46
N GLY A 245 -23.84 -31.83 22.09
CA GLY A 245 -22.65 -32.02 22.90
C GLY A 245 -21.37 -31.56 22.27
N ILE A 246 -21.40 -31.09 21.02
CA ILE A 246 -20.22 -30.50 20.39
C ILE A 246 -20.16 -29.04 20.83
N ASP A 247 -19.13 -28.68 21.60
CA ASP A 247 -19.11 -27.38 22.26
C ASP A 247 -18.70 -26.23 21.35
N ARG A 248 -17.80 -26.46 20.39
CA ARG A 248 -17.32 -25.39 19.51
C ARG A 248 -17.35 -25.87 18.06
N VAL A 249 -18.26 -25.29 17.27
CA VAL A 249 -18.49 -25.72 15.89
C VAL A 249 -18.17 -24.58 14.93
N TYR A 250 -17.63 -24.90 13.75
CA TYR A 250 -17.36 -23.86 12.76
C TYR A 250 -17.40 -24.46 11.37
N GLU A 251 -17.97 -23.71 10.42
CA GLU A 251 -18.10 -24.16 9.04
C GLU A 251 -17.83 -22.98 8.12
N ILE A 252 -16.80 -23.14 7.28
CA ILE A 252 -16.51 -22.24 6.18
C ILE A 252 -16.97 -22.92 4.90
N GLY A 253 -17.85 -22.26 4.14
CA GLY A 253 -18.35 -22.88 2.93
C GLY A 253 -19.25 -21.93 2.17
N ARG A 254 -19.59 -22.33 0.94
CA ARG A 254 -20.37 -21.46 0.07
C ARG A 254 -21.82 -21.42 0.52
N VAL A 255 -22.49 -20.32 0.18
CA VAL A 255 -23.86 -20.06 0.60
C VAL A 255 -24.56 -19.32 -0.53
N PHE A 256 -25.85 -19.61 -0.71
CA PHE A 256 -26.61 -19.26 -1.89
C PHE A 256 -27.75 -18.30 -1.55
N ARG A 257 -27.70 -17.08 -2.09
CA ARG A 257 -28.75 -16.09 -1.90
C ARG A 257 -29.17 -15.50 -3.24
N ASN A 258 -30.48 -15.34 -3.42
CA ASN A 258 -31.10 -14.98 -4.69
C ASN A 258 -31.25 -13.46 -4.89
N GLU A 259 -30.65 -12.63 -4.03
CA GLU A 259 -30.93 -11.19 -4.05
C GLU A 259 -30.42 -10.45 -5.29
N GLY A 260 -29.45 -10.99 -6.02
CA GLY A 260 -28.94 -10.31 -7.20
C GLY A 260 -27.51 -9.81 -7.02
N ILE A 261 -26.92 -9.44 -8.17
CA ILE A 261 -25.53 -9.02 -8.25
C ILE A 261 -25.36 -7.54 -7.94
N ASP A 262 -24.26 -7.22 -7.27
CA ASP A 262 -23.88 -5.84 -6.90
C ASP A 262 -22.35 -5.78 -6.88
N GLN A 263 -21.80 -4.66 -6.41
CA GLN A 263 -20.36 -4.61 -6.18
C GLN A 263 -19.96 -5.34 -4.90
N THR A 264 -20.83 -5.38 -3.90
CA THR A 264 -20.60 -6.12 -2.68
C THR A 264 -21.46 -7.38 -2.60
N HIS A 265 -22.17 -7.72 -3.67
CA HIS A 265 -23.08 -8.86 -3.65
C HIS A 265 -22.79 -9.77 -4.84
N ASN A 266 -22.82 -11.06 -4.58
CA ASN A 266 -22.74 -12.11 -5.57
C ASN A 266 -23.70 -13.19 -5.09
N PRO A 267 -24.49 -13.78 -5.98
CA PRO A 267 -25.49 -14.76 -5.52
C PRO A 267 -24.89 -15.92 -4.75
N GLU A 268 -23.65 -16.27 -5.04
CA GLU A 268 -22.94 -17.38 -4.40
C GLU A 268 -21.71 -16.82 -3.71
N PHE A 269 -21.65 -16.92 -2.38
CA PHE A 269 -20.49 -16.35 -1.69
C PHE A 269 -20.08 -17.23 -0.51
N THR A 270 -18.80 -17.13 -0.13
CA THR A 270 -18.22 -17.97 0.91
C THR A 270 -18.43 -17.33 2.29
N SER A 271 -19.03 -18.08 3.21
CA SER A 271 -19.31 -17.62 4.56
C SER A 271 -18.63 -18.52 5.60
N CYS A 272 -18.15 -17.90 6.68
CA CYS A 272 -17.54 -18.60 7.81
C CYS A 272 -18.35 -18.36 9.08
N GLU A 273 -18.83 -19.44 9.70
CA GLU A 273 -19.58 -19.32 10.95
C GLU A 273 -18.96 -20.18 12.04
N PHE A 274 -19.03 -19.70 13.28
CA PHE A 274 -18.66 -20.53 14.42
C PHE A 274 -19.61 -20.26 15.58
N TYR A 275 -19.79 -21.30 16.41
CA TYR A 275 -20.64 -21.30 17.58
C TYR A 275 -19.85 -21.78 18.78
N MET A 276 -19.95 -21.03 19.88
CA MET A 276 -19.21 -21.29 21.10
C MET A 276 -20.21 -21.36 22.25
N ALA A 277 -20.25 -22.51 22.93
CA ALA A 277 -21.13 -22.61 24.08
C ALA A 277 -20.46 -21.92 25.26
N TYR A 278 -21.28 -21.43 26.19
CA TYR A 278 -20.77 -20.74 27.37
C TYR A 278 -20.00 -19.49 26.99
N ALA A 279 -20.60 -18.69 26.10
CA ALA A 279 -20.05 -17.42 25.71
C ALA A 279 -21.21 -16.48 25.39
N ASP A 280 -21.06 -15.22 25.77
CA ASP A 280 -22.00 -14.17 25.41
C ASP A 280 -21.46 -13.39 24.22
N TYR A 281 -22.22 -12.40 23.76
CA TYR A 281 -21.78 -11.65 22.59
C TYR A 281 -20.60 -10.72 22.90
N GLU A 282 -20.42 -10.31 24.16
CA GLU A 282 -19.23 -9.51 24.49
C GLU A 282 -17.96 -10.35 24.41
N ASP A 283 -18.06 -11.66 24.63
CA ASP A 283 -16.91 -12.51 24.40
C ASP A 283 -16.58 -12.57 22.91
N LEU A 284 -17.61 -12.70 22.07
CA LEU A 284 -17.36 -12.70 20.63
C LEU A 284 -16.83 -11.36 20.13
N MET A 285 -17.20 -10.25 20.78
CA MET A 285 -16.58 -8.97 20.43
C MET A 285 -15.10 -8.98 20.80
N LYS A 286 -14.80 -9.38 22.04
CA LYS A 286 -13.40 -9.42 22.49
C LYS A 286 -12.60 -10.49 21.76
N ILE A 287 -13.25 -11.38 21.01
CA ILE A 287 -12.55 -12.33 20.16
C ILE A 287 -12.35 -11.71 18.78
N THR A 288 -13.45 -11.29 18.15
CA THR A 288 -13.39 -10.68 16.82
C THR A 288 -12.31 -9.60 16.76
N GLU A 289 -12.21 -8.77 17.79
CA GLU A 289 -11.11 -7.82 17.88
C GLU A 289 -9.76 -8.54 17.80
N ASP A 290 -9.57 -9.55 18.64
CA ASP A 290 -8.31 -10.30 18.67
C ASP A 290 -7.96 -10.87 17.31
N MET A 291 -8.88 -11.65 16.71
CA MET A 291 -8.61 -12.32 15.45
C MET A 291 -8.33 -11.33 14.34
N LEU A 292 -9.23 -10.36 14.14
CA LEU A 292 -9.03 -9.40 13.06
C LEU A 292 -7.72 -8.64 13.23
N ALA A 293 -7.36 -8.32 14.49
CA ALA A 293 -6.10 -7.63 14.73
C ALA A 293 -4.91 -8.50 14.32
N ARG A 294 -4.86 -9.74 14.82
CA ARG A 294 -3.72 -10.60 14.52
C ARG A 294 -3.64 -10.92 13.05
N MET A 295 -4.78 -11.08 12.38
CA MET A 295 -4.76 -11.40 10.96
C MET A 295 -4.27 -10.21 10.13
N VAL A 296 -4.79 -9.02 10.43
CA VAL A 296 -4.33 -7.83 9.70
C VAL A 296 -2.83 -7.64 9.89
N TYR A 297 -2.34 -7.79 11.13
CA TYR A 297 -0.90 -7.68 11.35
C TYR A 297 -0.15 -8.80 10.63
N TYR A 298 -0.81 -9.94 10.44
CA TYR A 298 -0.18 -11.07 9.75
C TYR A 298 0.00 -10.78 8.26
N MET A 299 -1.03 -10.20 7.62
CA MET A 299 -0.96 -10.02 6.16
C MET A 299 -0.15 -8.78 5.80
N HIS A 300 -0.49 -7.64 6.39
CA HIS A 300 0.23 -6.40 6.14
C HIS A 300 1.24 -6.24 7.28
N GLY A 301 1.93 -5.11 7.32
CA GLY A 301 2.94 -4.96 8.35
C GLY A 301 2.46 -4.32 9.64
N THR A 302 1.29 -3.68 9.62
CA THR A 302 0.78 -2.96 10.76
C THR A 302 -0.74 -3.15 10.87
N TYR A 303 -1.27 -2.73 12.02
CA TYR A 303 -2.71 -2.85 12.28
C TYR A 303 -3.53 -1.83 11.49
N LYS A 304 -2.90 -0.78 10.97
CA LYS A 304 -3.59 0.27 10.24
C LYS A 304 -3.24 0.17 8.76
N ILE A 305 -4.26 -0.04 7.92
CA ILE A 305 -4.04 -0.25 6.49
C ILE A 305 -4.87 0.75 5.70
N GLN A 306 -4.52 0.86 4.42
CA GLN A 306 -5.20 1.73 3.47
C GLN A 306 -6.41 1.03 2.88
N TYR A 307 -7.27 1.83 2.24
CA TYR A 307 -8.35 1.28 1.42
C TYR A 307 -8.81 2.35 0.45
N HIS A 308 -9.00 1.95 -0.80
CA HIS A 308 -9.45 2.85 -1.87
C HIS A 308 -10.77 2.37 -2.44
N PRO A 309 -11.91 2.90 -1.97
CA PRO A 309 -13.20 2.44 -2.48
C PRO A 309 -13.47 2.86 -3.91
N ASN A 310 -12.62 3.67 -4.51
CA ASN A 310 -12.81 3.96 -5.93
C ASN A 310 -11.62 3.31 -6.64
N GLY A 311 -11.84 2.22 -7.37
CA GLY A 311 -10.75 1.51 -8.02
C GLY A 311 -9.93 2.09 -9.16
N ILE A 312 -10.58 2.64 -10.18
CA ILE A 312 -9.88 3.26 -11.30
C ILE A 312 -9.17 4.53 -10.82
N VAL A 313 -9.89 5.24 -9.95
CA VAL A 313 -9.51 6.48 -9.32
C VAL A 313 -8.68 6.23 -8.07
N GLU A 314 -8.47 7.27 -7.28
CA GLU A 314 -7.73 7.12 -6.03
C GLU A 314 -8.29 7.91 -4.86
N ASN A 315 -9.42 8.59 -5.02
CA ASN A 315 -9.96 9.36 -3.90
C ASN A 315 -11.46 9.09 -3.69
N PRO A 316 -11.88 8.92 -2.43
CA PRO A 316 -11.15 9.15 -1.17
C PRO A 316 -10.43 7.91 -0.64
N VAL A 317 -9.54 8.13 0.33
CA VAL A 317 -8.73 7.08 0.93
C VAL A 317 -9.17 6.92 2.38
N TYR A 318 -9.78 5.78 2.68
CA TYR A 318 -10.17 5.49 4.03
C TYR A 318 -8.92 5.07 4.81
N GLU A 319 -8.95 5.24 6.12
CA GLU A 319 -7.78 4.86 6.91
C GLU A 319 -8.28 3.92 7.97
N VAL A 320 -8.63 2.72 7.53
CA VAL A 320 -9.16 1.73 8.42
C VAL A 320 -8.09 1.41 9.44
N ASP A 321 -8.48 1.39 10.69
CA ASP A 321 -7.56 1.10 11.77
C ASP A 321 -8.06 -0.16 12.44
N PHE A 322 -7.19 -1.15 12.51
CA PHE A 322 -7.57 -2.41 13.13
C PHE A 322 -7.08 -2.52 14.57
N THR A 323 -6.54 -1.44 15.11
CA THR A 323 -6.08 -1.49 16.50
C THR A 323 -7.29 -1.58 17.42
N PRO A 324 -7.34 -2.55 18.34
CA PRO A 324 -8.41 -2.64 19.33
C PRO A 324 -8.30 -1.53 20.39
N PRO A 325 -9.42 -1.08 20.98
CA PRO A 325 -10.76 -1.62 20.78
C PRO A 325 -11.58 -0.80 19.78
N PHE A 326 -12.31 -1.50 18.93
CA PHE A 326 -13.17 -0.86 17.94
C PHE A 326 -14.28 -0.08 18.64
N ARG A 327 -14.73 1.00 17.99
CA ARG A 327 -15.82 1.78 18.56
C ARG A 327 -17.08 0.94 18.69
N LYS A 328 -17.81 1.15 19.79
CA LYS A 328 -19.07 0.49 20.03
C LYS A 328 -20.19 1.53 19.93
N VAL A 329 -21.28 1.14 19.27
CA VAL A 329 -22.40 2.04 18.99
C VAL A 329 -23.68 1.27 19.23
N ASN A 330 -24.71 1.97 19.72
CA ASN A 330 -26.03 1.39 19.81
C ASN A 330 -26.88 1.92 18.65
N ILE A 331 -27.94 1.18 18.32
CA ILE A 331 -28.84 1.62 17.26
C ILE A 331 -29.66 2.81 17.73
N TYR A 332 -30.23 2.71 18.93
CA TYR A 332 -31.14 3.73 19.43
C TYR A 332 -30.42 5.04 19.69
N ASP A 333 -29.29 4.98 20.41
CA ASP A 333 -28.55 6.20 20.74
C ASP A 333 -28.05 6.90 19.48
N GLY A 334 -27.45 6.14 18.57
CA GLY A 334 -26.85 6.76 17.38
C GLY A 334 -27.85 7.24 16.36
N LEU A 335 -28.95 6.50 16.17
CA LEU A 335 -29.96 6.96 15.24
C LEU A 335 -30.83 8.07 15.83
N GLN A 336 -31.04 8.06 17.15
CA GLN A 336 -31.76 9.15 17.79
C GLN A 336 -30.95 10.44 17.77
N GLU A 337 -29.63 10.33 17.99
CA GLU A 337 -28.79 11.53 17.93
C GLU A 337 -28.63 12.01 16.49
N LYS A 338 -28.43 11.09 15.55
CA LYS A 338 -28.21 11.49 14.17
C LYS A 338 -29.48 12.12 13.58
N LEU A 339 -30.65 11.57 13.91
CA LEU A 339 -31.89 12.13 13.40
C LEU A 339 -32.40 13.30 14.23
N GLY A 340 -31.99 13.41 15.49
CA GLY A 340 -32.44 14.50 16.33
C GLY A 340 -33.87 14.39 16.81
N ILE A 341 -34.34 13.17 17.06
CA ILE A 341 -35.66 12.91 17.61
C ILE A 341 -35.53 11.74 18.58
N GLN A 342 -36.55 11.54 19.40
CA GLN A 342 -36.56 10.46 20.37
C GLN A 342 -37.51 9.36 19.90
N PHE A 343 -37.05 8.12 19.94
CA PHE A 343 -37.86 7.02 19.46
C PHE A 343 -38.68 6.44 20.60
N PRO A 344 -39.75 5.72 20.28
CA PRO A 344 -40.47 4.99 21.31
C PRO A 344 -39.70 3.75 21.72
N PRO A 345 -39.92 3.23 22.93
CA PRO A 345 -39.28 1.96 23.30
C PRO A 345 -39.62 0.84 22.33
N ALA A 346 -39.05 -0.33 22.55
CA ALA A 346 -39.18 -1.43 21.61
C ALA A 346 -40.61 -1.97 21.60
N ASP A 347 -41.38 -1.52 20.63
CA ASP A 347 -42.77 -1.93 20.48
C ASP A 347 -43.04 -2.65 19.15
N THR A 348 -43.62 -3.84 19.28
CA THR A 348 -44.01 -4.69 18.15
C THR A 348 -45.20 -4.12 17.40
N LEU A 349 -45.97 -3.29 18.08
CA LEU A 349 -47.23 -2.74 17.57
C LEU A 349 -47.14 -1.83 16.35
N ASP A 350 -48.28 -1.75 15.67
CA ASP A 350 -48.49 -0.96 14.46
C ASP A 350 -48.28 0.53 14.66
N THR A 351 -48.57 1.02 15.86
CA THR A 351 -48.42 2.42 16.18
C THR A 351 -47.00 2.91 16.02
N ASP A 352 -45.98 2.13 16.39
CA ASP A 352 -44.63 2.68 16.23
C ASP A 352 -44.19 2.81 14.78
N GLU A 353 -44.81 2.07 13.86
CA GLU A 353 -44.40 2.12 12.45
C GLU A 353 -44.73 3.47 11.82
N ALA A 354 -45.87 4.06 12.20
CA ALA A 354 -46.21 5.40 11.72
C ALA A 354 -45.12 6.40 12.07
N ASN A 355 -44.59 6.31 13.29
CA ASN A 355 -43.45 7.15 13.64
C ASN A 355 -42.24 6.79 12.81
N LYS A 356 -42.04 5.50 12.56
CA LYS A 356 -40.88 4.98 11.83
C LYS A 356 -40.86 5.36 10.35
N PHE A 357 -41.96 5.85 9.78
CA PHE A 357 -41.93 6.24 8.37
C PHE A 357 -40.80 7.21 8.04
N PHE A 358 -40.83 8.41 8.61
CA PHE A 358 -39.81 9.44 8.33
C PHE A 358 -39.71 9.77 6.84
N ASP A 359 -40.85 10.07 6.22
CA ASP A 359 -40.84 10.38 4.78
C ASP A 359 -40.09 11.68 4.50
N LYS A 360 -40.15 12.66 5.40
CA LYS A 360 -39.45 13.92 5.20
C LYS A 360 -37.94 13.69 5.10
N LEU A 361 -37.42 12.76 5.91
CA LEU A 361 -35.99 12.44 5.83
C LEU A 361 -35.61 11.83 4.48
N ALA A 362 -36.59 11.28 3.75
CA ALA A 362 -36.41 10.79 2.39
C ALA A 362 -35.34 9.70 2.29
N VAL A 363 -35.20 8.90 3.36
CA VAL A 363 -34.27 7.77 3.30
C VAL A 363 -34.76 6.74 2.29
N GLU A 364 -36.06 6.45 2.32
CA GLU A 364 -36.70 5.54 1.37
C GLU A 364 -36.01 4.17 1.34
N ALA A 371 -40.31 -1.11 -1.75
CA ALA A 371 -40.74 -2.44 -1.32
C ALA A 371 -41.66 -2.30 -0.10
N PRO A 372 -42.20 -3.42 0.39
CA PRO A 372 -42.96 -3.36 1.64
C PRO A 372 -42.17 -2.70 2.75
N ARG A 373 -42.79 -1.72 3.40
CA ARG A 373 -42.17 -0.96 4.47
C ARG A 373 -42.83 -1.28 5.80
N THR A 374 -42.10 -1.96 6.69
CA THR A 374 -42.51 -2.23 8.05
C THR A 374 -41.47 -1.62 8.97
N THR A 375 -41.76 -1.64 10.28
CA THR A 375 -40.86 -1.00 11.25
C THR A 375 -39.43 -1.52 11.10
N ALA A 376 -39.28 -2.81 10.79
CA ALA A 376 -37.95 -3.39 10.68
C ALA A 376 -37.27 -2.96 9.38
N ARG A 377 -37.98 -2.98 8.25
CA ARG A 377 -37.37 -2.58 7.00
C ARG A 377 -37.11 -1.08 6.96
N LEU A 378 -38.03 -0.29 7.50
CA LEU A 378 -37.81 1.15 7.63
C LEU A 378 -36.60 1.42 8.49
N LEU A 379 -36.53 0.76 9.66
CA LEU A 379 -35.38 0.94 10.54
C LEU A 379 -34.08 0.56 9.84
N ASP A 380 -34.10 -0.51 9.05
CA ASP A 380 -32.88 -0.94 8.36
C ASP A 380 -32.45 0.07 7.31
N LYS A 381 -33.40 0.67 6.59
CA LYS A 381 -33.02 1.65 5.59
C LYS A 381 -32.53 2.93 6.26
N LEU A 382 -33.10 3.28 7.40
CA LEU A 382 -32.64 4.45 8.16
C LEU A 382 -31.21 4.26 8.66
N ILE A 383 -30.93 3.10 9.26
CA ILE A 383 -29.56 2.74 9.61
C ILE A 383 -28.65 2.83 8.39
N GLY A 384 -29.13 2.31 7.27
CA GLY A 384 -28.29 2.26 6.07
C GLY A 384 -27.91 3.63 5.55
N GLU A 385 -28.84 4.58 5.60
CA GLU A 385 -28.54 5.91 5.08
C GLU A 385 -27.81 6.78 6.10
N PHE A 386 -28.34 6.90 7.31
CA PHE A 386 -27.79 7.87 8.25
C PHE A 386 -26.66 7.32 9.10
N LEU A 387 -26.84 6.15 9.71
CA LEU A 387 -25.89 5.66 10.70
C LEU A 387 -24.69 4.95 10.08
N GLU A 388 -24.90 4.16 9.03
CA GLU A 388 -23.88 3.27 8.51
C GLU A 388 -22.69 3.96 7.82
N PRO A 389 -22.90 4.96 6.96
CA PRO A 389 -21.74 5.54 6.26
C PRO A 389 -20.69 6.17 7.17
N THR A 390 -21.01 6.43 8.43
CA THR A 390 -20.03 6.97 9.36
C THR A 390 -18.94 5.97 9.73
N PHE A 391 -19.10 4.70 9.37
CA PHE A 391 -18.22 3.63 9.81
C PHE A 391 -17.11 3.41 8.79
N ILE A 392 -15.88 3.79 9.15
CA ILE A 392 -14.72 3.50 8.32
C ILE A 392 -13.81 2.53 9.05
N SER A 393 -13.30 2.96 10.22
CA SER A 393 -12.68 2.02 11.13
C SER A 393 -13.71 0.96 11.56
N PRO A 394 -13.26 -0.27 11.82
CA PRO A 394 -14.21 -1.30 12.24
C PRO A 394 -15.03 -0.84 13.44
N THR A 395 -16.35 -1.02 13.35
CA THR A 395 -17.25 -0.50 14.36
C THR A 395 -18.29 -1.55 14.69
N PHE A 396 -18.53 -1.74 15.99
CA PHE A 396 -19.57 -2.63 16.48
C PHE A 396 -20.88 -1.86 16.56
N LEU A 397 -21.92 -2.39 15.92
CA LEU A 397 -23.25 -1.81 15.95
C LEU A 397 -24.15 -2.77 16.70
N THR A 398 -24.60 -2.38 17.88
CA THR A 398 -25.14 -3.28 18.89
C THR A 398 -26.61 -2.99 19.17
N GLY A 399 -27.29 -4.00 19.71
CA GLY A 399 -28.64 -3.87 20.22
C GLY A 399 -29.73 -3.62 19.21
N HIS A 400 -29.85 -4.51 18.22
CA HIS A 400 -30.95 -4.42 17.28
C HIS A 400 -32.26 -4.84 17.97
N PRO A 401 -33.39 -4.35 17.47
CA PRO A 401 -34.69 -4.76 18.02
C PRO A 401 -34.95 -6.25 17.81
N GLN A 402 -35.95 -6.76 18.53
CA GLN A 402 -36.36 -8.15 18.38
C GLN A 402 -37.12 -8.39 17.08
N ILE A 403 -37.61 -7.33 16.44
CA ILE A 403 -38.37 -7.50 15.22
C ILE A 403 -37.46 -7.81 14.02
N MET A 404 -36.19 -7.42 14.09
CA MET A 404 -35.23 -7.73 13.03
C MET A 404 -34.25 -8.83 13.42
N SER A 405 -34.37 -9.40 14.61
CA SER A 405 -33.40 -10.37 15.12
C SER A 405 -34.14 -11.50 15.82
N PRO A 406 -34.72 -12.43 15.05
CA PRO A 406 -35.53 -13.49 15.67
C PRO A 406 -34.69 -14.53 16.40
N LEU A 407 -33.46 -14.79 15.96
CA LEU A 407 -32.65 -15.87 16.51
C LEU A 407 -31.66 -15.38 17.56
N ALA A 408 -31.69 -14.11 17.91
CA ALA A 408 -30.83 -13.56 18.96
C ALA A 408 -31.62 -13.51 20.26
N LYS A 409 -30.93 -13.81 21.36
CA LYS A 409 -31.60 -13.75 22.65
C LYS A 409 -31.91 -12.30 23.02
N TRP A 410 -32.94 -12.13 23.84
CA TRP A 410 -33.34 -10.81 24.28
C TRP A 410 -32.23 -10.19 25.13
N HIS A 411 -32.22 -8.86 25.20
CA HIS A 411 -31.21 -8.17 25.96
C HIS A 411 -31.46 -8.35 27.45
N ARG A 412 -30.40 -8.64 28.20
CA ARG A 412 -30.52 -8.90 29.64
C ARG A 412 -30.89 -7.64 30.42
N SER A 413 -30.67 -6.46 29.85
CA SER A 413 -30.95 -5.21 30.53
C SER A 413 -32.03 -4.39 29.82
N ILE A 414 -31.77 -3.95 28.60
CA ILE A 414 -32.68 -3.08 27.86
C ILE A 414 -33.72 -3.96 27.17
N PRO A 415 -34.98 -3.93 27.59
CA PRO A 415 -35.98 -4.87 27.02
C PRO A 415 -36.25 -4.63 25.54
N GLY A 416 -37.04 -5.52 24.95
CA GLY A 416 -37.41 -5.46 23.55
C GLY A 416 -36.25 -5.34 22.58
N LEU A 417 -35.04 -5.56 23.09
CA LEU A 417 -33.82 -5.49 22.31
C LEU A 417 -33.14 -6.85 22.37
N THR A 418 -32.19 -7.05 21.45
CA THR A 418 -31.48 -8.31 21.37
C THR A 418 -30.01 -8.09 21.63
N GLU A 419 -29.32 -9.20 21.92
CA GLU A 419 -27.90 -9.18 22.19
C GLU A 419 -27.09 -9.32 20.91
N ARG A 420 -27.73 -9.22 19.76
CA ARG A 420 -27.07 -9.21 18.47
C ARG A 420 -26.17 -7.99 18.32
N PHE A 421 -25.09 -8.15 17.55
CA PHE A 421 -24.31 -7.02 17.08
C PHE A 421 -23.80 -7.33 15.68
N GLU A 422 -23.58 -6.27 14.90
CA GLU A 422 -23.00 -6.33 13.57
C GLU A 422 -21.66 -5.61 13.61
N LEU A 423 -20.79 -5.90 12.65
CA LEU A 423 -19.51 -5.22 12.54
C LEU A 423 -19.37 -4.63 11.14
N PHE A 424 -19.19 -3.31 11.08
CA PHE A 424 -19.05 -2.61 9.82
C PHE A 424 -17.62 -2.12 9.65
N VAL A 425 -17.09 -2.33 8.45
CA VAL A 425 -15.82 -1.75 8.02
C VAL A 425 -16.05 -1.20 6.63
N VAL A 426 -15.47 -0.02 6.35
CA VAL A 426 -15.65 0.73 5.11
C VAL A 426 -17.10 0.64 4.64
N THR A 427 -18.02 1.04 5.54
CA THR A 427 -19.46 1.18 5.32
C THR A 427 -20.14 -0.12 4.89
N LYS A 428 -19.53 -1.27 5.15
CA LYS A 428 -20.12 -2.56 4.80
C LYS A 428 -20.06 -3.53 5.96
N GLU A 429 -21.03 -4.43 5.99
CA GLU A 429 -21.24 -5.40 7.07
C GLU A 429 -20.43 -6.66 6.77
N ILE A 430 -19.44 -6.97 7.61
CA ILE A 430 -18.61 -8.14 7.35
C ILE A 430 -18.79 -9.29 8.33
N VAL A 431 -19.32 -9.06 9.54
CA VAL A 431 -19.53 -10.13 10.50
C VAL A 431 -20.80 -9.81 11.28
N ASN A 432 -21.51 -10.86 11.68
CA ASN A 432 -22.72 -10.77 12.48
C ASN A 432 -22.71 -11.85 13.54
N ALA A 433 -22.91 -11.45 14.79
CA ALA A 433 -22.88 -12.38 15.91
C ALA A 433 -23.99 -12.02 16.89
N TYR A 434 -24.35 -12.99 17.71
CA TYR A 434 -25.34 -12.75 18.77
C TYR A 434 -25.28 -13.87 19.79
N THR A 435 -26.00 -13.66 20.88
CA THR A 435 -26.25 -14.70 21.86
C THR A 435 -27.52 -15.44 21.43
N GLU A 436 -27.35 -16.73 21.09
CA GLU A 436 -28.42 -17.46 20.42
C GLU A 436 -29.63 -17.58 21.33
N LEU A 437 -30.81 -17.60 20.72
CA LEU A 437 -32.04 -17.66 21.49
C LEU A 437 -32.12 -19.01 22.19
N ASN A 438 -32.15 -18.97 23.53
CA ASN A 438 -32.11 -20.17 24.34
C ASN A 438 -33.50 -20.64 24.76
N ASP A 439 -34.54 -19.92 24.37
CA ASP A 439 -35.89 -20.25 24.81
C ASP A 439 -36.62 -20.97 23.70
N PRO A 440 -37.09 -22.21 23.90
CA PRO A 440 -37.92 -22.85 22.88
C PRO A 440 -39.26 -22.19 22.67
N LEU A 441 -39.55 -21.12 23.41
CA LEU A 441 -40.67 -20.24 23.09
C LEU A 441 -40.06 -19.13 22.25
N THR A 442 -39.88 -19.47 20.98
CA THR A 442 -39.30 -18.59 19.99
C THR A 442 -40.43 -18.06 19.16
N GLN A 443 -40.65 -16.76 19.21
CA GLN A 443 -41.72 -16.17 18.43
C GLN A 443 -41.11 -15.78 17.11
N ARG A 444 -41.40 -16.58 16.11
CA ARG A 444 -40.91 -16.40 14.75
C ARG A 444 -41.99 -15.85 13.84
N LEU A 445 -43.10 -15.39 14.40
CA LEU A 445 -44.17 -14.88 13.59
C LEU A 445 -43.69 -13.71 12.75
N ARG A 446 -43.96 -13.81 11.46
CA ARG A 446 -43.60 -12.80 10.48
C ARG A 446 -44.82 -12.56 9.63
N PHE A 447 -45.06 -11.30 9.26
CA PHE A 447 -46.23 -10.97 8.48
C PHE A 447 -45.87 -10.13 7.26
N ASP A 448 -46.72 -10.21 6.24
CA ASP A 448 -46.54 -9.44 5.01
C ASP A 448 -47.84 -9.39 4.23
N GLU A 466 -41.62 -27.72 14.02
CA GLU A 466 -40.57 -28.03 13.05
C GLU A 466 -39.43 -28.77 13.77
N ASN A 467 -38.50 -29.32 12.97
CA ASN A 467 -37.42 -30.13 13.51
C ASN A 467 -36.42 -29.32 14.34
N TYR A 468 -36.39 -27.99 14.16
CA TYR A 468 -35.45 -27.16 14.93
C TYR A 468 -35.97 -26.84 16.33
N CYS A 469 -37.19 -26.31 16.42
CA CYS A 469 -37.74 -25.93 17.72
C CYS A 469 -37.83 -27.12 18.67
N THR A 470 -38.15 -28.31 18.13
CA THR A 470 -38.15 -29.51 18.95
C THR A 470 -36.74 -29.89 19.40
N ALA A 471 -35.71 -29.46 18.68
CA ALA A 471 -34.34 -29.66 19.13
C ALA A 471 -33.98 -28.75 20.29
N LEU A 472 -34.52 -27.53 20.31
CA LEU A 472 -34.25 -26.61 21.41
C LEU A 472 -34.86 -27.11 22.71
N GLU A 473 -35.89 -27.95 22.65
CA GLU A 473 -36.51 -28.48 23.85
C GLU A 473 -35.57 -29.42 24.59
N TYR A 474 -34.71 -30.13 23.87
CA TYR A 474 -33.68 -30.92 24.53
C TYR A 474 -32.61 -30.03 25.14
N GLY A 475 -32.58 -28.77 24.75
CA GLY A 475 -31.74 -27.79 25.41
C GLY A 475 -30.52 -27.40 24.61
N LEU A 476 -30.29 -26.09 24.56
CA LEU A 476 -29.10 -25.53 23.92
C LEU A 476 -28.40 -24.76 25.02
N PRO A 477 -27.15 -25.08 25.34
CA PRO A 477 -26.45 -24.34 26.40
C PRO A 477 -26.35 -22.87 26.05
N PRO A 478 -26.17 -21.99 27.04
CA PRO A 478 -25.98 -20.58 26.70
C PRO A 478 -24.82 -20.44 25.71
N THR A 479 -25.10 -19.89 24.55
CA THR A 479 -24.17 -19.99 23.43
C THR A 479 -24.12 -18.68 22.65
N ALA A 480 -23.01 -18.49 21.96
CA ALA A 480 -22.75 -17.33 21.13
C ALA A 480 -22.44 -17.77 19.72
N GLY A 481 -23.24 -17.29 18.76
CA GLY A 481 -23.01 -17.55 17.35
C GLY A 481 -22.37 -16.38 16.62
N TRP A 482 -21.63 -16.70 15.56
CA TRP A 482 -20.78 -15.76 14.84
C TRP A 482 -20.73 -16.15 13.37
N GLY A 483 -20.70 -15.16 12.49
CA GLY A 483 -20.64 -15.39 11.06
C GLY A 483 -19.97 -14.24 10.37
N MET A 484 -19.37 -14.52 9.21
CA MET A 484 -18.60 -13.51 8.49
C MET A 484 -18.61 -13.81 7.00
N GLY A 485 -18.80 -12.77 6.20
CA GLY A 485 -18.57 -12.86 4.77
C GLY A 485 -17.09 -12.93 4.46
N ILE A 486 -16.64 -14.02 3.85
CA ILE A 486 -15.22 -14.16 3.53
C ILE A 486 -14.86 -13.26 2.34
N ASP A 487 -15.75 -13.21 1.35
CA ASP A 487 -15.48 -12.41 0.15
C ASP A 487 -15.31 -10.93 0.47
N ARG A 488 -15.98 -10.44 1.52
CA ARG A 488 -15.91 -9.02 1.85
C ARG A 488 -14.63 -8.67 2.62
N LEU A 489 -14.22 -9.51 3.57
CA LEU A 489 -12.92 -9.31 4.18
C LEU A 489 -11.82 -9.44 3.14
N ALA A 490 -12.03 -10.30 2.15
CA ALA A 490 -11.11 -10.36 1.01
C ALA A 490 -11.14 -9.07 0.21
N MET A 491 -12.33 -8.47 0.05
CA MET A 491 -12.43 -7.17 -0.60
C MET A 491 -11.58 -6.13 0.13
N ILE A 492 -11.70 -6.07 1.46
CA ILE A 492 -10.93 -5.11 2.24
C ILE A 492 -9.42 -5.37 2.08
N LEU A 493 -9.00 -6.61 2.34
CA LEU A 493 -7.59 -6.92 2.43
C LEU A 493 -6.91 -7.01 1.07
N THR A 494 -7.67 -7.12 -0.01
CA THR A 494 -7.15 -7.03 -1.36
C THR A 494 -7.17 -5.60 -1.87
N ASP A 495 -7.85 -4.71 -1.15
CA ASP A 495 -8.07 -3.32 -1.56
C ASP A 495 -8.74 -3.28 -2.93
N SER A 496 -9.87 -3.97 -3.03
CA SER A 496 -10.69 -4.01 -4.23
C SER A 496 -12.07 -3.46 -3.93
N ASN A 497 -12.54 -2.55 -4.79
CA ASN A 497 -13.87 -1.98 -4.67
C ASN A 497 -14.95 -2.92 -5.18
N ASN A 498 -14.56 -3.99 -5.87
CA ASN A 498 -15.48 -4.89 -6.54
C ASN A 498 -15.31 -6.30 -5.99
N ILE A 499 -16.42 -6.97 -5.69
CA ILE A 499 -16.36 -8.35 -5.22
C ILE A 499 -15.91 -9.28 -6.33
N LYS A 500 -16.12 -8.90 -7.60
CA LYS A 500 -15.68 -9.71 -8.71
C LYS A 500 -14.16 -9.80 -8.79
N GLU A 501 -13.45 -8.88 -8.14
CA GLU A 501 -11.98 -8.90 -8.17
C GLU A 501 -11.40 -9.90 -7.18
N VAL A 502 -12.16 -10.29 -6.16
CA VAL A 502 -11.72 -11.33 -5.23
C VAL A 502 -12.35 -12.69 -5.56
N LEU A 503 -13.15 -12.77 -6.61
CA LEU A 503 -13.80 -14.00 -7.06
C LEU A 503 -13.24 -14.43 -8.39
N PHE A 504 -12.92 -15.73 -8.51
CA PHE A 504 -12.36 -16.23 -9.77
C PHE A 504 -13.36 -16.11 -10.91
N PHE A 505 -14.58 -16.63 -10.75
CA PHE A 505 -15.57 -16.59 -11.82
C PHE A 505 -16.87 -16.01 -11.30
N PRO A 506 -16.98 -14.68 -11.28
CA PRO A 506 -18.22 -14.02 -10.84
C PRO A 506 -19.27 -13.98 -11.95
N ALA A 507 -20.36 -13.25 -11.72
CA ALA A 507 -21.43 -13.15 -12.71
C ALA A 507 -21.21 -11.95 -13.61
N GLN B 8 -25.62 24.84 -12.12
CA GLN B 8 -24.91 26.06 -12.50
C GLN B 8 -25.85 27.26 -12.47
N GLU B 9 -25.30 28.46 -12.74
CA GLU B 9 -25.98 29.73 -12.56
C GLU B 9 -26.41 29.97 -11.11
N TYR B 10 -25.96 29.10 -10.21
CA TYR B 10 -26.17 29.26 -8.77
C TYR B 10 -25.27 30.36 -8.23
N PHE B 11 -24.12 30.56 -8.89
CA PHE B 11 -23.20 31.61 -8.51
C PHE B 11 -23.82 32.99 -8.66
N LYS B 12 -24.67 33.19 -9.68
CA LYS B 12 -25.34 34.47 -9.85
C LYS B 12 -26.26 34.74 -8.66
N LEU B 13 -27.00 33.73 -8.20
CA LEU B 13 -27.90 33.92 -7.07
C LEU B 13 -27.12 34.23 -5.80
N ARG B 14 -26.04 33.49 -5.54
CA ARG B 14 -25.34 33.72 -4.28
C ARG B 14 -24.53 35.01 -4.28
N THR B 15 -23.98 35.40 -5.43
CA THR B 15 -23.34 36.71 -5.51
C THR B 15 -24.38 37.82 -5.38
N ALA B 16 -25.61 37.57 -5.83
CA ALA B 16 -26.69 38.51 -5.59
C ALA B 16 -26.98 38.65 -4.11
N LEU B 17 -27.12 37.52 -3.40
CA LEU B 17 -27.42 37.58 -1.97
C LEU B 17 -26.30 38.23 -1.17
N ILE B 18 -25.03 37.91 -1.51
CA ILE B 18 -23.92 38.46 -0.74
C ILE B 18 -23.75 39.96 -1.04
N ASN B 19 -23.85 40.34 -2.32
CA ASN B 19 -23.70 41.75 -2.66
C ASN B 19 -24.86 42.58 -2.12
N GLU B 20 -26.04 42.00 -2.22
CA GLU B 20 -27.28 42.62 -1.76
C GLU B 20 -27.17 42.79 -0.26
N ARG B 21 -26.56 41.83 0.41
CA ARG B 21 -26.36 41.91 1.85
C ARG B 21 -25.44 43.08 2.17
N ARG B 22 -24.47 43.30 1.31
CA ARG B 22 -23.49 44.38 1.43
C ARG B 22 -24.14 45.75 1.35
N SER B 23 -25.18 45.86 0.53
CA SER B 23 -25.92 47.10 0.35
C SER B 23 -26.59 47.55 1.64
N LYS B 24 -27.09 46.60 2.43
CA LYS B 24 -27.75 46.89 3.68
C LYS B 24 -26.82 47.43 4.76
N GLY B 25 -25.51 47.37 4.53
CA GLY B 25 -24.57 47.83 5.52
C GLY B 25 -23.84 46.75 6.31
N ILE B 26 -24.02 45.48 5.95
CA ILE B 26 -23.31 44.39 6.60
C ILE B 26 -22.14 44.00 5.70
N ASN B 27 -21.02 43.61 6.31
CA ASN B 27 -19.84 43.31 5.54
C ASN B 27 -19.66 41.81 5.33
N PRO B 28 -19.87 41.28 4.13
CA PRO B 28 -19.49 39.89 3.87
C PRO B 28 -17.98 39.81 3.75
N TYR B 29 -17.46 38.61 3.94
CA TYR B 29 -16.03 38.37 4.06
C TYR B 29 -15.45 39.32 5.11
N PRO B 30 -15.68 39.05 6.40
CA PRO B 30 -15.19 39.91 7.48
C PRO B 30 -13.68 39.93 7.65
N HIS B 31 -13.21 40.61 8.68
CA HIS B 31 -11.81 40.99 8.84
C HIS B 31 -11.01 39.96 9.65
N LYS B 32 -11.41 39.73 10.89
CA LYS B 32 -10.63 38.90 11.80
C LYS B 32 -11.53 38.01 12.65
N PHE B 33 -11.23 36.71 12.68
CA PHE B 33 -11.85 35.78 13.61
C PHE B 33 -10.79 35.18 14.50
N HIS B 34 -11.04 35.18 15.81
CA HIS B 34 -10.09 34.67 16.79
C HIS B 34 -10.35 33.18 17.01
N VAL B 35 -9.40 32.34 16.60
CA VAL B 35 -9.48 30.91 16.79
C VAL B 35 -8.90 30.54 18.15
N SER B 36 -9.71 29.91 19.00
CA SER B 36 -9.25 29.53 20.33
C SER B 36 -8.30 28.33 20.28
N ILE B 37 -8.71 27.26 19.58
CA ILE B 37 -7.93 26.03 19.54
C ILE B 37 -7.96 25.46 18.13
N SER B 38 -6.86 24.80 17.75
CA SER B 38 -6.81 24.13 16.47
C SER B 38 -7.73 22.91 16.48
N LEU B 39 -8.27 22.58 15.31
CA LEU B 39 -9.22 21.47 15.19
C LEU B 39 -8.58 20.15 15.64
N ALA B 40 -7.39 19.85 15.14
CA ALA B 40 -6.65 18.67 15.55
C ALA B 40 -6.49 18.61 17.06
N ASP B 41 -5.97 19.69 17.62
CA ASP B 41 -5.76 19.76 19.06
C ASP B 41 -7.09 19.62 19.77
N PHE B 42 -8.13 20.20 19.21
CA PHE B 42 -9.45 20.13 19.82
C PHE B 42 -9.95 18.69 19.94
N ILE B 43 -9.79 17.91 18.88
CA ILE B 43 -10.22 16.52 18.97
C ILE B 43 -9.37 15.75 19.97
N ALA B 44 -8.06 16.00 19.95
CA ALA B 44 -7.14 15.33 20.87
C ALA B 44 -7.40 15.69 22.32
N LYS B 45 -7.62 16.98 22.58
CA LYS B 45 -7.88 17.46 23.92
C LYS B 45 -9.18 16.97 24.53
N TYR B 46 -10.24 16.96 23.71
CA TYR B 46 -11.55 16.56 24.19
C TYR B 46 -11.89 15.09 23.97
N ASN B 47 -10.94 14.34 23.43
CA ASN B 47 -11.15 12.91 23.19
C ASN B 47 -11.44 12.15 24.49
N SER B 48 -10.95 12.67 25.62
CA SER B 48 -11.11 12.03 26.92
C SER B 48 -12.47 12.30 27.56
N LEU B 49 -13.39 12.90 26.81
CA LEU B 49 -14.71 13.24 27.32
C LEU B 49 -15.61 12.04 27.60
N GLU B 50 -16.59 12.26 28.47
CA GLU B 50 -17.57 11.26 28.84
C GLU B 50 -18.58 11.03 27.71
N LYS B 51 -19.28 9.90 27.75
CA LYS B 51 -20.21 9.55 26.68
C LYS B 51 -21.36 10.52 26.43
N ASP B 52 -22.00 11.04 27.47
CA ASP B 52 -23.11 11.97 27.24
C ASP B 52 -22.97 13.25 28.03
N VAL B 53 -22.07 14.12 27.60
CA VAL B 53 -21.84 15.36 28.28
C VAL B 53 -21.82 16.53 27.33
N ILE B 54 -22.12 17.69 27.88
CA ILE B 54 -22.10 18.97 27.18
C ILE B 54 -21.43 19.93 28.14
N LEU B 55 -20.29 20.49 27.72
CA LEU B 55 -19.52 21.36 28.60
C LEU B 55 -19.98 22.79 28.40
N ASN B 56 -20.77 23.27 29.35
CA ASN B 56 -21.31 24.63 29.31
C ASN B 56 -20.35 25.63 29.93
N ASP B 57 -19.37 25.15 30.69
CA ASP B 57 -18.42 26.01 31.36
C ASP B 57 -17.21 26.35 30.51
N ILE B 58 -17.03 25.74 29.35
CA ILE B 58 -15.92 26.02 28.46
C ILE B 58 -16.47 26.47 27.11
N VAL B 59 -15.98 27.60 26.62
CA VAL B 59 -16.36 28.12 25.31
C VAL B 59 -15.08 28.29 24.50
N GLN B 60 -14.98 27.55 23.40
CA GLN B 60 -13.84 27.63 22.51
C GLN B 60 -14.31 27.96 21.10
N SER B 61 -13.41 28.53 20.31
CA SER B 61 -13.72 29.03 18.97
C SER B 61 -12.84 28.34 17.94
N VAL B 62 -13.47 27.55 17.07
CA VAL B 62 -12.79 26.84 16.00
C VAL B 62 -13.46 27.21 14.68
N ALA B 63 -12.68 27.18 13.60
CA ALA B 63 -13.17 27.63 12.31
C ALA B 63 -12.74 26.65 11.22
N GLY B 64 -13.53 26.61 10.16
CA GLY B 64 -13.22 25.71 9.07
C GLY B 64 -14.20 25.87 7.92
N ARG B 65 -14.11 24.94 6.97
CA ARG B 65 -14.97 24.96 5.79
C ARG B 65 -16.07 23.92 5.92
N VAL B 66 -17.30 24.34 5.59
CA VAL B 66 -18.46 23.45 5.66
C VAL B 66 -18.42 22.53 4.45
N PHE B 67 -18.24 21.23 4.70
CA PHE B 67 -18.17 20.24 3.63
C PHE B 67 -19.55 19.74 3.20
N SER B 68 -20.42 19.45 4.17
CA SER B 68 -21.77 19.00 3.88
C SER B 68 -22.68 19.46 4.99
N LYS B 69 -23.91 19.85 4.63
CA LYS B 69 -24.89 20.32 5.60
C LYS B 69 -26.19 19.54 5.45
N ARG B 70 -26.63 18.91 6.54
CA ARG B 70 -27.91 18.21 6.57
C ARG B 70 -28.72 18.74 7.74
N GLU B 71 -29.90 19.27 7.45
CA GLU B 71 -30.79 19.80 8.48
C GLU B 71 -31.81 18.75 8.87
N SER B 72 -31.94 18.52 10.17
CA SER B 72 -32.90 17.55 10.69
C SER B 72 -34.05 18.24 11.41
CA LYS B 75 -34.88 21.98 14.63
C LYS B 75 -33.44 21.68 15.00
N LEU B 76 -32.75 20.95 14.12
CA LEU B 76 -31.38 20.50 14.38
C LEU B 76 -30.64 20.60 13.06
N ILE B 77 -29.41 21.10 13.05
CA ILE B 77 -28.65 21.21 11.81
C ILE B 77 -27.24 20.69 12.00
N PHE B 78 -26.77 19.86 11.06
CA PHE B 78 -25.47 19.21 11.14
C PHE B 78 -24.53 19.79 10.09
N TYR B 79 -23.39 20.29 10.54
CA TYR B 79 -22.32 20.74 9.65
C TYR B 79 -21.10 19.86 9.88
N ASP B 80 -20.47 19.41 8.80
CA ASP B 80 -19.19 18.72 8.90
C ASP B 80 -18.08 19.69 8.51
N LEU B 81 -17.21 20.01 9.47
CA LEU B 81 -16.27 21.11 9.36
C LEU B 81 -14.88 20.56 9.09
N HIS B 82 -14.32 20.93 7.93
CA HIS B 82 -12.98 20.51 7.55
C HIS B 82 -11.99 21.61 7.87
N GLY B 83 -10.99 21.27 8.68
CA GLY B 83 -9.85 22.13 8.97
C GLY B 83 -8.59 21.30 8.94
N GLU B 84 -7.61 21.66 8.12
CA GLU B 84 -6.43 20.83 8.07
C GLU B 84 -6.86 19.45 7.59
N GLY B 85 -6.16 18.42 8.02
CA GLY B 85 -6.51 17.06 7.66
C GLY B 85 -7.83 16.57 8.22
N THR B 86 -8.07 16.96 9.47
CA THR B 86 -9.23 16.56 10.28
C THR B 86 -10.60 17.18 9.97
N ARG B 87 -11.62 16.59 10.58
CA ARG B 87 -13.01 17.00 10.46
C ARG B 87 -13.62 17.14 11.86
N LEU B 88 -14.74 17.85 11.98
CA LEU B 88 -15.36 18.01 13.29
C LEU B 88 -16.84 18.30 13.08
N GLN B 89 -17.67 17.74 13.96
CA GLN B 89 -19.12 17.86 13.81
C GLN B 89 -19.60 19.12 14.53
N VAL B 90 -20.07 20.09 13.76
CA VAL B 90 -20.71 21.28 14.31
C VAL B 90 -22.21 20.99 14.38
N LEU B 91 -22.73 20.91 15.61
CA LEU B 91 -24.13 20.57 15.85
C LEU B 91 -24.90 21.83 16.28
N ALA B 92 -25.76 22.32 15.40
CA ALA B 92 -26.56 23.51 15.66
C ALA B 92 -27.89 23.07 16.27
N ASN B 93 -28.06 23.35 17.57
CA ASN B 93 -29.29 23.12 18.31
C ASN B 93 -29.90 24.46 18.67
N ALA B 94 -31.24 24.55 18.58
CA ALA B 94 -31.91 25.83 18.81
C ALA B 94 -31.89 26.26 20.27
N ARG B 95 -31.76 25.31 21.21
CA ARG B 95 -31.70 25.67 22.62
C ARG B 95 -30.39 26.37 22.96
N PHE B 96 -29.36 26.11 22.17
CA PHE B 96 -28.06 26.71 22.41
C PHE B 96 -27.77 27.97 21.61
N HIS B 97 -28.72 28.42 20.82
CA HIS B 97 -28.49 29.63 20.07
C HIS B 97 -28.47 30.70 21.12
N SER B 98 -27.44 31.54 21.12
CA SER B 98 -27.37 32.60 22.10
C SER B 98 -27.40 33.98 21.50
N GLY B 99 -27.81 34.07 20.24
CA GLY B 99 -27.81 35.35 19.58
C GLY B 99 -29.15 35.78 19.04
N ASP B 100 -29.34 37.09 18.92
CA ASP B 100 -30.60 37.60 18.38
C ASP B 100 -30.65 37.66 16.85
N GLU B 101 -30.57 36.48 16.25
CA GLU B 101 -30.65 36.27 14.81
C GLU B 101 -31.48 35.00 14.64
N ALA B 102 -32.30 34.94 13.60
CA ALA B 102 -33.14 33.77 13.43
C ALA B 102 -32.34 32.49 13.23
N PHE B 103 -32.75 31.43 13.93
CA PHE B 103 -32.15 30.13 13.78
C PHE B 103 -32.39 29.75 12.36
N ASP B 104 -33.57 30.07 11.86
CA ASP B 104 -33.82 29.79 10.45
C ASP B 104 -33.08 30.74 9.53
N ASN B 105 -33.26 32.06 9.73
CA ASN B 105 -32.62 33.04 8.87
C ASN B 105 -31.10 32.92 8.91
N LEU B 106 -30.53 32.51 10.04
CA LEU B 106 -29.09 32.42 10.14
C LEU B 106 -28.52 31.30 9.27
N HIS B 107 -29.11 30.11 9.37
CA HIS B 107 -28.50 28.93 8.77
C HIS B 107 -28.87 28.70 7.31
N ASP B 108 -29.83 29.45 6.76
CA ASP B 108 -29.96 29.50 5.31
C ASP B 108 -28.94 30.46 4.70
N ARG B 109 -28.35 31.32 5.53
CA ARG B 109 -27.33 32.24 5.07
C ARG B 109 -25.99 31.53 4.89
N ILE B 110 -25.74 30.49 5.69
CA ILE B 110 -24.53 29.70 5.57
C ILE B 110 -24.92 28.37 4.91
N LYS B 111 -24.46 28.17 3.69
CA LYS B 111 -24.69 26.93 2.95
C LYS B 111 -23.36 26.20 2.77
N ARG B 112 -23.42 25.09 2.05
CA ARG B 112 -22.24 24.26 1.84
C ARG B 112 -21.16 25.01 1.05
N GLY B 113 -19.91 24.78 1.43
CA GLY B 113 -18.76 25.45 0.85
C GLY B 113 -18.31 26.69 1.59
N ASP B 114 -19.19 27.30 2.39
CA ASP B 114 -18.85 28.52 3.10
C ASP B 114 -17.84 28.27 4.21
N ILE B 115 -16.94 29.23 4.42
CA ILE B 115 -15.97 29.18 5.50
C ILE B 115 -16.56 29.92 6.71
N ILE B 116 -16.68 29.21 7.83
CA ILE B 116 -17.33 29.75 9.02
C ILE B 116 -16.40 29.63 10.22
N GLY B 117 -16.57 30.58 11.15
CA GLY B 117 -16.05 30.45 12.49
C GLY B 117 -17.15 30.01 13.42
N VAL B 118 -16.75 29.44 14.56
CA VAL B 118 -17.68 28.86 15.52
C VAL B 118 -17.20 29.18 16.92
N ASN B 119 -18.08 29.78 17.72
CA ASN B 119 -17.90 29.93 19.16
C ASN B 119 -18.87 28.98 19.83
N GLY B 120 -18.36 27.99 20.57
CA GLY B 120 -19.27 26.99 21.05
C GLY B 120 -18.67 26.11 22.14
N TYR B 121 -19.49 25.15 22.56
CA TYR B 121 -19.22 24.25 23.67
C TYR B 121 -18.77 22.89 23.17
N PRO B 122 -17.64 22.38 23.65
CA PRO B 122 -17.27 20.99 23.35
C PRO B 122 -18.24 20.01 23.99
N ALA B 123 -18.69 19.03 23.20
CA ALA B 123 -19.61 18.03 23.72
C ALA B 123 -19.39 16.70 23.03
N ARG B 124 -19.76 15.62 23.72
CA ARG B 124 -19.72 14.28 23.15
C ARG B 124 -21.09 13.64 23.36
N SER B 125 -21.78 13.35 22.27
CA SER B 125 -23.13 12.81 22.38
C SER B 125 -23.09 11.37 22.90
N LYS B 126 -24.28 10.82 23.14
CA LYS B 126 -24.38 9.46 23.66
C LYS B 126 -23.77 8.46 22.67
N SER B 127 -23.98 8.66 21.38
CA SER B 127 -23.42 7.76 20.38
C SER B 127 -21.90 7.81 20.32
N GLY B 128 -21.27 8.75 21.01
CA GLY B 128 -19.84 8.86 21.06
C GLY B 128 -19.23 9.81 20.06
N GLU B 129 -19.98 10.26 19.06
CA GLU B 129 -19.42 11.16 18.06
C GLU B 129 -19.15 12.52 18.70
N LEU B 130 -17.90 12.95 18.64
CA LEU B 130 -17.51 14.24 19.21
C LEU B 130 -18.04 15.39 18.35
N SER B 131 -18.57 16.42 19.02
CA SER B 131 -19.25 17.50 18.34
C SER B 131 -19.06 18.78 19.13
N ILE B 132 -19.29 19.91 18.48
CA ILE B 132 -19.27 21.23 19.12
C ILE B 132 -20.60 21.91 18.89
N ILE B 133 -21.16 22.50 19.94
CA ILE B 133 -22.45 23.17 19.83
C ILE B 133 -22.20 24.68 19.85
N PRO B 134 -22.34 25.36 18.72
CA PRO B 134 -22.11 26.82 18.70
C PRO B 134 -23.30 27.59 19.25
N TYR B 135 -23.00 28.64 20.02
CA TYR B 135 -24.03 29.62 20.35
C TYR B 135 -24.11 30.73 19.31
N GLU B 136 -23.08 30.88 18.48
CA GLU B 136 -23.07 31.88 17.43
C GLU B 136 -22.17 31.38 16.30
N ILE B 137 -22.57 31.63 15.07
CA ILE B 137 -21.76 31.29 13.90
C ILE B 137 -21.67 32.53 13.03
N ILE B 138 -20.45 32.96 12.73
CA ILE B 138 -20.21 34.16 11.93
C ILE B 138 -19.50 33.72 10.65
N GLN B 139 -20.10 34.05 9.51
CA GLN B 139 -19.64 33.60 8.20
C GLN B 139 -18.42 34.40 7.76
N LEU B 140 -17.26 33.75 7.74
CA LEU B 140 -16.02 34.43 7.39
C LEU B 140 -15.84 34.57 5.89
N THR B 141 -16.26 33.56 5.12
CA THR B 141 -16.25 33.74 3.68
C THR B 141 -17.44 33.03 3.06
N PRO B 142 -18.16 33.69 2.15
CA PRO B 142 -19.16 32.98 1.36
C PRO B 142 -18.49 32.22 0.22
N CYS B 143 -19.06 31.07 -0.10
CA CYS B 143 -18.63 30.30 -1.26
C CYS B 143 -19.60 30.59 -2.39
N LEU B 144 -19.16 31.39 -3.35
CA LEU B 144 -20.06 31.87 -4.39
C LEU B 144 -20.33 30.82 -5.46
N HIS B 145 -19.66 29.67 -5.42
CA HIS B 145 -19.85 28.63 -6.40
C HIS B 145 -20.53 27.42 -5.78
N MET B 146 -20.87 26.47 -6.64
CA MET B 146 -21.53 25.24 -6.25
C MET B 146 -20.52 24.10 -6.28
N LEU B 147 -20.32 23.46 -5.14
CA LEU B 147 -19.37 22.35 -5.18
C LEU B 147 -20.03 21.12 -5.79
N PRO B 148 -19.27 20.28 -6.51
CA PRO B 148 -19.87 19.15 -7.23
C PRO B 148 -20.42 18.03 -6.33
N HIS B 149 -19.59 17.52 -5.42
CA HIS B 149 -19.93 16.33 -4.65
C HIS B 149 -20.23 15.14 -5.55
N THR B 150 -19.30 14.88 -6.47
CA THR B 150 -19.44 13.78 -7.42
C THR B 150 -18.08 13.44 -8.01
N GLN B 157 -10.36 14.87 -14.34
CA GLN B 157 -8.96 14.43 -14.30
C GLN B 157 -8.00 15.54 -14.70
N GLU B 158 -8.10 16.00 -15.94
CA GLU B 158 -7.26 17.08 -16.46
C GLU B 158 -7.52 18.36 -15.72
N THR B 159 -8.81 18.57 -15.46
CA THR B 159 -9.39 19.74 -14.82
C THR B 159 -8.93 19.99 -13.41
N ARG B 160 -8.71 18.94 -12.65
CA ARG B 160 -8.26 19.08 -11.28
C ARG B 160 -6.89 19.76 -11.22
N TYR B 161 -6.00 19.44 -12.16
CA TYR B 161 -4.69 20.04 -12.24
C TYR B 161 -4.72 21.56 -12.50
N ARG B 162 -5.58 22.06 -13.39
CA ARG B 162 -5.60 23.50 -13.57
C ARG B 162 -5.99 24.21 -12.27
N MET B 163 -7.10 23.80 -11.67
CA MET B 163 -7.56 24.33 -10.40
C MET B 163 -7.22 23.34 -9.29
N ARG B 164 -6.13 23.62 -8.56
CA ARG B 164 -5.68 22.71 -7.52
C ARG B 164 -6.41 22.94 -6.21
N TYR B 165 -6.84 24.18 -5.95
CA TYR B 165 -7.52 24.51 -4.70
C TYR B 165 -8.81 23.72 -4.54
N LEU B 166 -9.59 23.58 -5.62
CA LEU B 166 -10.85 22.85 -5.54
C LEU B 166 -10.59 21.37 -5.30
N ASP B 167 -9.53 20.84 -5.91
CA ASP B 167 -9.10 19.48 -5.62
C ASP B 167 -8.80 19.32 -4.14
N LEU B 168 -8.00 20.23 -3.57
CA LEU B 168 -7.66 20.14 -2.16
C LEU B 168 -8.89 20.28 -1.27
N ILE B 169 -9.93 20.96 -1.76
CA ILE B 169 -11.17 21.05 -1.00
C ILE B 169 -11.91 19.70 -1.02
N MET B 170 -12.13 19.15 -2.22
CA MET B 170 -12.94 17.94 -2.33
C MET B 170 -12.17 16.67 -1.97
N ASN B 171 -10.86 16.64 -2.23
CA ASN B 171 -10.04 15.44 -2.04
C ASN B 171 -8.97 15.76 -0.99
N PRO B 172 -9.32 15.71 0.29
CA PRO B 172 -8.36 16.14 1.34
C PRO B 172 -7.12 15.28 1.42
N ASP B 173 -7.11 14.08 0.83
CA ASP B 173 -5.97 13.18 0.92
C ASP B 173 -4.81 13.56 0.02
N VAL B 174 -5.05 14.38 -1.01
CA VAL B 174 -3.97 14.81 -1.89
C VAL B 174 -2.87 15.51 -1.11
N LYS B 175 -3.24 16.20 -0.02
CA LYS B 175 -2.26 16.89 0.83
C LYS B 175 -1.15 15.97 1.30
N ASN B 176 -1.44 14.68 1.50
CA ASN B 176 -0.47 13.78 2.13
C ASN B 176 0.75 13.55 1.26
N ARG B 177 0.57 13.47 -0.07
CA ARG B 177 1.71 13.33 -0.97
C ARG B 177 2.70 14.46 -0.78
N PHE B 178 2.19 15.69 -0.66
CA PHE B 178 3.04 16.86 -0.56
C PHE B 178 3.66 16.99 0.82
N VAL B 179 2.90 16.66 1.87
CA VAL B 179 3.47 16.59 3.21
C VAL B 179 4.65 15.62 3.20
N THR B 180 4.46 14.46 2.58
CA THR B 180 5.52 13.47 2.46
C THR B 180 6.71 14.02 1.69
N ARG B 181 6.45 14.76 0.60
CA ARG B 181 7.53 15.40 -0.14
C ARG B 181 8.32 16.33 0.77
N SER B 182 7.62 17.13 1.58
CA SER B 182 8.29 18.05 2.49
C SER B 182 9.17 17.31 3.48
N ARG B 183 8.62 16.28 4.13
CA ARG B 183 9.44 15.49 5.06
C ARG B 183 10.56 14.75 4.34
N MET B 184 10.41 14.50 3.04
CA MET B 184 11.47 13.86 2.27
C MET B 184 12.64 14.81 2.07
N ILE B 185 12.37 16.02 1.57
CA ILE B 185 13.45 17.00 1.41
C ILE B 185 14.07 17.31 2.77
N SER B 186 13.23 17.41 3.81
CA SER B 186 13.73 17.54 5.17
C SER B 186 14.74 16.44 5.52
N PHE B 187 14.39 15.18 5.24
CA PHE B 187 15.31 14.08 5.50
C PHE B 187 16.62 14.29 4.75
N LEU B 188 16.54 14.52 3.44
CA LEU B 188 17.74 14.72 2.62
C LEU B 188 18.60 15.84 3.19
N ARG B 189 17.96 16.96 3.58
CA ARG B 189 18.69 18.09 4.13
C ARG B 189 19.36 17.75 5.46
N ARG B 190 18.65 17.04 6.34
CA ARG B 190 19.25 16.67 7.63
C ARG B 190 20.34 15.63 7.47
N TYR B 191 20.31 14.88 6.36
CA TYR B 191 21.34 13.90 6.07
C TYR B 191 22.60 14.60 5.58
N LEU B 192 22.47 15.44 4.56
CA LEU B 192 23.61 16.20 4.08
C LEU B 192 24.17 17.10 5.16
N ASP B 193 23.30 17.72 5.94
CA ASP B 193 23.74 18.58 7.03
C ASP B 193 24.51 17.78 8.08
N ASN B 194 24.07 16.56 8.32
CA ASN B 194 24.68 15.67 9.29
C ASN B 194 26.13 15.31 8.96
N LEU B 195 26.43 15.12 7.69
CA LEU B 195 27.77 14.76 7.25
C LEU B 195 28.74 15.93 7.12
N GLY B 196 28.25 17.15 7.30
CA GLY B 196 29.11 18.31 7.18
C GLY B 196 28.94 19.12 5.90
N PHE B 197 27.87 18.90 5.15
CA PHE B 197 27.64 19.67 3.94
C PHE B 197 27.09 21.05 4.28
N LEU B 198 27.30 21.99 3.37
CA LEU B 198 26.82 23.36 3.54
C LEU B 198 25.95 23.71 2.33
N GLU B 199 24.67 23.95 2.57
CA GLU B 199 23.76 24.32 1.49
C GLU B 199 24.05 25.74 1.02
N VAL B 200 24.28 25.89 -0.28
CA VAL B 200 24.57 27.18 -0.90
C VAL B 200 23.58 27.39 -2.04
N GLU B 201 23.68 28.53 -2.70
CA GLU B 201 22.79 28.87 -3.80
C GLU B 201 23.55 29.63 -4.87
N THR B 202 23.25 29.32 -6.12
CA THR B 202 23.95 29.81 -7.30
C THR B 202 22.94 30.45 -8.24
N PRO B 203 23.40 31.30 -9.17
CA PRO B 203 22.45 32.02 -10.03
C PRO B 203 21.68 31.07 -10.93
N MET B 204 20.37 31.29 -11.00
CA MET B 204 19.49 30.56 -11.90
C MET B 204 19.43 31.19 -13.28
N MET B 205 20.22 32.23 -13.51
CA MET B 205 20.29 32.93 -14.79
C MET B 205 21.75 32.99 -15.20
N ASN B 206 22.07 32.44 -16.37
CA ASN B 206 23.44 32.39 -16.84
C ASN B 206 23.55 32.94 -18.25
N LEU B 207 24.76 33.35 -18.60
CA LEU B 207 25.03 33.75 -19.98
C LEU B 207 25.06 32.52 -20.89
N ILE B 208 25.56 31.43 -20.33
CA ILE B 208 25.65 30.14 -21.00
C ILE B 208 25.03 29.08 -20.07
N ALA B 209 24.23 28.19 -20.64
CA ALA B 209 23.53 27.15 -19.89
C ALA B 209 24.48 26.12 -19.27
N GLY B 210 24.00 25.44 -18.22
CA GLY B 210 24.80 24.47 -17.51
C GLY B 210 25.29 23.35 -18.40
N GLY B 211 26.51 22.91 -18.14
CA GLY B 211 27.17 21.88 -18.93
C GLY B 211 26.45 20.54 -19.04
N ALA B 212 26.60 19.88 -20.17
CA ALA B 212 26.02 18.57 -20.42
C ALA B 212 24.52 18.50 -20.13
N THR B 213 23.77 19.46 -20.65
CA THR B 213 22.34 19.52 -20.40
C THR B 213 21.49 19.77 -21.65
N ALA B 214 20.17 19.60 -21.49
CA ALA B 214 19.18 19.81 -22.55
C ALA B 214 18.98 21.30 -22.86
N LYS B 215 18.31 21.59 -23.98
CA LYS B 215 18.12 22.98 -24.40
C LYS B 215 17.42 23.80 -23.31
N PRO B 216 17.96 24.99 -23.08
CA PRO B 216 17.48 25.88 -22.01
C PRO B 216 16.48 26.92 -22.47
N PHE B 217 15.94 27.68 -21.51
CA PHE B 217 15.08 28.82 -21.78
C PHE B 217 15.93 30.08 -21.93
N ILE B 218 15.58 30.93 -22.90
CA ILE B 218 16.25 32.20 -23.13
C ILE B 218 15.31 33.33 -22.72
N THR B 219 15.80 34.22 -21.86
CA THR B 219 15.05 35.40 -21.43
C THR B 219 15.94 36.64 -21.62
N HIS B 220 15.34 37.81 -21.49
CA HIS B 220 16.03 39.06 -21.68
C HIS B 220 16.09 39.88 -20.39
N HIS B 221 17.25 40.46 -20.13
CA HIS B 221 17.46 41.40 -19.05
C HIS B 221 17.64 42.76 -19.69
N ASN B 222 16.70 43.67 -19.38
CA ASN B 222 16.62 44.97 -20.05
C ASN B 222 17.72 45.92 -19.57
N ASP B 223 17.67 46.29 -18.29
CA ASP B 223 18.59 47.28 -17.74
C ASP B 223 20.06 46.97 -18.01
N LEU B 224 20.42 45.72 -18.28
CA LEU B 224 21.75 45.39 -18.75
C LEU B 224 21.80 45.00 -20.22
N ASP B 225 20.66 44.91 -20.88
CA ASP B 225 20.58 44.63 -22.32
C ASP B 225 21.34 43.35 -22.69
N MET B 226 20.93 42.23 -22.10
CA MET B 226 21.60 40.98 -22.40
C MET B 226 20.61 39.83 -22.40
N ASP B 227 20.92 38.80 -23.19
CA ASP B 227 20.15 37.57 -23.22
C ASP B 227 20.77 36.57 -22.27
N LEU B 228 19.95 35.94 -21.44
CA LEU B 228 20.40 34.97 -20.47
C LEU B 228 19.67 33.66 -20.68
N TYR B 229 20.30 32.57 -20.28
CA TYR B 229 19.71 31.25 -20.34
C TYR B 229 19.25 30.87 -18.93
N LEU B 230 18.03 30.37 -18.80
CA LEU B 230 17.58 29.90 -17.50
C LEU B 230 18.39 28.68 -17.09
N ARG B 231 18.69 28.58 -15.81
CA ARG B 231 19.61 27.54 -15.36
C ARG B 231 19.00 26.16 -15.57
N VAL B 232 19.77 25.30 -16.24
CA VAL B 232 19.42 23.90 -16.40
C VAL B 232 20.22 23.00 -15.46
N ALA B 233 21.27 23.52 -14.82
CA ALA B 233 22.03 22.78 -13.81
C ALA B 233 22.95 23.70 -13.01
N PRO B 234 23.09 23.46 -11.70
CA PRO B 234 24.05 24.20 -10.89
C PRO B 234 25.49 23.72 -11.00
N GLU B 235 25.81 22.92 -12.02
CA GLU B 235 27.06 22.17 -12.04
C GLU B 235 28.27 23.09 -11.97
N LEU B 236 28.48 23.90 -13.01
CA LEU B 236 29.73 24.65 -13.14
C LEU B 236 29.98 25.53 -11.91
N TYR B 237 28.92 26.14 -11.38
CA TYR B 237 29.06 27.05 -10.25
C TYR B 237 29.53 26.29 -9.00
N LEU B 238 28.81 25.22 -8.65
CA LEU B 238 29.19 24.43 -7.49
C LEU B 238 30.61 23.88 -7.64
N LYS B 239 30.99 23.51 -8.85
CA LYS B 239 32.36 23.05 -9.07
C LYS B 239 33.35 24.17 -8.79
N MET B 240 33.00 25.40 -9.17
CA MET B 240 33.84 26.55 -8.81
C MET B 240 33.91 26.75 -7.29
N LEU B 241 32.80 26.52 -6.59
CA LEU B 241 32.84 26.60 -5.13
C LEU B 241 33.76 25.53 -4.54
N VAL B 242 33.82 24.36 -5.16
CA VAL B 242 34.76 23.35 -4.70
C VAL B 242 36.19 23.80 -4.98
N VAL B 243 36.40 24.48 -6.11
CA VAL B 243 37.71 25.06 -6.40
C VAL B 243 38.13 26.00 -5.28
N GLY B 244 37.18 26.78 -4.76
CA GLY B 244 37.47 27.80 -3.77
C GLY B 244 37.64 27.32 -2.34
N GLY B 245 37.73 26.02 -2.10
CA GLY B 245 38.05 25.52 -0.79
C GLY B 245 36.91 24.94 0.04
N ILE B 246 35.67 24.99 -0.45
CA ILE B 246 34.56 24.36 0.25
C ILE B 246 34.52 22.88 -0.13
N ASP B 247 34.72 22.01 0.85
CA ASP B 247 34.93 20.59 0.56
C ASP B 247 33.64 19.86 0.21
N ARG B 248 32.52 20.23 0.83
CA ARG B 248 31.23 19.59 0.55
C ARG B 248 30.16 20.65 0.33
N VAL B 249 29.69 20.78 -0.92
CA VAL B 249 28.70 21.78 -1.28
C VAL B 249 27.45 21.07 -1.77
N TYR B 250 26.28 21.64 -1.48
CA TYR B 250 25.05 21.02 -1.96
C TYR B 250 24.01 22.11 -2.16
N GLU B 251 23.23 21.97 -3.22
CA GLU B 251 22.18 22.91 -3.56
C GLU B 251 20.97 22.10 -3.99
N ILE B 252 19.88 22.27 -3.25
CA ILE B 252 18.57 21.75 -3.63
C ILE B 252 17.80 22.95 -4.17
N GLY B 253 17.35 22.86 -5.42
CA GLY B 253 16.67 23.99 -6.01
C GLY B 253 16.16 23.65 -7.39
N ARG B 254 15.34 24.54 -7.91
CA ARG B 254 14.62 24.32 -9.15
C ARG B 254 15.53 24.45 -10.36
N VAL B 255 15.11 23.80 -11.45
CA VAL B 255 15.86 23.68 -12.68
C VAL B 255 14.89 23.77 -13.85
N PHE B 256 15.32 24.45 -14.91
CA PHE B 256 14.47 24.81 -16.04
C PHE B 256 14.99 24.16 -17.30
N ARG B 257 14.20 23.24 -17.87
CA ARG B 257 14.54 22.53 -19.09
C ARG B 257 13.37 22.63 -20.08
N ASN B 258 13.69 22.84 -21.35
CA ASN B 258 12.69 23.20 -22.35
C ASN B 258 12.01 22.00 -23.01
N GLU B 259 12.24 20.77 -22.54
CA GLU B 259 11.62 19.64 -23.19
C GLU B 259 10.11 19.63 -22.92
N GLY B 260 9.42 18.71 -23.59
CA GLY B 260 7.98 18.63 -23.51
C GLY B 260 7.47 17.99 -22.22
N ILE B 261 6.18 18.12 -22.01
CA ILE B 261 5.54 17.61 -20.81
C ILE B 261 5.25 16.12 -20.98
N ASP B 262 5.41 15.36 -19.91
CA ASP B 262 5.21 13.92 -19.94
C ASP B 262 4.66 13.52 -18.57
N GLN B 263 4.53 12.21 -18.34
CA GLN B 263 4.23 11.73 -17.00
C GLN B 263 5.46 11.78 -16.10
N THR B 264 6.65 11.69 -16.69
CA THR B 264 7.90 11.80 -15.95
C THR B 264 8.65 13.10 -16.20
N HIS B 265 8.07 14.04 -16.96
CA HIS B 265 8.76 15.28 -17.30
C HIS B 265 7.88 16.49 -17.03
N ASN B 266 8.49 17.54 -16.48
CA ASN B 266 7.87 18.84 -16.33
C ASN B 266 8.95 19.88 -16.61
N PRO B 267 8.61 20.96 -17.33
CA PRO B 267 9.64 21.94 -17.71
C PRO B 267 10.39 22.54 -16.52
N GLU B 268 9.73 22.63 -15.36
CA GLU B 268 10.30 23.20 -14.16
C GLU B 268 10.30 22.14 -13.06
N PHE B 269 11.48 21.70 -12.62
CA PHE B 269 11.49 20.66 -11.59
C PHE B 269 12.65 20.87 -10.63
N THR B 270 12.48 20.37 -9.40
CA THR B 270 13.45 20.56 -8.34
C THR B 270 14.52 19.48 -8.38
N SER B 271 15.78 19.90 -8.43
CA SER B 271 16.94 19.01 -8.49
C SER B 271 17.82 19.23 -7.26
N CYS B 272 18.41 18.13 -6.77
CA CYS B 272 19.35 18.18 -5.66
C CYS B 272 20.73 17.74 -6.10
N GLU B 273 21.72 18.61 -5.96
CA GLU B 273 23.10 18.25 -6.32
C GLU B 273 24.03 18.50 -5.15
N PHE B 274 25.05 17.64 -5.02
CA PHE B 274 26.13 17.89 -4.07
C PHE B 274 27.46 17.46 -4.67
N TYR B 275 28.52 18.12 -4.23
CA TYR B 275 29.88 17.87 -4.67
C TYR B 275 30.77 17.67 -3.45
N MET B 276 31.58 16.61 -3.52
CA MET B 276 32.40 16.16 -2.41
C MET B 276 33.84 16.04 -2.89
N ALA B 277 34.74 16.80 -2.28
CA ALA B 277 36.14 16.71 -2.66
C ALA B 277 36.78 15.49 -2.04
N TYR B 278 37.81 14.97 -2.70
CA TYR B 278 38.56 13.80 -2.22
C TYR B 278 37.66 12.58 -2.07
N ALA B 279 36.81 12.35 -3.09
CA ALA B 279 35.96 11.18 -3.15
C ALA B 279 35.73 10.84 -4.61
N ASP B 280 35.66 9.53 -4.90
CA ASP B 280 35.31 9.05 -6.22
C ASP B 280 33.84 8.66 -6.29
N TYR B 281 33.41 8.18 -7.46
CA TYR B 281 32.01 7.84 -7.66
C TYR B 281 31.60 6.58 -6.91
N GLU B 282 32.56 5.69 -6.59
CA GLU B 282 32.22 4.53 -5.78
C GLU B 282 31.80 4.95 -4.38
N ASP B 283 32.28 6.10 -3.92
CA ASP B 283 31.80 6.67 -2.67
C ASP B 283 30.34 7.12 -2.83
N LEU B 284 30.02 7.74 -3.96
CA LEU B 284 28.64 8.15 -4.21
C LEU B 284 27.70 6.96 -4.37
N MET B 285 28.21 5.87 -4.90
CA MET B 285 27.42 4.65 -5.02
C MET B 285 27.14 4.10 -3.64
N LYS B 286 28.17 4.10 -2.80
CA LYS B 286 28.10 3.60 -1.44
C LYS B 286 27.16 4.43 -0.59
N ILE B 287 27.21 5.74 -0.80
CA ILE B 287 26.39 6.68 -0.06
C ILE B 287 24.96 6.59 -0.56
N THR B 288 24.77 6.77 -1.87
CA THR B 288 23.42 6.77 -2.46
C THR B 288 22.60 5.58 -1.98
N GLU B 289 23.20 4.39 -1.96
CA GLU B 289 22.50 3.24 -1.37
C GLU B 289 22.09 3.52 0.07
N ASP B 290 23.05 3.95 0.90
CA ASP B 290 22.78 4.23 2.31
C ASP B 290 21.63 5.23 2.48
N MET B 291 21.75 6.39 1.84
CA MET B 291 20.75 7.45 1.99
C MET B 291 19.38 6.99 1.52
N LEU B 292 19.29 6.48 0.28
CA LEU B 292 17.99 6.09 -0.26
C LEU B 292 17.36 4.98 0.57
N ALA B 293 18.18 4.04 1.05
CA ALA B 293 17.68 2.97 1.90
C ALA B 293 17.14 3.49 3.22
N ARG B 294 17.94 4.31 3.92
CA ARG B 294 17.50 4.87 5.20
C ARG B 294 16.27 5.76 5.02
N MET B 295 16.12 6.38 3.86
CA MET B 295 14.94 7.22 3.60
C MET B 295 13.70 6.36 3.42
N VAL B 296 13.80 5.31 2.60
CA VAL B 296 12.68 4.40 2.40
C VAL B 296 12.28 3.75 3.72
N TYR B 297 13.26 3.30 4.51
CA TYR B 297 12.94 2.72 5.81
C TYR B 297 12.37 3.77 6.76
N TYR B 298 12.76 5.03 6.58
CA TYR B 298 12.24 6.11 7.41
C TYR B 298 10.76 6.31 7.14
N MET B 299 10.37 6.26 5.86
CA MET B 299 8.98 6.55 5.50
C MET B 299 8.07 5.33 5.67
N HIS B 300 8.45 4.19 5.11
CA HIS B 300 7.56 3.02 5.07
C HIS B 300 7.80 1.97 6.15
N GLY B 301 8.90 2.02 6.88
CA GLY B 301 9.17 1.02 7.88
C GLY B 301 9.88 -0.21 7.39
N THR B 302 9.97 -0.41 6.08
CA THR B 302 10.67 -1.57 5.51
C THR B 302 11.41 -1.13 4.25
N TYR B 303 12.40 -1.92 3.86
CA TYR B 303 13.18 -1.61 2.67
C TYR B 303 12.51 -2.02 1.37
N LYS B 304 11.54 -2.93 1.42
CA LYS B 304 10.91 -3.46 0.21
C LYS B 304 9.48 -2.95 0.12
N ILE B 305 9.20 -2.17 -0.92
CA ILE B 305 7.89 -1.57 -1.12
C ILE B 305 7.41 -1.87 -2.52
N GLN B 306 6.11 -1.73 -2.73
CA GLN B 306 5.48 -1.99 -4.02
C GLN B 306 5.31 -0.70 -4.79
N TYR B 307 4.90 -0.85 -6.05
CA TYR B 307 4.74 0.28 -6.96
C TYR B 307 3.78 -0.13 -8.07
N HIS B 308 2.88 0.77 -8.45
CA HIS B 308 1.91 0.49 -9.51
C HIS B 308 2.14 1.47 -10.66
N PRO B 309 2.93 1.06 -11.65
CA PRO B 309 3.30 1.99 -12.75
C PRO B 309 2.18 2.32 -13.72
N ASN B 310 1.06 1.58 -13.73
CA ASN B 310 0.01 1.85 -14.70
C ASN B 310 -1.27 2.40 -14.11
N GLY B 311 -1.43 2.43 -12.79
CA GLY B 311 -2.67 2.93 -12.23
C GLY B 311 -2.56 3.18 -10.75
N ILE B 312 -3.65 3.67 -10.16
CA ILE B 312 -3.71 3.90 -8.72
C ILE B 312 -3.71 2.55 -7.99
N VAL B 313 -4.51 1.63 -8.52
CA VAL B 313 -4.64 0.28 -8.01
C VAL B 313 -4.84 -0.62 -9.22
N GLU B 314 -3.79 -0.91 -9.97
CA GLU B 314 -3.94 -1.76 -11.16
C GLU B 314 -3.16 -3.06 -11.25
N ASN B 315 -3.22 -3.66 -12.43
CA ASN B 315 -2.63 -4.96 -12.75
C ASN B 315 -1.14 -5.25 -12.65
N PRO B 316 -0.25 -4.34 -13.04
CA PRO B 316 1.19 -4.64 -12.94
C PRO B 316 1.81 -3.97 -11.74
N VAL B 317 2.40 -4.74 -10.83
CA VAL B 317 3.02 -4.15 -9.64
C VAL B 317 4.50 -4.54 -9.48
N TYR B 318 5.34 -3.52 -9.37
CA TYR B 318 6.78 -3.66 -9.22
C TYR B 318 7.16 -3.79 -7.76
N GLU B 319 8.07 -4.73 -7.48
CA GLU B 319 8.51 -5.09 -6.13
C GLU B 319 9.89 -4.49 -5.84
N VAL B 320 9.91 -3.19 -5.58
CA VAL B 320 11.16 -2.46 -5.39
C VAL B 320 11.81 -2.86 -4.06
N ASP B 321 13.09 -3.24 -4.13
CA ASP B 321 13.89 -3.67 -2.99
C ASP B 321 15.08 -2.72 -2.83
N PHE B 322 15.11 -1.98 -1.73
CA PHE B 322 16.16 -0.99 -1.49
C PHE B 322 17.28 -1.50 -0.60
N THR B 323 17.31 -2.79 -0.28
CA THR B 323 18.39 -3.34 0.51
C THR B 323 19.70 -3.25 -0.26
N PRO B 324 20.77 -2.69 0.34
CA PRO B 324 22.07 -2.65 -0.33
C PRO B 324 22.71 -4.04 -0.39
N PRO B 325 23.52 -4.33 -1.42
CA PRO B 325 23.99 -3.40 -2.47
C PRO B 325 23.19 -3.49 -3.77
N PHE B 326 22.91 -2.34 -4.37
CA PHE B 326 22.19 -2.30 -5.63
C PHE B 326 23.00 -2.94 -6.76
N ARG B 327 22.29 -3.45 -7.76
CA ARG B 327 22.93 -4.07 -8.91
C ARG B 327 23.83 -3.08 -9.65
N LYS B 328 24.97 -3.59 -10.13
CA LYS B 328 25.86 -2.82 -10.97
C LYS B 328 25.80 -3.35 -12.39
N VAL B 329 25.72 -2.44 -13.36
CA VAL B 329 25.64 -2.81 -14.78
C VAL B 329 26.53 -1.84 -15.55
N ASN B 330 27.22 -2.35 -16.56
CA ASN B 330 27.99 -1.52 -17.46
C ASN B 330 27.25 -1.37 -18.78
N ILE B 331 27.62 -0.33 -19.53
CA ILE B 331 27.02 -0.10 -20.84
C ILE B 331 27.52 -1.14 -21.84
N TYR B 332 28.83 -1.35 -21.89
CA TYR B 332 29.41 -2.25 -22.89
C TYR B 332 29.06 -3.71 -22.63
N ASP B 333 29.29 -4.20 -21.41
CA ASP B 333 29.02 -5.61 -21.12
C ASP B 333 27.55 -5.93 -21.29
N GLY B 334 26.67 -5.11 -20.70
CA GLY B 334 25.25 -5.40 -20.71
C GLY B 334 24.59 -5.20 -22.06
N LEU B 335 25.01 -4.19 -22.83
CA LEU B 335 24.46 -4.00 -24.16
C LEU B 335 25.07 -4.95 -25.19
N GLN B 336 26.35 -5.34 -25.02
CA GLN B 336 26.93 -6.32 -25.91
C GLN B 336 26.31 -7.69 -25.70
N GLU B 337 26.07 -8.07 -24.44
CA GLU B 337 25.38 -9.32 -24.18
C GLU B 337 23.92 -9.24 -24.62
N LYS B 338 23.23 -8.17 -24.23
CA LYS B 338 21.80 -8.05 -24.51
C LYS B 338 21.53 -8.00 -26.01
N LEU B 339 22.40 -7.32 -26.77
CA LEU B 339 22.25 -7.24 -28.21
C LEU B 339 22.83 -8.47 -28.91
N GLY B 340 23.74 -9.18 -28.25
CA GLY B 340 24.36 -10.37 -28.81
C GLY B 340 25.38 -10.09 -29.89
N ILE B 341 26.11 -8.98 -29.78
CA ILE B 341 27.18 -8.63 -30.71
C ILE B 341 28.31 -8.00 -29.90
N GLN B 342 29.47 -7.90 -30.52
CA GLN B 342 30.64 -7.28 -29.91
C GLN B 342 30.83 -5.91 -30.55
N PHE B 343 31.01 -4.90 -29.71
CA PHE B 343 31.11 -3.54 -30.19
C PHE B 343 32.55 -3.19 -30.49
N PRO B 344 32.80 -2.12 -31.24
CA PRO B 344 34.17 -1.66 -31.39
C PRO B 344 34.65 -1.07 -30.08
N PRO B 345 35.95 -1.09 -29.81
CA PRO B 345 36.45 -0.48 -28.57
C PRO B 345 36.03 0.98 -28.51
N ALA B 346 36.32 1.59 -27.37
CA ALA B 346 35.83 2.94 -27.22
C ALA B 346 36.64 3.86 -28.12
N ASP B 347 36.20 3.99 -29.39
CA ASP B 347 36.89 4.79 -30.39
C ASP B 347 36.00 5.95 -30.79
N THR B 348 34.85 5.67 -31.42
CA THR B 348 33.81 6.65 -31.70
C THR B 348 34.35 7.90 -32.37
N LEU B 349 34.61 7.83 -33.66
CA LEU B 349 35.01 8.99 -34.43
C LEU B 349 34.11 9.12 -35.66
N ASP B 350 34.35 8.28 -36.67
CA ASP B 350 33.55 8.32 -37.88
C ASP B 350 33.10 6.92 -38.28
N THR B 351 34.03 5.97 -38.27
CA THR B 351 33.74 4.58 -38.64
C THR B 351 32.73 3.95 -37.68
N ASP B 352 32.86 4.30 -36.41
CA ASP B 352 32.01 3.79 -35.34
C ASP B 352 30.55 4.16 -35.51
N GLU B 353 30.31 5.35 -36.04
CA GLU B 353 28.94 5.84 -36.23
C GLU B 353 28.11 4.92 -37.11
N ALA B 354 28.70 4.38 -38.17
CA ALA B 354 27.96 3.48 -39.04
C ALA B 354 27.51 2.22 -38.30
N ASN B 355 28.39 1.64 -37.50
CA ASN B 355 28.04 0.43 -36.75
C ASN B 355 26.94 0.68 -35.74
N LYS B 356 27.01 1.83 -35.10
CA LYS B 356 26.05 2.20 -34.07
C LYS B 356 24.62 2.30 -34.58
N PHE B 357 24.44 2.77 -35.80
CA PHE B 357 23.10 2.87 -36.35
C PHE B 357 22.56 1.45 -36.39
N PHE B 358 21.37 1.27 -35.84
CA PHE B 358 20.77 -0.06 -35.78
C PHE B 358 19.36 -0.17 -36.31
N ASP B 359 19.26 -0.28 -37.62
CA ASP B 359 18.00 -0.50 -38.31
C ASP B 359 17.48 -1.90 -37.97
N LYS B 360 18.40 -2.85 -37.83
CA LYS B 360 18.09 -4.25 -37.57
C LYS B 360 17.29 -4.43 -36.28
N LEU B 361 17.70 -3.77 -35.22
CA LEU B 361 16.93 -3.82 -34.00
C LEU B 361 15.93 -2.71 -34.21
N ALA B 362 14.65 -2.98 -34.01
CA ALA B 362 13.65 -1.97 -34.27
C ALA B 362 13.51 -0.98 -33.12
N VAL B 363 14.46 -0.04 -33.06
CA VAL B 363 14.44 0.99 -32.04
C VAL B 363 14.25 2.30 -32.76
N GLU B 364 13.19 3.01 -32.41
CA GLU B 364 12.88 4.30 -33.01
C GLU B 364 13.79 5.41 -32.53
N ASN B 365 14.07 6.36 -33.41
CA ASN B 365 14.89 7.51 -33.05
C ASN B 365 14.50 8.71 -33.92
N ALA B 371 17.02 13.45 -36.80
CA ALA B 371 16.78 13.48 -35.36
C ALA B 371 17.56 14.59 -34.65
N PRO B 372 18.87 14.75 -34.92
CA PRO B 372 19.88 13.98 -35.67
C PRO B 372 20.45 12.83 -34.85
N ARG B 373 20.64 11.67 -35.47
CA ARG B 373 21.07 10.47 -34.76
C ARG B 373 22.57 10.31 -34.93
N THR B 374 23.30 10.48 -33.83
CA THR B 374 24.75 10.32 -33.76
C THR B 374 25.07 9.20 -32.78
N THR B 375 26.36 8.83 -32.76
CA THR B 375 26.81 7.68 -31.97
C THR B 375 26.39 7.79 -30.51
N ALA B 376 26.46 9.00 -29.94
CA ALA B 376 26.08 9.15 -28.54
C ALA B 376 24.56 9.07 -28.39
N ARG B 377 23.83 9.72 -29.30
CA ARG B 377 22.38 9.71 -29.23
C ARG B 377 21.82 8.34 -29.62
N LEU B 378 22.42 7.69 -30.62
CA LEU B 378 22.02 6.32 -30.97
C LEU B 378 22.32 5.37 -29.81
N LEU B 379 23.53 5.44 -29.25
CA LEU B 379 23.87 4.60 -28.11
C LEU B 379 22.92 4.82 -26.95
N ASP B 380 22.54 6.07 -26.70
CA ASP B 380 21.59 6.37 -25.63
C ASP B 380 20.21 5.84 -25.95
N LYS B 381 19.82 5.86 -27.23
CA LYS B 381 18.51 5.36 -27.63
C LYS B 381 18.44 3.84 -27.54
N LEU B 382 19.56 3.15 -27.80
CA LEU B 382 19.58 1.71 -27.63
C LEU B 382 19.36 1.37 -26.15
N ILE B 383 20.13 2.02 -25.28
CA ILE B 383 19.81 2.05 -23.87
C ILE B 383 18.41 2.66 -23.74
N GLY B 384 17.70 2.32 -22.68
CA GLY B 384 16.34 2.81 -22.54
C GLY B 384 15.35 1.84 -23.15
N GLU B 385 15.70 1.26 -24.29
CA GLU B 385 14.85 0.25 -24.89
C GLU B 385 15.17 -1.13 -24.32
N PHE B 386 16.45 -1.51 -24.34
CA PHE B 386 16.87 -2.84 -23.91
C PHE B 386 17.24 -2.89 -22.44
N LEU B 387 18.09 -1.98 -21.97
CA LEU B 387 18.62 -2.04 -20.60
C LEU B 387 17.72 -1.39 -19.57
N GLU B 388 17.08 -0.27 -19.89
CA GLU B 388 16.37 0.44 -18.83
C GLU B 388 15.12 -0.30 -18.38
N PRO B 389 14.29 -0.87 -19.26
CA PRO B 389 13.08 -1.53 -18.78
C PRO B 389 13.33 -2.74 -17.88
N THR B 390 14.53 -3.33 -17.91
CA THR B 390 14.80 -4.43 -16.99
C THR B 390 15.02 -3.95 -15.57
N PHE B 391 15.14 -2.63 -15.35
CA PHE B 391 15.50 -2.08 -14.05
C PHE B 391 14.23 -1.76 -13.27
N ILE B 392 13.97 -2.56 -12.23
CA ILE B 392 12.87 -2.32 -11.31
C ILE B 392 13.40 -1.95 -9.93
N SER B 393 14.12 -2.88 -9.30
CA SER B 393 14.92 -2.55 -8.14
C SER B 393 15.97 -1.50 -8.51
N PRO B 394 16.37 -0.64 -7.57
CA PRO B 394 17.37 0.38 -7.88
C PRO B 394 18.62 -0.25 -8.46
N THR B 395 19.09 0.33 -9.58
CA THR B 395 20.20 -0.27 -10.32
C THR B 395 21.19 0.81 -10.73
N PHE B 396 22.48 0.52 -10.53
CA PHE B 396 23.55 1.38 -11.00
C PHE B 396 23.90 1.02 -12.44
N LEU B 397 23.89 2.01 -13.31
CA LEU B 397 24.30 1.86 -14.71
C LEU B 397 25.60 2.64 -14.87
N THR B 398 26.70 1.92 -15.07
CA THR B 398 28.03 2.48 -14.91
C THR B 398 28.77 2.51 -16.23
N GLY B 399 29.79 3.36 -16.28
CA GLY B 399 30.70 3.41 -17.40
C GLY B 399 30.09 3.86 -18.70
N HIS B 400 29.50 5.05 -18.72
CA HIS B 400 29.04 5.62 -19.97
C HIS B 400 30.24 6.02 -20.81
N PRO B 401 30.10 6.02 -22.14
CA PRO B 401 31.19 6.52 -22.99
C PRO B 401 31.48 7.99 -22.72
N GLN B 402 32.64 8.43 -23.19
CA GLN B 402 33.03 9.84 -23.05
C GLN B 402 32.24 10.75 -23.96
N ILE B 403 31.55 10.20 -24.97
CA ILE B 403 30.81 11.02 -25.92
C ILE B 403 29.52 11.55 -25.31
N MET B 404 28.99 10.88 -24.28
CA MET B 404 27.78 11.34 -23.60
C MET B 404 28.07 11.96 -22.23
N SER B 405 29.33 12.09 -21.84
CA SER B 405 29.70 12.55 -20.50
C SER B 405 30.89 13.50 -20.59
N PRO B 406 30.64 14.76 -20.94
CA PRO B 406 31.76 15.69 -21.14
C PRO B 406 32.46 16.10 -19.86
N LEU B 407 31.75 16.18 -18.74
CA LEU B 407 32.30 16.69 -17.50
C LEU B 407 32.70 15.58 -16.53
N ALA B 408 32.61 14.32 -16.94
CA ALA B 408 33.02 13.20 -16.12
C ALA B 408 34.45 12.81 -16.47
N LYS B 409 35.23 12.47 -15.47
CA LYS B 409 36.61 12.08 -15.71
C LYS B 409 36.69 10.73 -16.40
N TRP B 410 37.79 10.52 -17.13
CA TRP B 410 38.00 9.30 -17.88
C TRP B 410 38.12 8.10 -16.95
N HIS B 411 37.84 6.92 -17.50
CA HIS B 411 37.96 5.68 -16.73
C HIS B 411 39.44 5.35 -16.56
N ARG B 412 39.81 4.98 -15.33
CA ARG B 412 41.20 4.67 -15.04
C ARG B 412 41.69 3.40 -15.72
N SER B 413 40.78 2.54 -16.18
CA SER B 413 41.15 1.28 -16.81
C SER B 413 40.69 1.23 -18.27
N ILE B 414 39.39 1.27 -18.51
CA ILE B 414 38.85 1.09 -19.86
C ILE B 414 38.88 2.44 -20.58
N PRO B 415 39.74 2.61 -21.59
CA PRO B 415 39.84 3.90 -22.27
C PRO B 415 38.56 4.24 -23.01
N GLY B 416 38.28 5.53 -23.12
CA GLY B 416 37.09 6.00 -23.80
C GLY B 416 35.79 5.83 -23.03
N LEU B 417 35.85 5.51 -21.75
CA LEU B 417 34.69 5.37 -20.90
C LEU B 417 34.84 6.36 -19.74
N THR B 418 33.75 6.63 -19.05
CA THR B 418 33.78 7.57 -17.95
C THR B 418 33.41 6.87 -16.65
N GLU B 419 33.72 7.56 -15.55
CA GLU B 419 33.42 7.07 -14.21
C GLU B 419 32.01 7.47 -13.78
N ARG B 420 31.23 7.98 -14.72
CA ARG B 420 29.83 8.30 -14.48
C ARG B 420 29.04 7.03 -14.15
N PHE B 421 28.00 7.20 -13.33
CA PHE B 421 26.99 6.19 -13.15
C PHE B 421 25.64 6.87 -12.97
N GLU B 422 24.59 6.17 -13.39
CA GLU B 422 23.23 6.61 -13.22
C GLU B 422 22.52 5.62 -12.30
N LEU B 423 21.44 6.03 -11.67
CA LEU B 423 20.68 5.13 -10.83
C LEU B 423 19.23 5.10 -11.33
N PHE B 424 18.77 3.91 -11.69
CA PHE B 424 17.44 3.72 -12.25
C PHE B 424 16.55 3.01 -11.25
N VAL B 425 15.32 3.50 -11.15
CA VAL B 425 14.24 2.83 -10.42
C VAL B 425 13.01 2.88 -11.31
N VAL B 426 12.27 1.76 -11.34
CA VAL B 426 11.08 1.57 -12.15
C VAL B 426 11.23 2.18 -13.53
N THR B 427 12.29 1.78 -14.24
CA THR B 427 12.54 2.18 -15.63
C THR B 427 12.75 3.69 -15.80
N LYS B 428 13.26 4.37 -14.78
CA LYS B 428 13.51 5.79 -14.91
C LYS B 428 14.80 6.18 -14.18
N GLU B 429 15.46 7.20 -14.71
CA GLU B 429 16.73 7.71 -14.20
C GLU B 429 16.45 8.78 -13.15
N ILE B 430 16.84 8.52 -11.90
CA ILE B 430 16.62 9.50 -10.84
C ILE B 430 17.90 10.11 -10.29
N VAL B 431 19.07 9.55 -10.63
CA VAL B 431 20.34 10.03 -10.10
C VAL B 431 21.39 10.00 -11.20
N ASN B 432 22.28 10.99 -11.19
CA ASN B 432 23.42 11.05 -12.10
C ASN B 432 24.61 11.56 -11.30
N ALA B 433 25.69 10.80 -11.28
CA ALA B 433 26.88 11.14 -10.53
C ALA B 433 28.10 10.75 -11.33
N TYR B 434 29.24 11.37 -11.02
CA TYR B 434 30.50 10.94 -11.63
C TYR B 434 31.67 11.51 -10.84
N THR B 435 32.86 11.04 -11.21
CA THR B 435 34.11 11.65 -10.77
C THR B 435 34.41 12.77 -11.74
N GLU B 436 34.36 14.00 -11.25
CA GLU B 436 34.34 15.17 -12.11
C GLU B 436 35.65 15.31 -12.88
N LEU B 437 35.54 15.79 -14.11
CA LEU B 437 36.72 16.00 -14.95
C LEU B 437 37.48 17.20 -14.40
N ASN B 438 38.68 16.95 -13.88
CA ASN B 438 39.50 17.99 -13.27
C ASN B 438 40.61 18.48 -14.20
N ASP B 439 40.62 18.03 -15.45
CA ASP B 439 41.71 18.35 -16.37
C ASP B 439 41.29 19.53 -17.22
N PRO B 440 42.04 20.63 -17.23
CA PRO B 440 41.69 21.78 -18.07
C PRO B 440 41.75 21.50 -19.56
N LEU B 441 42.11 20.29 -19.96
CA LEU B 441 41.91 19.86 -21.35
C LEU B 441 40.57 19.13 -21.39
N THR B 442 39.50 19.90 -21.57
CA THR B 442 38.14 19.37 -21.61
C THR B 442 37.71 19.48 -23.07
N GLN B 443 37.60 18.32 -23.73
CA GLN B 443 37.31 18.27 -25.15
C GLN B 443 35.80 18.26 -25.39
N ARG B 444 35.31 19.26 -26.10
CA ARG B 444 33.89 19.40 -26.41
C ARG B 444 33.70 19.12 -27.91
N LEU B 445 33.66 17.83 -28.24
CA LEU B 445 33.28 17.40 -29.58
C LEU B 445 31.77 17.51 -29.66
N ARG B 446 31.28 18.58 -30.29
CA ARG B 446 29.87 18.91 -30.28
C ARG B 446 29.27 18.68 -31.66
N PHE B 447 28.09 18.05 -31.68
CA PHE B 447 27.55 17.49 -32.91
C PHE B 447 27.07 18.60 -33.85
N ASP B 448 26.41 19.62 -33.31
CA ASP B 448 25.93 20.77 -34.07
C ASP B 448 25.06 20.37 -35.26
N GLU B 466 35.22 29.45 -22.43
CA GLU B 466 34.43 29.92 -21.29
C GLU B 466 35.31 30.20 -20.07
N ASN B 467 34.83 31.07 -19.19
CA ASN B 467 35.56 31.40 -17.97
C ASN B 467 35.62 30.22 -17.00
N TYR B 468 34.83 29.18 -17.26
CA TYR B 468 34.84 28.00 -16.40
C TYR B 468 36.13 27.21 -16.58
N CYS B 469 36.51 26.95 -17.82
CA CYS B 469 37.79 26.29 -18.08
C CYS B 469 38.94 27.09 -17.48
N THR B 470 38.81 28.43 -17.47
CA THR B 470 39.80 29.27 -16.82
C THR B 470 39.82 29.06 -15.31
N ALA B 471 38.70 28.63 -14.73
CA ALA B 471 38.69 28.28 -13.31
C ALA B 471 39.38 26.95 -13.05
N LEU B 472 39.24 25.99 -13.97
CA LEU B 472 39.92 24.71 -13.82
C LEU B 472 41.43 24.84 -13.91
N GLU B 473 41.91 25.90 -14.56
CA GLU B 473 43.35 26.12 -14.67
C GLU B 473 43.94 26.48 -13.31
N TYR B 474 43.18 27.14 -12.44
CA TYR B 474 43.62 27.34 -11.07
C TYR B 474 43.61 26.05 -10.27
N GLY B 475 42.92 25.02 -10.76
CA GLY B 475 42.98 23.70 -10.18
C GLY B 475 41.74 23.30 -9.41
N LEU B 476 41.25 22.10 -9.67
CA LEU B 476 40.12 21.52 -8.96
C LEU B 476 40.54 20.19 -8.35
N PRO B 477 40.35 20.01 -7.06
CA PRO B 477 40.74 18.76 -6.42
C PRO B 477 39.89 17.59 -6.91
N PRO B 478 40.31 16.36 -6.67
CA PRO B 478 39.50 15.25 -7.14
C PRO B 478 38.18 15.43 -6.45
N THR B 479 37.09 15.32 -7.20
CA THR B 479 35.78 15.54 -6.62
C THR B 479 34.81 14.50 -7.10
N ALA B 480 33.76 14.26 -6.33
CA ALA B 480 32.73 13.36 -6.78
C ALA B 480 31.45 14.16 -6.77
N GLY B 481 30.85 14.34 -7.93
CA GLY B 481 29.61 15.07 -8.02
C GLY B 481 28.40 14.16 -8.15
N TRP B 482 27.27 14.64 -7.66
CA TRP B 482 26.07 13.86 -7.48
C TRP B 482 24.84 14.73 -7.71
N GLY B 483 23.82 14.13 -8.32
CA GLY B 483 22.58 14.85 -8.58
C GLY B 483 21.41 13.89 -8.63
N MET B 484 20.23 14.41 -8.32
CA MET B 484 19.03 13.60 -8.20
C MET B 484 17.81 14.45 -8.53
N GLY B 485 16.91 13.87 -9.32
CA GLY B 485 15.59 14.44 -9.50
C GLY B 485 14.76 14.20 -8.25
N ILE B 486 14.33 15.27 -7.59
CA ILE B 486 13.53 15.11 -6.37
C ILE B 486 12.11 14.71 -6.74
N ASP B 487 11.55 15.32 -7.79
CA ASP B 487 10.17 15.04 -8.17
C ASP B 487 9.96 13.58 -8.55
N ARG B 488 10.98 12.92 -9.11
CA ARG B 488 10.83 11.54 -9.52
C ARG B 488 10.95 10.58 -8.35
N LEU B 489 11.89 10.82 -7.43
CA LEU B 489 11.94 10.03 -6.21
C LEU B 489 10.67 10.22 -5.38
N ALA B 490 10.08 11.41 -5.41
CA ALA B 490 8.79 11.63 -4.78
C ALA B 490 7.69 10.85 -5.48
N MET B 491 7.74 10.81 -6.81
CA MET B 491 6.81 9.96 -7.57
C MET B 491 6.90 8.53 -7.11
N ILE B 492 8.13 8.02 -6.97
CA ILE B 492 8.34 6.64 -6.54
C ILE B 492 7.77 6.42 -5.16
N LEU B 493 8.13 7.27 -4.20
CA LEU B 493 7.76 7.04 -2.81
C LEU B 493 6.28 7.32 -2.52
N THR B 494 5.60 8.07 -3.38
CA THR B 494 4.16 8.29 -3.23
C THR B 494 3.32 7.26 -3.99
N ASP B 495 3.94 6.47 -4.86
CA ASP B 495 3.23 5.52 -5.73
C ASP B 495 2.24 6.28 -6.60
N SER B 496 2.77 7.27 -7.32
CA SER B 496 2.01 8.05 -8.28
C SER B 496 2.61 7.84 -9.66
N ASN B 497 1.76 7.54 -10.63
CA ASN B 497 2.18 7.30 -12.01
C ASN B 497 2.44 8.58 -12.78
N ASN B 498 1.99 9.73 -12.28
CA ASN B 498 2.09 10.99 -12.99
C ASN B 498 2.83 12.02 -12.14
N ILE B 499 3.75 12.75 -12.78
CA ILE B 499 4.49 13.79 -12.08
C ILE B 499 3.58 14.95 -11.68
N LYS B 500 2.47 15.15 -12.38
CA LYS B 500 1.54 16.22 -12.02
C LYS B 500 0.90 15.99 -10.67
N GLU B 501 0.90 14.76 -10.17
CA GLU B 501 0.30 14.47 -8.88
C GLU B 501 1.23 14.78 -7.71
N VAL B 502 2.55 14.86 -7.96
CA VAL B 502 3.50 15.26 -6.94
C VAL B 502 3.88 16.73 -7.04
N LEU B 503 3.31 17.46 -8.00
CA LEU B 503 3.52 18.89 -8.17
C LEU B 503 2.22 19.62 -7.87
N PHE B 504 2.32 20.70 -7.07
CA PHE B 504 1.13 21.45 -6.71
C PHE B 504 0.47 22.08 -7.93
N PHE B 505 1.25 22.82 -8.72
CA PHE B 505 0.75 23.51 -9.91
C PHE B 505 1.64 23.15 -11.08
N PRO B 506 1.36 22.04 -11.76
CA PRO B 506 2.19 21.63 -12.89
C PRO B 506 1.86 22.43 -14.14
N ALA B 507 2.52 22.07 -15.23
CA ALA B 507 2.34 22.76 -16.51
C ALA B 507 1.29 22.07 -17.38
N PRO C 7 -44.90 -40.78 28.93
CA PRO C 7 -43.75 -40.28 28.16
C PRO C 7 -43.95 -38.86 27.66
N GLN C 8 -45.04 -38.63 26.92
CA GLN C 8 -45.40 -37.27 26.54
C GLN C 8 -45.89 -36.48 27.74
N GLU C 9 -46.60 -37.15 28.65
CA GLU C 9 -47.07 -36.50 29.87
C GLU C 9 -45.92 -36.02 30.75
N TYR C 10 -44.73 -36.61 30.59
CA TYR C 10 -43.58 -36.12 31.35
C TYR C 10 -43.09 -34.79 30.78
N PHE C 11 -43.11 -34.65 29.44
CA PHE C 11 -42.78 -33.36 28.85
C PHE C 11 -43.83 -32.33 29.22
N LYS C 12 -45.07 -32.76 29.30
CA LYS C 12 -46.14 -31.87 29.69
C LYS C 12 -45.89 -31.42 31.11
N LEU C 13 -45.48 -32.36 31.96
CA LEU C 13 -45.23 -32.05 33.36
C LEU C 13 -44.11 -31.05 33.58
N ARG C 14 -43.01 -31.21 32.86
CA ARG C 14 -41.88 -30.30 33.03
C ARG C 14 -42.12 -28.98 32.32
N THR C 15 -42.88 -28.99 31.22
CA THR C 15 -43.29 -27.72 30.63
C THR C 15 -44.19 -26.94 31.56
N ALA C 16 -44.98 -27.65 32.38
CA ALA C 16 -45.75 -26.99 33.43
C ALA C 16 -44.84 -26.35 34.45
N LEU C 17 -43.84 -27.09 34.94
CA LEU C 17 -42.95 -26.54 35.96
C LEU C 17 -42.17 -25.34 35.42
N ILE C 18 -41.72 -25.42 34.17
CA ILE C 18 -40.94 -24.32 33.59
C ILE C 18 -41.83 -23.11 33.34
N ASN C 19 -43.06 -23.33 32.88
CA ASN C 19 -43.97 -22.21 32.63
C ASN C 19 -44.38 -21.53 33.94
N GLU C 20 -44.66 -22.31 34.98
CA GLU C 20 -44.94 -21.71 36.28
C GLU C 20 -43.72 -21.03 36.86
N ARG C 21 -42.52 -21.50 36.50
CA ARG C 21 -41.31 -20.82 36.95
C ARG C 21 -41.12 -19.49 36.22
N ARG C 22 -41.55 -19.40 34.96
CA ARG C 22 -41.45 -18.14 34.24
C ARG C 22 -42.61 -17.19 34.55
N SER C 23 -43.75 -17.72 35.03
CA SER C 23 -44.89 -16.91 35.40
C SER C 23 -44.78 -16.39 36.83
N LYS C 24 -43.81 -16.86 37.60
CA LYS C 24 -43.50 -16.31 38.90
C LYS C 24 -42.35 -15.31 38.84
N GLY C 25 -41.90 -14.98 37.63
CA GLY C 25 -40.87 -13.99 37.41
C GLY C 25 -39.46 -14.53 37.33
N ILE C 26 -39.29 -15.85 37.33
CA ILE C 26 -37.97 -16.47 37.22
C ILE C 26 -37.74 -16.91 35.79
N ASN C 27 -36.48 -16.81 35.35
CA ASN C 27 -36.13 -17.17 33.98
C ASN C 27 -35.56 -18.59 33.92
N PRO C 28 -36.23 -19.53 33.28
CA PRO C 28 -35.69 -20.90 33.20
C PRO C 28 -34.45 -21.04 32.33
N TYR C 29 -34.20 -20.10 31.42
CA TYR C 29 -33.10 -20.18 30.47
C TYR C 29 -32.18 -18.99 30.66
N PRO C 30 -31.17 -19.09 31.55
CA PRO C 30 -30.32 -17.92 31.83
C PRO C 30 -29.49 -17.45 30.63
N HIS C 31 -28.76 -16.37 30.83
CA HIS C 31 -28.09 -15.65 29.75
C HIS C 31 -26.63 -16.05 29.63
N LYS C 32 -25.87 -15.91 30.71
CA LYS C 32 -24.42 -16.11 30.72
C LYS C 32 -23.97 -16.84 31.96
N PHE C 33 -23.20 -17.92 31.77
CA PHE C 33 -22.49 -18.61 32.85
C PHE C 33 -21.00 -18.56 32.59
N HIS C 34 -20.23 -18.20 33.61
CA HIS C 34 -18.78 -18.08 33.50
C HIS C 34 -18.12 -19.42 33.81
N VAL C 35 -17.44 -19.99 32.83
CA VAL C 35 -16.77 -21.26 33.04
C VAL C 35 -15.34 -21.00 33.44
N SER C 36 -15.00 -21.28 34.69
CA SER C 36 -13.66 -21.04 35.18
C SER C 36 -12.57 -21.89 34.56
N ILE C 37 -12.84 -23.18 34.41
CA ILE C 37 -11.86 -24.08 33.86
C ILE C 37 -12.55 -25.16 33.04
N SER C 38 -11.89 -25.62 32.01
CA SER C 38 -12.47 -26.65 31.16
C SER C 38 -12.43 -28.01 31.87
N LEU C 39 -13.40 -28.86 31.54
CA LEU C 39 -13.48 -30.17 32.16
C LEU C 39 -12.22 -30.98 31.91
N ALA C 40 -11.76 -31.00 30.65
CA ALA C 40 -10.47 -31.62 30.34
C ALA C 40 -9.35 -31.01 31.18
N ASP C 41 -9.23 -29.69 31.12
CA ASP C 41 -8.22 -29.00 31.92
C ASP C 41 -8.45 -29.21 33.42
N PHE C 42 -9.69 -29.50 33.82
CA PHE C 42 -9.96 -29.83 35.22
C PHE C 42 -9.36 -31.18 35.57
N ILE C 43 -9.66 -32.21 34.77
CA ILE C 43 -9.18 -33.57 35.06
C ILE C 43 -7.66 -33.65 34.99
N ALA C 44 -7.05 -33.00 33.99
CA ALA C 44 -5.59 -33.03 33.91
C ALA C 44 -4.99 -32.35 35.13
N LYS C 45 -5.62 -31.28 35.59
CA LYS C 45 -5.26 -30.62 36.83
C LYS C 45 -5.93 -31.36 37.98
N TYR C 46 -5.61 -30.97 39.21
CA TYR C 46 -6.15 -31.63 40.41
C TYR C 46 -5.98 -33.14 40.38
N ASN C 47 -5.20 -33.66 39.43
CA ASN C 47 -4.89 -35.09 39.37
C ASN C 47 -4.08 -35.53 40.58
N SER C 48 -3.40 -34.60 41.22
CA SER C 48 -2.59 -34.86 42.40
C SER C 48 -3.43 -35.01 43.65
N LEU C 49 -4.75 -34.96 43.53
CA LEU C 49 -5.64 -35.10 44.67
C LEU C 49 -5.51 -36.48 45.30
N GLU C 50 -5.84 -36.55 46.59
CA GLU C 50 -5.78 -37.76 47.38
C GLU C 50 -7.20 -38.27 47.63
N LYS C 51 -7.31 -39.42 48.28
CA LYS C 51 -8.62 -39.97 48.59
C LYS C 51 -9.24 -39.19 49.76
N ASP C 52 -10.49 -38.80 49.58
CA ASP C 52 -11.24 -37.98 50.55
C ASP C 52 -10.49 -36.69 50.93
N VAL C 53 -10.17 -35.89 49.92
CA VAL C 53 -9.60 -34.57 50.15
C VAL C 53 -10.51 -33.55 49.47
N ILE C 54 -10.64 -32.37 50.07
CA ILE C 54 -11.44 -31.30 49.47
C ILE C 54 -10.71 -29.97 49.60
N LEU C 55 -10.49 -29.29 48.49
CA LEU C 55 -9.88 -27.95 48.52
C LEU C 55 -11.04 -26.98 48.61
N ASN C 56 -11.31 -26.48 49.82
CA ASN C 56 -12.42 -25.57 50.05
C ASN C 56 -12.01 -24.12 49.84
N ASP C 57 -10.72 -23.84 49.82
CA ASP C 57 -10.21 -22.49 49.59
C ASP C 57 -10.07 -22.17 48.11
N ILE C 58 -10.36 -23.14 47.24
CA ILE C 58 -10.27 -22.99 45.80
C ILE C 58 -11.68 -23.17 45.23
N VAL C 59 -12.10 -22.22 44.41
CA VAL C 59 -13.42 -22.25 43.79
C VAL C 59 -13.28 -22.23 42.28
N GLN C 60 -13.82 -23.25 41.63
CA GLN C 60 -13.82 -23.36 40.18
C GLN C 60 -15.24 -23.41 39.65
N SER C 61 -15.39 -23.00 38.39
CA SER C 61 -16.70 -22.93 37.72
C SER C 61 -16.61 -23.78 36.45
N VAL C 62 -17.33 -24.90 36.43
CA VAL C 62 -17.34 -25.81 35.30
C VAL C 62 -18.78 -26.04 34.87
N ALA C 63 -18.98 -26.33 33.59
CA ALA C 63 -20.32 -26.46 33.05
C ALA C 63 -20.41 -27.69 32.16
N GLY C 64 -21.61 -28.26 32.07
CA GLY C 64 -21.79 -29.42 31.22
C GLY C 64 -23.23 -29.90 31.24
N ARG C 65 -23.45 -31.04 30.61
CA ARG C 65 -24.77 -31.65 30.53
C ARG C 65 -24.84 -32.84 31.49
N VAL C 66 -25.94 -32.91 32.24
CA VAL C 66 -26.12 -33.98 33.22
C VAL C 66 -26.55 -35.25 32.49
N PHE C 67 -25.69 -36.26 32.51
CA PHE C 67 -25.99 -37.55 31.88
C PHE C 67 -26.74 -38.50 32.79
N SER C 68 -26.40 -38.53 34.08
CA SER C 68 -27.05 -39.44 35.02
C SER C 68 -27.14 -38.79 36.38
N LYS C 69 -28.22 -39.10 37.09
CA LYS C 69 -28.48 -38.56 38.42
C LYS C 69 -28.62 -39.73 39.38
N ARG C 70 -27.82 -39.73 40.44
CA ARG C 70 -27.81 -40.79 41.44
C ARG C 70 -28.12 -40.18 42.79
N GLU C 71 -29.18 -40.66 43.44
CA GLU C 71 -29.59 -40.18 44.73
C GLU C 71 -29.04 -41.07 45.84
N SER C 72 -28.50 -40.47 46.89
CA SER C 72 -28.06 -41.17 48.08
C SER C 72 -29.10 -41.11 49.18
N GLY C 73 -30.27 -40.53 48.91
CA GLY C 73 -31.34 -40.48 49.88
C GLY C 73 -31.02 -39.58 51.06
N GLY C 74 -30.69 -38.32 50.80
CA GLY C 74 -30.39 -37.38 51.86
C GLY C 74 -29.42 -36.27 51.51
N LYS C 75 -28.33 -36.17 52.28
CA LYS C 75 -27.31 -35.15 52.03
C LYS C 75 -26.78 -35.21 50.61
N LEU C 76 -26.38 -36.39 50.16
CA LEU C 76 -25.61 -36.53 48.94
C LEU C 76 -26.50 -36.85 47.73
N ILE C 77 -26.22 -36.17 46.63
CA ILE C 77 -26.83 -36.44 45.34
C ILE C 77 -25.70 -36.41 44.32
N PHE C 78 -25.62 -37.43 43.48
CA PHE C 78 -24.48 -37.60 42.58
C PHE C 78 -24.93 -37.34 41.15
N TYR C 79 -24.28 -36.39 40.49
CA TYR C 79 -24.51 -36.16 39.07
C TYR C 79 -23.25 -36.47 38.28
N ASP C 80 -23.43 -37.17 37.15
CA ASP C 80 -22.35 -37.43 36.20
C ASP C 80 -22.46 -36.44 35.06
N LEU C 81 -21.46 -35.56 34.93
CA LEU C 81 -21.52 -34.41 34.05
C LEU C 81 -20.64 -34.66 32.82
N HIS C 82 -21.25 -34.66 31.65
CA HIS C 82 -20.54 -34.83 30.39
C HIS C 82 -20.32 -33.48 29.74
N GLY C 83 -19.05 -33.19 29.46
CA GLY C 83 -18.67 -32.02 28.69
C GLY C 83 -17.59 -32.39 27.69
N GLU C 84 -17.79 -32.01 26.42
CA GLU C 84 -16.87 -32.34 25.32
C GLU C 84 -16.71 -33.85 25.30
N GLY C 85 -15.50 -34.40 25.38
CA GLY C 85 -15.30 -35.82 25.45
C GLY C 85 -15.03 -36.40 26.82
N THR C 86 -15.24 -35.63 27.89
CA THR C 86 -14.87 -36.06 29.24
C THR C 86 -16.08 -35.97 30.16
N ARG C 87 -15.96 -36.65 31.29
CA ARG C 87 -16.98 -36.63 32.34
C ARG C 87 -16.34 -36.24 33.66
N LEU C 88 -17.15 -35.60 34.51
CA LEU C 88 -16.73 -35.25 35.86
C LEU C 88 -17.94 -35.37 36.77
N GLN C 89 -17.72 -35.88 37.97
CA GLN C 89 -18.80 -36.15 38.91
C GLN C 89 -19.00 -34.93 39.80
N VAL C 90 -20.15 -34.28 39.67
CA VAL C 90 -20.49 -33.19 40.60
C VAL C 90 -21.22 -33.82 41.78
N LEU C 91 -20.66 -33.63 42.97
CA LEU C 91 -21.16 -34.21 44.21
C LEU C 91 -21.91 -33.13 44.96
N ALA C 92 -23.23 -33.24 45.00
CA ALA C 92 -24.08 -32.26 45.67
C ALA C 92 -24.23 -32.69 47.12
N ASN C 93 -23.56 -31.97 48.01
CA ASN C 93 -23.65 -32.20 49.45
C ASN C 93 -24.42 -31.06 50.08
N ALA C 94 -25.32 -31.41 51.00
CA ALA C 94 -26.14 -30.40 51.65
C ALA C 94 -25.35 -29.55 52.61
N ARG C 95 -24.23 -30.07 53.12
CA ARG C 95 -23.39 -29.30 54.04
C ARG C 95 -22.67 -28.17 53.31
N PHE C 96 -22.44 -28.32 52.01
CA PHE C 96 -21.74 -27.30 51.24
C PHE C 96 -22.68 -26.42 50.41
N HIS C 97 -23.99 -26.63 50.52
CA HIS C 97 -24.94 -25.79 49.79
C HIS C 97 -25.01 -24.40 50.41
N SER C 98 -24.67 -23.39 49.62
CA SER C 98 -24.70 -21.98 50.02
C SER C 98 -25.72 -21.23 49.16
N GLY C 99 -27.00 -21.34 49.47
CA GLY C 99 -28.00 -20.66 48.67
C GLY C 99 -29.32 -20.54 49.37
N ASP C 100 -30.12 -19.55 48.93
CA ASP C 100 -31.45 -19.34 49.48
C ASP C 100 -32.49 -20.21 48.79
N GLU C 101 -32.05 -21.22 48.05
CA GLU C 101 -32.90 -22.29 47.57
C GLU C 101 -32.74 -23.47 48.51
N ALA C 102 -33.87 -23.99 49.01
CA ALA C 102 -33.82 -25.17 49.85
C ALA C 102 -33.21 -26.33 49.08
N PHE C 103 -32.27 -27.04 49.72
CA PHE C 103 -31.61 -28.17 49.08
C PHE C 103 -32.61 -29.20 48.56
N ASP C 104 -33.79 -29.27 49.17
CA ASP C 104 -34.77 -30.25 48.73
C ASP C 104 -35.46 -29.80 47.44
N ASN C 105 -36.03 -28.60 47.46
CA ASN C 105 -36.70 -28.07 46.27
C ASN C 105 -35.75 -27.84 45.11
N LEU C 106 -34.48 -27.54 45.39
CA LEU C 106 -33.55 -27.20 44.32
C LEU C 106 -33.26 -28.39 43.43
N HIS C 107 -33.04 -29.56 44.01
CA HIS C 107 -32.65 -30.73 43.23
C HIS C 107 -33.85 -31.43 42.59
N ASP C 108 -35.07 -30.97 42.89
CA ASP C 108 -36.22 -31.35 42.09
C ASP C 108 -36.25 -30.59 40.78
N ARG C 109 -35.47 -29.52 40.69
CA ARG C 109 -35.38 -28.69 39.50
C ARG C 109 -34.43 -29.27 38.46
N ILE C 110 -33.42 -30.01 38.88
CA ILE C 110 -32.39 -30.55 37.99
C ILE C 110 -32.68 -32.02 37.72
N LYS C 111 -33.02 -32.32 36.47
CA LYS C 111 -33.22 -33.69 36.02
C LYS C 111 -32.11 -34.10 35.07
N ARG C 112 -32.17 -35.34 34.63
CA ARG C 112 -31.19 -35.85 33.68
C ARG C 112 -31.40 -35.19 32.33
N GLY C 113 -30.30 -34.89 31.65
CA GLY C 113 -30.35 -34.17 30.40
C GLY C 113 -30.25 -32.66 30.54
N ASP C 114 -30.53 -32.12 31.73
CA ASP C 114 -30.47 -30.69 31.93
C ASP C 114 -29.02 -30.22 31.87
N ILE C 115 -28.83 -29.04 31.30
CA ILE C 115 -27.51 -28.41 31.20
C ILE C 115 -27.31 -27.52 32.41
N ILE C 116 -26.24 -27.78 33.18
CA ILE C 116 -26.00 -27.04 34.39
C ILE C 116 -24.60 -26.42 34.38
N GLY C 117 -24.50 -25.27 35.04
CA GLY C 117 -23.23 -24.73 35.46
C GLY C 117 -23.05 -25.00 36.95
N VAL C 118 -21.80 -25.02 37.38
CA VAL C 118 -21.46 -25.39 38.76
C VAL C 118 -20.30 -24.53 39.24
N ASN C 119 -20.50 -23.90 40.39
CA ASN C 119 -19.43 -23.26 41.14
C ASN C 119 -19.16 -24.11 42.38
N GLY C 120 -17.95 -24.63 42.51
CA GLY C 120 -17.69 -25.55 43.59
C GLY C 120 -16.21 -25.75 43.84
N TYR C 121 -15.93 -26.65 44.78
CA TYR C 121 -14.60 -26.93 45.31
C TYR C 121 -14.05 -28.20 44.70
N PRO C 122 -12.84 -28.18 44.16
CA PRO C 122 -12.22 -29.42 43.69
C PRO C 122 -12.02 -30.39 44.85
N ALA C 123 -12.47 -31.62 44.65
CA ALA C 123 -12.35 -32.65 45.69
C ALA C 123 -12.23 -34.00 45.02
N ARG C 124 -11.66 -34.95 45.75
CA ARG C 124 -11.64 -36.35 45.33
C ARG C 124 -12.19 -37.16 46.48
N SER C 125 -13.28 -37.89 46.23
CA SER C 125 -14.01 -38.54 47.30
C SER C 125 -13.19 -39.66 47.95
N LYS C 126 -13.72 -40.18 49.05
CA LYS C 126 -13.06 -41.26 49.77
C LYS C 126 -12.84 -42.47 48.87
N SER C 127 -13.76 -42.70 47.95
CA SER C 127 -13.65 -43.77 46.97
C SER C 127 -12.71 -43.43 45.81
N GLY C 128 -12.19 -42.21 45.75
CA GLY C 128 -11.26 -41.84 44.70
C GLY C 128 -11.88 -41.10 43.52
N GLU C 129 -13.20 -41.00 43.47
CA GLU C 129 -13.85 -40.33 42.33
C GLU C 129 -13.49 -38.86 42.29
N LEU C 130 -12.90 -38.42 41.18
CA LEU C 130 -12.58 -37.00 41.05
C LEU C 130 -13.89 -36.24 40.87
N SER C 131 -14.03 -35.15 41.61
CA SER C 131 -15.32 -34.50 41.73
C SER C 131 -15.15 -33.02 42.01
N ILE C 132 -16.25 -32.29 41.81
CA ILE C 132 -16.37 -30.90 42.24
C ILE C 132 -17.60 -30.82 43.14
N ILE C 133 -17.44 -30.16 44.28
CA ILE C 133 -18.53 -30.05 45.25
C ILE C 133 -19.12 -28.65 45.12
N PRO C 134 -20.30 -28.51 44.51
CA PRO C 134 -20.85 -27.16 44.30
C PRO C 134 -21.43 -26.58 45.58
N TYR C 135 -21.13 -25.30 45.79
CA TYR C 135 -21.85 -24.52 46.78
C TYR C 135 -23.07 -23.85 46.16
N GLU C 136 -23.13 -23.81 44.83
CA GLU C 136 -24.26 -23.24 44.10
C GLU C 136 -24.37 -23.95 42.76
N ILE C 137 -25.61 -24.16 42.32
CA ILE C 137 -25.89 -24.79 41.04
C ILE C 137 -26.86 -23.89 40.28
N ILE C 138 -26.50 -23.54 39.06
CA ILE C 138 -27.31 -22.68 38.21
C ILE C 138 -27.75 -23.50 37.01
N GLN C 139 -29.07 -23.64 36.84
CA GLN C 139 -29.61 -24.47 35.77
C GLN C 139 -29.54 -23.67 34.47
N LEU C 140 -28.65 -24.09 33.57
CA LEU C 140 -28.43 -23.31 32.35
C LEU C 140 -29.47 -23.62 31.29
N THR C 141 -29.88 -24.88 31.16
CA THR C 141 -31.00 -25.16 30.29
C THR C 141 -31.77 -26.34 30.86
N PRO C 142 -33.10 -26.27 30.93
CA PRO C 142 -33.87 -27.47 31.25
C PRO C 142 -34.02 -28.36 30.02
N CYS C 143 -34.03 -29.66 30.26
CA CYS C 143 -34.32 -30.63 29.20
C CYS C 143 -35.78 -31.03 29.38
N LEU C 144 -36.64 -30.51 28.51
CA LEU C 144 -38.07 -30.67 28.68
C LEU C 144 -38.57 -32.05 28.24
N HIS C 145 -37.71 -32.87 27.66
CA HIS C 145 -38.10 -34.18 27.17
C HIS C 145 -37.46 -35.28 28.00
N MET C 146 -37.82 -36.52 27.69
CA MET C 146 -37.35 -37.70 28.41
C MET C 146 -36.29 -38.39 27.57
N LEU C 147 -35.07 -38.46 28.09
CA LEU C 147 -33.96 -39.12 27.43
C LEU C 147 -34.02 -40.63 27.61
N PRO C 148 -33.47 -41.40 26.68
CA PRO C 148 -33.51 -42.86 26.79
C PRO C 148 -32.70 -43.34 27.98
N HIS C 149 -33.07 -44.53 28.48
CA HIS C 149 -32.53 -45.08 29.71
C HIS C 149 -31.24 -45.88 29.51
N THR C 150 -30.49 -45.58 28.44
CA THR C 150 -29.24 -46.24 28.07
C THR C 150 -29.45 -47.69 27.65
N HIS C 151 -30.65 -48.22 27.87
CA HIS C 151 -31.06 -49.43 27.18
C HIS C 151 -31.64 -49.10 25.81
N PHE C 152 -31.70 -47.82 25.47
CA PHE C 152 -32.17 -47.34 24.18
C PHE C 152 -31.36 -46.11 23.81
N GLY C 153 -31.63 -45.57 22.63
CA GLY C 153 -30.94 -44.37 22.16
C GLY C 153 -29.81 -44.65 21.21
N ASN C 156 -32.69 -46.83 17.93
CA ASN C 156 -31.79 -46.82 16.79
C ASN C 156 -32.52 -46.59 15.47
N GLN C 157 -32.02 -47.22 14.41
CA GLN C 157 -32.57 -47.14 13.05
C GLN C 157 -32.66 -45.72 12.47
N GLU C 158 -33.81 -45.44 11.85
CA GLU C 158 -34.12 -44.19 11.17
C GLU C 158 -34.15 -42.95 12.03
N THR C 159 -34.58 -43.10 13.28
CA THR C 159 -34.68 -41.98 14.21
C THR C 159 -33.35 -41.29 14.48
N ARG C 160 -32.28 -42.07 14.53
CA ARG C 160 -30.95 -41.54 14.78
C ARG C 160 -30.51 -40.54 13.73
N TYR C 161 -30.89 -40.78 12.49
CA TYR C 161 -30.53 -39.89 11.38
C TYR C 161 -31.34 -38.60 11.33
N ARG C 162 -32.64 -38.70 11.58
CA ARG C 162 -33.50 -37.53 11.56
C ARG C 162 -33.15 -36.57 12.69
N MET C 163 -32.85 -37.12 13.85
CA MET C 163 -32.52 -36.30 15.01
C MET C 163 -31.11 -36.62 15.44
N ARG C 164 -30.17 -36.00 14.76
CA ARG C 164 -28.76 -36.19 15.01
C ARG C 164 -28.30 -35.70 16.38
N TYR C 165 -28.91 -34.64 16.88
CA TYR C 165 -28.51 -34.11 18.17
C TYR C 165 -28.69 -35.13 19.29
N LEU C 166 -29.78 -35.88 19.26
CA LEU C 166 -30.02 -36.92 20.25
C LEU C 166 -29.02 -38.07 20.14
N ASP C 167 -28.68 -38.44 18.91
CA ASP C 167 -27.74 -39.51 18.66
C ASP C 167 -26.39 -39.16 19.25
N LEU C 168 -25.95 -37.93 19.03
CA LEU C 168 -24.69 -37.46 19.59
C LEU C 168 -24.71 -37.43 21.11
N ILE C 169 -25.88 -37.26 21.72
CA ILE C 169 -25.97 -37.28 23.18
C ILE C 169 -25.79 -38.71 23.70
N MET C 170 -26.58 -39.65 23.18
CA MET C 170 -26.58 -41.00 23.75
C MET C 170 -25.41 -41.85 23.26
N ASN C 171 -24.94 -41.64 22.03
CA ASN C 171 -23.93 -42.48 21.39
C ASN C 171 -22.68 -41.67 21.05
N PRO C 172 -21.77 -41.48 22.01
CA PRO C 172 -20.59 -40.63 21.76
C PRO C 172 -19.68 -41.16 20.65
N ASP C 173 -19.85 -42.40 20.22
CA ASP C 173 -18.98 -42.92 19.19
C ASP C 173 -19.30 -42.29 17.85
N VAL C 174 -20.50 -41.74 17.70
CA VAL C 174 -20.79 -40.88 16.55
C VAL C 174 -19.90 -39.65 16.60
N LYS C 175 -19.73 -39.08 17.80
CA LYS C 175 -18.89 -37.89 17.95
C LYS C 175 -17.46 -38.19 17.56
N ASN C 176 -16.87 -39.26 18.11
CA ASN C 176 -15.52 -39.65 17.69
C ASN C 176 -15.50 -39.92 16.19
N ARG C 177 -16.58 -40.52 15.68
CA ARG C 177 -16.72 -40.83 14.25
C ARG C 177 -16.54 -39.58 13.39
N PHE C 178 -17.19 -38.47 13.76
CA PHE C 178 -17.07 -37.24 12.97
C PHE C 178 -15.76 -36.51 13.23
N VAL C 179 -15.30 -36.50 14.49
CA VAL C 179 -13.99 -35.90 14.80
C VAL C 179 -12.92 -36.48 13.90
N THR C 180 -12.95 -37.80 13.70
CA THR C 180 -11.98 -38.43 12.81
C THR C 180 -12.09 -37.89 11.39
N ARG C 181 -13.31 -37.73 10.87
CA ARG C 181 -13.51 -37.17 9.54
C ARG C 181 -12.91 -35.77 9.41
N SER C 182 -13.20 -34.89 10.38
CA SER C 182 -12.67 -33.53 10.29
C SER C 182 -11.15 -33.52 10.37
N ARG C 183 -10.58 -34.32 11.29
CA ARG C 183 -9.13 -34.46 11.33
C ARG C 183 -8.58 -35.02 10.03
N MET C 184 -9.41 -35.80 9.31
CA MET C 184 -9.01 -36.32 8.00
C MET C 184 -8.87 -35.19 6.99
N ILE C 185 -9.92 -34.38 6.84
CA ILE C 185 -9.84 -33.29 5.87
C ILE C 185 -8.70 -32.34 6.24
N SER C 186 -8.53 -32.08 7.54
CA SER C 186 -7.37 -31.33 8.00
C SER C 186 -6.06 -31.94 7.48
N PHE C 187 -5.91 -33.27 7.63
CA PHE C 187 -4.71 -33.93 7.13
C PHE C 187 -4.51 -33.74 5.63
N LEU C 188 -5.54 -34.08 4.84
CA LEU C 188 -5.42 -33.96 3.38
C LEU C 188 -5.05 -32.55 2.97
N ARG C 189 -5.69 -31.55 3.60
CA ARG C 189 -5.42 -30.16 3.27
C ARG C 189 -3.98 -29.76 3.65
N ARG C 190 -3.52 -30.20 4.82
CA ARG C 190 -2.14 -29.87 5.22
C ARG C 190 -1.12 -30.63 4.37
N TYR C 191 -1.54 -31.70 3.71
CA TYR C 191 -0.69 -32.45 2.79
C TYR C 191 -0.55 -31.70 1.46
N LEU C 192 -1.68 -31.42 0.83
CA LEU C 192 -1.65 -30.69 -0.45
C LEU C 192 -1.02 -29.32 -0.29
N ASP C 193 -1.30 -28.63 0.81
CA ASP C 193 -0.66 -27.34 1.05
C ASP C 193 0.84 -27.48 1.21
N ASN C 194 1.30 -28.61 1.76
CA ASN C 194 2.73 -28.87 1.82
C ASN C 194 3.31 -29.23 0.47
N LEU C 195 2.48 -29.60 -0.50
CA LEU C 195 2.96 -29.90 -1.85
C LEU C 195 2.99 -28.67 -2.77
N GLY C 196 2.73 -27.49 -2.23
CA GLY C 196 2.70 -26.28 -3.03
C GLY C 196 1.38 -25.98 -3.69
N PHE C 197 0.31 -26.63 -3.26
CA PHE C 197 -1.02 -26.41 -3.82
C PHE C 197 -1.63 -25.14 -3.24
N LEU C 198 -2.57 -24.58 -3.98
CA LEU C 198 -3.29 -23.39 -3.56
C LEU C 198 -4.78 -23.71 -3.57
N GLU C 199 -5.41 -23.70 -2.41
CA GLU C 199 -6.85 -23.97 -2.34
C GLU C 199 -7.61 -22.77 -2.89
N VAL C 200 -8.46 -23.02 -3.88
CA VAL C 200 -9.27 -22.01 -4.52
C VAL C 200 -10.73 -22.46 -4.49
N GLU C 201 -11.59 -21.66 -5.10
CA GLU C 201 -13.03 -21.94 -5.12
C GLU C 201 -13.59 -21.57 -6.49
N THR C 202 -14.53 -22.39 -6.96
CA THR C 202 -15.11 -22.29 -8.28
C THR C 202 -16.62 -22.15 -8.17
N PRO C 203 -17.29 -21.62 -9.20
CA PRO C 203 -18.73 -21.39 -9.08
C PRO C 203 -19.50 -22.70 -8.97
N MET C 204 -20.44 -22.75 -8.04
CA MET C 204 -21.32 -23.90 -7.89
C MET C 204 -22.58 -23.80 -8.75
N MET C 205 -22.72 -22.74 -9.54
CA MET C 205 -23.86 -22.57 -10.44
C MET C 205 -23.31 -22.23 -11.82
N ASN C 206 -23.66 -23.05 -12.81
CA ASN C 206 -23.14 -22.89 -14.16
C ASN C 206 -24.27 -22.94 -15.19
N LEU C 207 -23.95 -22.43 -16.38
CA LEU C 207 -24.87 -22.50 -17.51
C LEU C 207 -25.01 -23.93 -18.04
N ILE C 208 -23.93 -24.71 -17.99
CA ILE C 208 -23.95 -26.08 -18.49
C ILE C 208 -23.57 -27.11 -17.44
N ALA C 209 -23.15 -26.70 -16.25
CA ALA C 209 -22.78 -27.61 -15.16
C ALA C 209 -21.80 -28.69 -15.62
N GLY C 210 -20.63 -28.25 -16.08
CA GLY C 210 -19.62 -29.22 -16.43
C GLY C 210 -18.69 -29.42 -15.24
N GLY C 211 -18.07 -30.58 -15.17
CA GLY C 211 -18.28 -31.61 -16.17
C GLY C 211 -18.07 -33.00 -15.61
N ALA C 212 -19.16 -33.78 -15.63
CA ALA C 212 -19.17 -35.11 -15.07
C ALA C 212 -20.33 -35.87 -15.69
N THR C 213 -20.33 -37.19 -15.49
CA THR C 213 -21.35 -38.05 -16.06
C THR C 213 -22.46 -38.33 -15.03
N ALA C 214 -23.23 -37.29 -14.76
CA ALA C 214 -24.39 -37.44 -13.88
C ALA C 214 -25.47 -36.46 -14.30
N LYS C 215 -26.56 -36.45 -13.53
CA LYS C 215 -27.69 -35.56 -13.76
C LYS C 215 -27.63 -34.40 -12.78
N PRO C 216 -27.79 -33.17 -13.23
CA PRO C 216 -27.60 -32.03 -12.32
C PRO C 216 -28.89 -31.48 -11.76
N PHE C 217 -28.76 -30.59 -10.78
CA PHE C 217 -29.90 -29.86 -10.24
C PHE C 217 -30.10 -28.57 -11.02
N ILE C 218 -31.36 -28.26 -11.30
CA ILE C 218 -31.73 -27.04 -12.01
C ILE C 218 -32.45 -26.11 -11.05
N THR C 219 -31.97 -24.88 -10.96
CA THR C 219 -32.58 -23.84 -10.14
C THR C 219 -32.76 -22.61 -11.00
N HIS C 220 -33.48 -21.63 -10.49
CA HIS C 220 -33.73 -20.42 -11.25
C HIS C 220 -33.09 -19.27 -10.53
N HIS C 221 -32.34 -18.46 -11.28
CA HIS C 221 -31.71 -17.28 -10.72
C HIS C 221 -32.55 -16.13 -11.22
N ASN C 222 -33.21 -15.45 -10.28
CA ASN C 222 -34.14 -14.36 -10.59
C ASN C 222 -33.63 -13.08 -11.25
N ASP C 223 -32.45 -12.62 -10.87
CA ASP C 223 -31.93 -11.39 -11.43
C ASP C 223 -31.70 -11.42 -12.94
N LEU C 224 -31.22 -12.54 -13.45
CA LEU C 224 -30.90 -12.68 -14.86
C LEU C 224 -31.95 -13.25 -15.80
N ASP C 225 -33.14 -13.55 -15.31
CA ASP C 225 -34.16 -14.14 -16.16
C ASP C 225 -33.71 -15.42 -16.81
N MET C 226 -32.96 -16.23 -16.08
CA MET C 226 -32.47 -17.49 -16.62
C MET C 226 -32.27 -18.57 -15.58
N ASP C 227 -32.36 -19.82 -16.02
CA ASP C 227 -32.14 -20.97 -15.17
C ASP C 227 -30.68 -21.42 -15.14
N LEU C 228 -30.20 -21.81 -13.97
CA LEU C 228 -28.82 -22.23 -13.79
C LEU C 228 -28.76 -23.65 -13.26
N TYR C 229 -27.67 -24.34 -13.56
CA TYR C 229 -27.42 -25.69 -13.10
C TYR C 229 -26.42 -25.67 -11.95
N LEU C 230 -26.72 -26.41 -10.89
CA LEU C 230 -25.77 -26.58 -9.80
C LEU C 230 -24.61 -27.47 -10.25
N ARG C 231 -23.41 -27.16 -9.76
CA ARG C 231 -22.21 -27.84 -10.24
C ARG C 231 -22.21 -29.32 -9.91
N VAL C 232 -21.84 -30.14 -10.89
CA VAL C 232 -21.62 -31.56 -10.68
C VAL C 232 -20.15 -31.89 -10.52
N ALA C 233 -19.25 -30.94 -10.83
CA ALA C 233 -17.81 -31.08 -10.63
C ALA C 233 -17.12 -29.73 -10.84
N PRO C 234 -16.08 -29.43 -10.06
CA PRO C 234 -15.30 -28.22 -10.29
C PRO C 234 -14.28 -28.32 -11.42
N GLU C 235 -14.38 -29.34 -12.28
CA GLU C 235 -13.30 -29.69 -13.19
C GLU C 235 -12.93 -28.57 -14.15
N LEU C 236 -13.87 -28.21 -15.03
CA LEU C 236 -13.56 -27.31 -16.14
C LEU C 236 -12.93 -26.02 -15.63
N TYR C 237 -13.43 -25.50 -14.51
CA TYR C 237 -12.88 -24.28 -13.94
C TYR C 237 -11.44 -24.47 -13.48
N LEU C 238 -11.18 -25.55 -12.74
CA LEU C 238 -9.82 -25.80 -12.27
C LEU C 238 -8.86 -25.88 -13.45
N LYS C 239 -9.29 -26.52 -14.55
CA LYS C 239 -8.42 -26.60 -15.72
C LYS C 239 -8.17 -25.22 -16.34
N MET C 240 -9.21 -24.38 -16.40
CA MET C 240 -8.99 -23.02 -16.88
C MET C 240 -8.03 -22.27 -15.98
N LEU C 241 -8.11 -22.52 -14.67
CA LEU C 241 -7.15 -21.93 -13.74
C LEU C 241 -5.74 -22.43 -14.01
N VAL C 242 -5.60 -23.68 -14.44
CA VAL C 242 -4.28 -24.20 -14.78
C VAL C 242 -3.74 -23.53 -16.04
N VAL C 243 -4.64 -23.22 -16.99
CA VAL C 243 -4.22 -22.49 -18.19
C VAL C 243 -3.56 -21.17 -17.81
N GLY C 244 -4.12 -20.47 -16.83
CA GLY C 244 -3.69 -19.14 -16.46
C GLY C 244 -2.43 -19.04 -15.64
N GLY C 245 -1.68 -20.13 -15.49
CA GLY C 245 -0.39 -20.07 -14.84
C GLY C 245 -0.34 -20.64 -13.43
N ILE C 246 -1.48 -21.05 -12.87
CA ILE C 246 -1.46 -21.73 -11.58
C ILE C 246 -1.19 -23.20 -11.87
N ASP C 247 -0.01 -23.66 -11.49
CA ASP C 247 0.44 -25.00 -11.88
C ASP C 247 -0.19 -26.08 -11.02
N ARG C 248 -0.51 -25.76 -9.78
CA ARG C 248 -1.10 -26.71 -8.86
C ARG C 248 -2.35 -26.06 -8.27
N VAL C 249 -3.51 -26.58 -8.65
CA VAL C 249 -4.79 -26.04 -8.25
C VAL C 249 -5.46 -27.08 -7.36
N TYR C 250 -6.20 -26.64 -6.35
CA TYR C 250 -6.73 -27.55 -5.38
C TYR C 250 -8.04 -27.01 -4.81
N GLU C 251 -9.06 -27.88 -4.73
CA GLU C 251 -10.35 -27.48 -4.19
C GLU C 251 -11.01 -28.64 -3.46
N ILE C 252 -11.30 -28.46 -2.18
CA ILE C 252 -12.21 -29.34 -1.44
C ILE C 252 -13.55 -28.62 -1.34
N GLY C 253 -14.61 -29.26 -1.81
CA GLY C 253 -15.92 -28.64 -1.76
C GLY C 253 -16.98 -29.59 -2.25
N ARG C 254 -18.23 -29.22 -1.97
CA ARG C 254 -19.34 -30.11 -2.27
C ARG C 254 -19.72 -30.10 -3.74
N VAL C 255 -20.46 -31.14 -4.10
CA VAL C 255 -20.90 -31.43 -5.46
C VAL C 255 -22.33 -31.96 -5.37
N PHE C 256 -23.15 -31.54 -6.33
CA PHE C 256 -24.60 -31.78 -6.31
C PHE C 256 -24.93 -32.66 -7.51
N ARG C 257 -25.40 -33.87 -7.23
CA ARG C 257 -25.77 -34.82 -8.28
C ARG C 257 -27.17 -35.33 -7.98
N ASN C 258 -28.00 -35.42 -9.02
CA ASN C 258 -29.42 -35.70 -8.85
C ASN C 258 -29.71 -37.19 -8.78
N GLU C 259 -28.68 -38.02 -8.68
CA GLU C 259 -28.86 -39.47 -8.63
C GLU C 259 -29.49 -39.83 -7.29
N GLY C 260 -30.34 -40.86 -7.31
CA GLY C 260 -31.07 -41.28 -6.14
C GLY C 260 -30.26 -41.54 -4.88
N ILE C 261 -30.94 -41.64 -3.74
CA ILE C 261 -30.28 -41.83 -2.46
C ILE C 261 -29.98 -43.33 -2.28
N ASP C 262 -28.83 -43.62 -1.67
CA ASP C 262 -28.40 -45.01 -1.49
C ASP C 262 -27.65 -45.10 -0.18
N GLN C 263 -27.09 -46.28 0.10
CA GLN C 263 -26.18 -46.43 1.23
C GLN C 263 -24.79 -45.89 0.91
N THR C 264 -24.40 -45.92 -0.37
CA THR C 264 -23.13 -45.35 -0.81
C THR C 264 -23.31 -44.06 -1.61
N HIS C 265 -24.53 -43.56 -1.73
CA HIS C 265 -24.81 -42.38 -2.55
C HIS C 265 -25.64 -41.37 -1.76
N ASN C 266 -25.31 -40.10 -1.94
CA ASN C 266 -26.03 -38.96 -1.41
C ASN C 266 -26.07 -37.89 -2.49
N PRO C 267 -27.22 -37.23 -2.70
CA PRO C 267 -27.32 -36.26 -3.80
C PRO C 267 -26.28 -35.15 -3.71
N GLU C 268 -25.89 -34.77 -2.50
CA GLU C 268 -24.89 -33.74 -2.25
C GLU C 268 -23.76 -34.37 -1.46
N PHE C 269 -22.56 -34.38 -2.01
CA PHE C 269 -21.45 -35.02 -1.32
C PHE C 269 -20.18 -34.18 -1.45
N THR C 270 -19.28 -34.37 -0.50
CA THR C 270 -18.05 -33.60 -0.45
C THR C 270 -17.01 -34.25 -1.35
N SER C 271 -16.49 -33.48 -2.31
CA SER C 271 -15.51 -33.97 -3.26
C SER C 271 -14.24 -33.15 -3.15
N CYS C 272 -13.10 -33.81 -3.27
CA CYS C 272 -11.82 -33.13 -3.31
C CYS C 272 -11.19 -33.37 -4.67
N GLU C 273 -10.97 -32.29 -5.42
CA GLU C 273 -10.35 -32.39 -6.72
C GLU C 273 -9.13 -31.48 -6.76
N PHE C 274 -8.05 -31.95 -7.36
CA PHE C 274 -6.87 -31.13 -7.56
C PHE C 274 -6.25 -31.45 -8.90
N TYR C 275 -5.56 -30.46 -9.47
CA TYR C 275 -4.93 -30.59 -10.78
C TYR C 275 -3.47 -30.18 -10.66
N MET C 276 -2.60 -31.02 -11.23
CA MET C 276 -1.16 -30.88 -11.11
C MET C 276 -0.55 -30.86 -12.50
N ALA C 277 0.15 -29.77 -12.82
CA ALA C 277 0.77 -29.64 -14.13
C ALA C 277 2.08 -30.42 -14.22
N TYR C 278 2.43 -30.80 -15.45
CA TYR C 278 3.69 -31.48 -15.76
C TYR C 278 3.80 -32.81 -15.02
N ALA C 279 2.71 -33.56 -15.06
CA ALA C 279 2.67 -34.91 -14.50
C ALA C 279 1.69 -35.74 -15.31
N ASP C 280 2.00 -37.01 -15.48
CA ASP C 280 1.07 -37.96 -16.08
C ASP C 280 0.33 -38.69 -14.96
N TYR C 281 -0.59 -39.57 -15.35
CA TYR C 281 -1.37 -40.30 -14.35
C TYR C 281 -0.53 -41.32 -13.61
N GLU C 282 0.58 -41.76 -14.21
CA GLU C 282 1.50 -42.65 -13.51
C GLU C 282 2.16 -41.96 -12.32
N ASP C 283 2.27 -40.63 -12.36
CA ASP C 283 2.70 -39.88 -11.18
C ASP C 283 1.61 -39.87 -10.12
N LEU C 284 0.36 -39.65 -10.54
CA LEU C 284 -0.76 -39.61 -9.60
C LEU C 284 -0.98 -40.94 -8.92
N MET C 285 -0.65 -42.06 -9.58
CA MET C 285 -0.73 -43.34 -8.89
C MET C 285 0.25 -43.40 -7.73
N LYS C 286 1.50 -43.03 -7.99
CA LYS C 286 2.53 -42.99 -6.96
C LYS C 286 2.27 -41.90 -5.93
N ILE C 287 1.29 -41.01 -6.18
CA ILE C 287 0.88 -40.06 -5.16
C ILE C 287 -0.21 -40.68 -4.31
N THR C 288 -1.31 -41.12 -4.95
CA THR C 288 -2.42 -41.73 -4.23
C THR C 288 -1.96 -42.85 -3.30
N GLU C 289 -1.04 -43.71 -3.76
CA GLU C 289 -0.47 -44.73 -2.89
C GLU C 289 0.13 -44.10 -1.63
N ASP C 290 1.03 -43.13 -1.83
CA ASP C 290 1.70 -42.45 -0.72
C ASP C 290 0.69 -41.85 0.26
N MET C 291 -0.23 -41.04 -0.26
CA MET C 291 -1.19 -40.33 0.58
C MET C 291 -2.08 -41.30 1.35
N LEU C 292 -2.73 -42.23 0.66
CA LEU C 292 -3.64 -43.14 1.35
C LEU C 292 -2.91 -43.98 2.39
N ALA C 293 -1.67 -44.40 2.07
CA ALA C 293 -0.89 -45.17 3.03
C ALA C 293 -0.60 -44.35 4.29
N ARG C 294 -0.01 -43.16 4.10
CA ARG C 294 0.36 -42.33 5.26
C ARG C 294 -0.87 -41.86 6.04
N MET C 295 -2.02 -41.74 5.37
CA MET C 295 -3.24 -41.35 6.07
C MET C 295 -3.76 -42.49 6.93
N VAL C 296 -3.80 -43.70 6.37
CA VAL C 296 -4.24 -44.86 7.13
C VAL C 296 -3.32 -45.09 8.32
N TYR C 297 -2.00 -45.04 8.10
CA TYR C 297 -1.06 -45.20 9.20
C TYR C 297 -1.17 -44.06 10.19
N TYR C 298 -1.57 -42.88 9.72
CA TYR C 298 -1.75 -41.73 10.59
C TYR C 298 -2.91 -41.94 11.54
N MET C 299 -4.02 -42.50 11.03
CA MET C 299 -5.23 -42.58 11.84
C MET C 299 -5.26 -43.79 12.77
N HIS C 300 -5.04 -44.99 12.23
CA HIS C 300 -5.20 -46.22 13.01
C HIS C 300 -3.91 -46.81 13.54
N GLY C 301 -2.75 -46.28 13.14
CA GLY C 301 -1.49 -46.82 13.60
C GLY C 301 -0.94 -47.95 12.77
N THR C 302 -1.73 -48.52 11.86
CA THR C 302 -1.28 -49.63 11.04
C THR C 302 -1.79 -49.41 9.62
N TYR C 303 -1.13 -50.08 8.67
CA TYR C 303 -1.51 -49.95 7.27
C TYR C 303 -2.70 -50.83 6.88
N LYS C 304 -3.01 -51.86 7.67
CA LYS C 304 -4.06 -52.81 7.35
C LYS C 304 -5.21 -52.66 8.35
N ILE C 305 -6.41 -52.32 7.85
CA ILE C 305 -7.56 -52.12 8.72
C ILE C 305 -8.71 -52.98 8.22
N GLN C 306 -9.61 -53.30 9.14
CA GLN C 306 -10.77 -54.12 8.82
C GLN C 306 -11.92 -53.26 8.32
N TYR C 307 -12.82 -53.89 7.56
CA TYR C 307 -14.04 -53.24 7.11
C TYR C 307 -15.16 -54.27 7.14
N HIS C 308 -16.33 -53.92 7.65
CA HIS C 308 -17.43 -54.88 7.68
C HIS C 308 -18.59 -54.39 6.85
N PRO C 309 -18.91 -55.13 5.79
CA PRO C 309 -20.03 -54.80 4.92
C PRO C 309 -21.35 -54.93 5.66
N ASN C 310 -21.48 -55.94 6.50
CA ASN C 310 -22.70 -56.16 7.27
C ASN C 310 -23.03 -55.06 8.26
N GLY C 311 -21.99 -54.54 8.92
CA GLY C 311 -22.16 -53.50 9.90
C GLY C 311 -21.53 -53.81 11.25
N ILE C 312 -20.37 -54.43 11.21
CA ILE C 312 -19.59 -54.75 12.39
C ILE C 312 -20.26 -55.72 13.33
N VAL C 313 -21.20 -56.52 12.82
CA VAL C 313 -21.92 -57.46 13.64
C VAL C 313 -21.94 -58.85 13.04
N GLU C 314 -20.78 -59.50 13.11
CA GLU C 314 -20.54 -60.88 12.63
C GLU C 314 -20.70 -61.11 11.12
N ASN C 315 -20.58 -60.03 10.35
CA ASN C 315 -20.68 -60.11 8.90
C ASN C 315 -19.36 -60.52 8.28
N PRO C 316 -19.36 -60.77 6.98
CA PRO C 316 -18.11 -61.14 6.34
C PRO C 316 -17.17 -59.96 6.49
N VAL C 317 -15.93 -60.21 6.91
CA VAL C 317 -15.00 -59.11 7.03
C VAL C 317 -14.01 -58.96 5.89
N TYR C 318 -13.93 -57.75 5.35
CA TYR C 318 -12.94 -57.49 4.32
C TYR C 318 -11.72 -56.90 5.03
N GLU C 319 -10.54 -57.38 4.68
CA GLU C 319 -9.30 -56.94 5.33
C GLU C 319 -8.60 -55.96 4.40
N VAL C 320 -9.00 -54.69 4.47
CA VAL C 320 -8.47 -53.69 3.54
C VAL C 320 -7.00 -53.43 3.87
N ASP C 321 -6.15 -53.56 2.86
CA ASP C 321 -4.70 -53.43 2.99
C ASP C 321 -4.24 -52.27 2.12
N PHE C 322 -3.78 -51.20 2.77
CA PHE C 322 -3.37 -49.98 2.07
C PHE C 322 -1.85 -49.88 1.86
N THR C 323 -1.10 -50.94 2.14
CA THR C 323 0.33 -50.90 1.88
C THR C 323 0.60 -50.78 0.39
N PRO C 324 1.43 -49.81 -0.05
CA PRO C 324 1.85 -49.70 -1.45
C PRO C 324 2.79 -50.82 -1.83
N PRO C 325 2.78 -51.25 -3.11
CA PRO C 325 2.01 -50.66 -4.21
C PRO C 325 0.74 -51.43 -4.50
N PHE C 326 -0.35 -50.71 -4.75
CA PHE C 326 -1.62 -51.35 -5.07
C PHE C 326 -1.51 -52.09 -6.40
N ARG C 327 -2.23 -53.21 -6.51
CA ARG C 327 -2.22 -53.97 -7.76
C ARG C 327 -2.84 -53.14 -8.89
N LYS C 328 -2.29 -53.30 -10.09
CA LYS C 328 -2.76 -52.62 -11.28
C LYS C 328 -3.51 -53.59 -12.19
N VAL C 329 -4.60 -53.11 -12.77
CA VAL C 329 -5.49 -53.91 -13.62
C VAL C 329 -5.88 -53.09 -14.83
N ASN C 330 -6.05 -53.76 -15.96
CA ASN C 330 -6.54 -53.18 -17.19
C ASN C 330 -8.01 -53.54 -17.35
N ILE C 331 -8.73 -52.71 -18.13
CA ILE C 331 -10.13 -53.01 -18.40
C ILE C 331 -10.25 -54.19 -19.36
N TYR C 332 -9.52 -54.10 -20.47
CA TYR C 332 -9.62 -55.09 -21.53
C TYR C 332 -9.07 -56.44 -21.09
N ASP C 333 -7.89 -56.47 -20.50
CA ASP C 333 -7.29 -57.74 -20.09
C ASP C 333 -8.19 -58.47 -19.08
N GLY C 334 -8.58 -57.78 -18.01
CA GLY C 334 -9.37 -58.43 -16.98
C GLY C 334 -10.76 -58.82 -17.43
N LEU C 335 -11.38 -58.01 -18.28
CA LEU C 335 -12.71 -58.37 -18.77
C LEU C 335 -12.64 -59.46 -19.83
N GLN C 336 -11.55 -59.52 -20.60
CA GLN C 336 -11.33 -60.59 -21.56
C GLN C 336 -11.08 -61.92 -20.87
N GLU C 337 -10.26 -61.92 -19.81
CA GLU C 337 -10.02 -63.15 -19.07
C GLU C 337 -11.28 -63.59 -18.31
N LYS C 338 -12.02 -62.63 -17.74
CA LYS C 338 -13.24 -62.99 -17.02
C LYS C 338 -14.29 -63.56 -17.97
N LEU C 339 -14.51 -62.91 -19.11
CA LEU C 339 -15.54 -63.36 -20.03
C LEU C 339 -15.06 -64.42 -21.02
N GLY C 340 -13.77 -64.50 -21.29
CA GLY C 340 -13.32 -65.49 -22.27
C GLY C 340 -13.62 -65.10 -23.69
N ILE C 341 -13.52 -63.81 -24.03
CA ILE C 341 -13.77 -63.34 -25.39
C ILE C 341 -12.72 -62.30 -25.78
N GLN C 342 -12.64 -62.05 -27.09
CA GLN C 342 -11.71 -61.09 -27.67
C GLN C 342 -12.47 -59.87 -28.19
N PHE C 343 -12.03 -58.68 -27.78
CA PHE C 343 -12.72 -57.44 -28.12
C PHE C 343 -11.91 -56.60 -29.10
N PRO C 344 -12.58 -55.65 -29.75
CA PRO C 344 -11.91 -54.73 -30.68
C PRO C 344 -11.44 -53.48 -29.94
N PRO C 345 -10.23 -53.01 -30.23
CA PRO C 345 -9.68 -51.82 -29.53
C PRO C 345 -10.48 -50.53 -29.73
N ALA C 346 -10.89 -50.26 -30.96
CA ALA C 346 -11.69 -49.08 -31.23
C ALA C 346 -13.08 -49.59 -31.48
N ASP C 347 -14.03 -49.19 -30.65
CA ASP C 347 -15.39 -49.69 -30.78
C ASP C 347 -16.44 -48.60 -30.79
N THR C 348 -16.46 -47.84 -31.87
CA THR C 348 -17.44 -46.80 -32.05
C THR C 348 -18.46 -47.29 -33.07
N LEU C 349 -18.38 -48.57 -33.43
CA LEU C 349 -19.29 -49.07 -34.46
C LEU C 349 -20.61 -49.53 -33.87
N ASP C 350 -21.67 -49.36 -34.66
CA ASP C 350 -22.94 -50.01 -34.37
C ASP C 350 -22.77 -51.53 -34.40
N THR C 351 -22.06 -52.03 -35.43
CA THR C 351 -21.75 -53.45 -35.47
C THR C 351 -21.02 -53.86 -34.20
N ASP C 352 -20.20 -52.96 -33.66
CA ASP C 352 -19.58 -53.20 -32.37
C ASP C 352 -20.58 -53.08 -31.24
N GLU C 353 -21.65 -52.31 -31.43
CA GLU C 353 -22.68 -52.18 -30.40
C GLU C 353 -23.43 -53.49 -30.23
N ALA C 354 -23.67 -54.21 -31.33
CA ALA C 354 -24.29 -55.52 -31.22
C ALA C 354 -23.43 -56.52 -30.45
N ASN C 355 -22.11 -56.40 -30.56
CA ASN C 355 -21.23 -57.37 -29.88
C ASN C 355 -21.30 -57.23 -28.37
N LYS C 356 -21.21 -56.02 -27.84
CA LYS C 356 -21.30 -55.87 -26.39
C LYS C 356 -22.67 -56.29 -25.90
N PHE C 357 -23.71 -55.90 -26.63
CA PHE C 357 -25.07 -56.26 -26.27
C PHE C 357 -25.28 -57.77 -26.35
N PHE C 358 -24.65 -58.40 -27.34
CA PHE C 358 -24.78 -59.84 -27.53
C PHE C 358 -24.22 -60.57 -26.33
N ASP C 359 -23.08 -60.11 -25.81
CA ASP C 359 -22.47 -60.72 -24.62
C ASP C 359 -23.01 -60.09 -23.33
N LYS C 360 -24.31 -60.19 -23.11
CA LYS C 360 -24.96 -59.63 -21.94
C LYS C 360 -24.57 -60.26 -20.61
N LEU C 361 -24.43 -61.59 -20.61
CA LEU C 361 -24.10 -62.38 -19.42
C LEU C 361 -25.16 -62.05 -18.38
N ALA C 362 -26.34 -61.77 -18.92
CA ALA C 362 -27.56 -61.40 -18.21
C ALA C 362 -27.29 -60.37 -17.11
N VAL C 363 -26.34 -59.47 -17.33
CA VAL C 363 -26.03 -58.49 -16.29
C VAL C 363 -27.18 -57.49 -16.13
N GLU C 364 -27.80 -57.08 -17.23
CA GLU C 364 -28.94 -56.15 -17.20
C GLU C 364 -29.61 -56.05 -18.56
N PRO C 372 -31.52 -47.25 -21.95
CA PRO C 372 -30.81 -47.12 -23.22
C PRO C 372 -29.53 -47.95 -23.25
N ARG C 373 -29.33 -48.70 -24.34
CA ARG C 373 -28.17 -49.58 -24.47
C ARG C 373 -27.18 -48.96 -25.44
N THR C 374 -26.07 -48.43 -24.91
CA THR C 374 -24.97 -47.94 -25.71
C THR C 374 -23.70 -48.65 -25.28
N THR C 375 -22.66 -48.52 -26.10
CA THR C 375 -21.39 -49.21 -25.80
C THR C 375 -20.82 -48.76 -24.46
N ALA C 376 -20.96 -47.46 -24.15
CA ALA C 376 -20.40 -46.93 -22.90
C ALA C 376 -21.20 -47.38 -21.69
N ARG C 377 -22.54 -47.34 -21.80
CA ARG C 377 -23.37 -47.77 -20.68
C ARG C 377 -23.25 -49.27 -20.46
N LEU C 378 -23.20 -50.04 -21.55
CA LEU C 378 -22.98 -51.47 -21.44
C LEU C 378 -21.64 -51.78 -20.79
N LEU C 379 -20.57 -51.13 -21.26
CA LEU C 379 -19.27 -51.33 -20.65
C LEU C 379 -19.27 -50.97 -19.18
N ASP C 380 -19.93 -49.88 -18.80
CA ASP C 380 -19.95 -49.49 -17.40
C ASP C 380 -20.62 -50.59 -16.60
N LYS C 381 -21.71 -51.14 -17.15
CA LYS C 381 -22.44 -52.23 -16.52
C LYS C 381 -21.62 -53.52 -16.43
N LEU C 382 -20.90 -53.86 -17.50
CA LEU C 382 -20.07 -55.06 -17.50
C LEU C 382 -18.99 -54.96 -16.46
N ILE C 383 -18.33 -53.81 -16.40
CA ILE C 383 -17.32 -53.55 -15.39
C ILE C 383 -17.94 -53.60 -14.00
N GLY C 384 -19.11 -53.01 -13.83
CA GLY C 384 -19.67 -53.02 -12.51
C GLY C 384 -19.98 -54.41 -12.03
N GLU C 385 -20.60 -55.20 -12.89
CA GLU C 385 -20.94 -56.57 -12.53
C GLU C 385 -19.79 -57.55 -12.34
N PHE C 386 -18.81 -57.53 -13.24
CA PHE C 386 -17.74 -58.53 -13.15
C PHE C 386 -16.42 -58.17 -12.50
N LEU C 387 -15.85 -57.04 -12.86
CA LEU C 387 -14.54 -56.68 -12.33
C LEU C 387 -14.59 -56.00 -10.97
N GLU C 388 -15.57 -55.13 -10.75
CA GLU C 388 -15.57 -54.25 -9.57
C GLU C 388 -15.81 -54.99 -8.26
N PRO C 389 -16.78 -55.91 -8.15
CA PRO C 389 -17.00 -56.58 -6.86
C PRO C 389 -15.80 -57.39 -6.39
N THR C 390 -14.86 -57.70 -7.27
CA THR C 390 -13.64 -58.39 -6.88
C THR C 390 -12.70 -57.49 -6.09
N PHE C 391 -12.94 -56.19 -6.07
CA PHE C 391 -12.00 -55.23 -5.49
C PHE C 391 -12.36 -54.97 -4.03
N ILE C 392 -11.55 -55.51 -3.12
CA ILE C 392 -11.64 -55.22 -1.70
C ILE C 392 -10.39 -54.47 -1.24
N SER C 393 -9.22 -55.09 -1.39
CA SER C 393 -7.99 -54.33 -1.31
C SER C 393 -7.99 -53.27 -2.40
N PRO C 394 -7.40 -52.09 -2.14
CA PRO C 394 -7.37 -51.03 -3.16
C PRO C 394 -6.79 -51.49 -4.48
N THR C 395 -7.48 -51.17 -5.57
CA THR C 395 -7.10 -51.64 -6.89
C THR C 395 -7.20 -50.52 -7.91
N PHE C 396 -6.17 -50.39 -8.75
CA PHE C 396 -6.16 -49.46 -9.86
C PHE C 396 -6.83 -50.09 -11.07
N LEU C 397 -7.81 -49.39 -11.64
CA LEU C 397 -8.49 -49.83 -12.85
C LEU C 397 -8.12 -48.87 -13.97
N THR C 398 -7.40 -49.38 -14.97
CA THR C 398 -6.70 -48.53 -15.94
C THR C 398 -7.26 -48.74 -17.34
N GLY C 399 -7.01 -47.74 -18.19
CA GLY C 399 -7.32 -47.81 -19.61
C GLY C 399 -8.79 -47.88 -19.96
N HIS C 400 -9.56 -46.88 -19.52
CA HIS C 400 -10.96 -46.78 -19.92
C HIS C 400 -11.09 -46.31 -21.37
N PRO C 401 -12.19 -46.67 -22.04
CA PRO C 401 -12.42 -46.19 -23.41
C PRO C 401 -12.59 -44.67 -23.48
N GLN C 402 -12.49 -44.14 -24.71
CA GLN C 402 -12.75 -42.72 -24.93
C GLN C 402 -14.23 -42.39 -24.94
N ILE C 403 -15.11 -43.38 -25.12
CA ILE C 403 -16.53 -43.09 -25.20
C ILE C 403 -17.12 -42.82 -23.82
N MET C 404 -16.50 -43.35 -22.76
CA MET C 404 -16.93 -43.09 -21.40
C MET C 404 -16.01 -42.13 -20.66
N SER C 405 -14.97 -41.62 -21.33
CA SER C 405 -13.98 -40.75 -20.69
C SER C 405 -13.61 -39.65 -21.68
N PRO C 406 -14.48 -38.63 -21.81
CA PRO C 406 -14.23 -37.61 -22.84
C PRO C 406 -13.09 -36.66 -22.52
N LEU C 407 -12.82 -36.41 -21.25
CA LEU C 407 -11.87 -35.38 -20.86
C LEU C 407 -10.49 -35.93 -20.54
N ALA C 408 -10.26 -37.21 -20.78
CA ALA C 408 -8.96 -37.82 -20.57
C ALA C 408 -8.21 -37.88 -21.90
N LYS C 409 -6.89 -37.64 -21.84
CA LYS C 409 -6.09 -37.71 -23.05
C LYS C 409 -5.97 -39.14 -23.55
N TRP C 410 -5.77 -39.28 -24.86
CA TRP C 410 -5.64 -40.59 -25.47
C TRP C 410 -4.39 -41.30 -24.97
N HIS C 411 -4.43 -42.63 -25.04
CA HIS C 411 -3.30 -43.45 -24.62
C HIS C 411 -2.18 -43.37 -25.65
N ARG C 412 -0.94 -43.29 -25.18
CA ARG C 412 0.20 -43.21 -26.09
C ARG C 412 0.37 -44.49 -26.89
N SER C 413 -0.28 -45.59 -26.50
CA SER C 413 -0.13 -46.87 -27.17
C SER C 413 -1.43 -47.37 -27.78
N ILE C 414 -2.46 -47.62 -26.97
CA ILE C 414 -3.69 -48.25 -27.41
C ILE C 414 -4.63 -47.23 -28.04
N PRO C 415 -4.95 -47.38 -29.33
CA PRO C 415 -5.77 -46.35 -30.00
C PRO C 415 -7.17 -46.17 -29.43
N GLY C 416 -7.72 -47.20 -28.79
CA GLY C 416 -9.07 -47.12 -28.24
C GLY C 416 -9.16 -46.94 -26.75
N LEU C 417 -8.07 -46.58 -26.07
CA LEU C 417 -8.07 -46.37 -24.63
C LEU C 417 -7.57 -44.97 -24.27
N THR C 418 -7.86 -44.58 -23.03
CA THR C 418 -7.46 -43.30 -22.46
C THR C 418 -6.56 -43.55 -21.25
N GLU C 419 -5.93 -42.48 -20.78
CA GLU C 419 -5.02 -42.53 -19.66
C GLU C 419 -5.72 -42.37 -18.31
N ARG C 420 -7.06 -42.44 -18.31
CA ARG C 420 -7.83 -42.44 -17.07
C ARG C 420 -7.50 -43.68 -16.23
N PHE C 421 -7.62 -43.51 -14.91
CA PHE C 421 -7.65 -44.67 -14.02
C PHE C 421 -8.60 -44.36 -12.87
N GLU C 422 -9.21 -45.41 -12.33
CA GLU C 422 -10.05 -45.31 -11.15
C GLU C 422 -9.40 -46.10 -10.02
N LEU C 423 -9.78 -45.78 -8.79
CA LEU C 423 -9.27 -46.50 -7.63
C LEU C 423 -10.46 -47.02 -6.83
N PHE C 424 -10.51 -48.35 -6.67
CA PHE C 424 -11.59 -49.01 -5.97
C PHE C 424 -11.10 -49.57 -4.64
N VAL C 425 -11.90 -49.35 -3.61
CA VAL C 425 -11.74 -50.00 -2.31
C VAL C 425 -13.11 -50.51 -1.90
N VAL C 426 -13.15 -51.71 -1.31
CA VAL C 426 -14.35 -52.43 -0.91
C VAL C 426 -15.45 -52.26 -1.96
N THR C 427 -15.13 -52.60 -3.20
CA THR C 427 -16.06 -52.64 -4.34
C THR C 427 -16.70 -51.29 -4.64
N LYS C 428 -16.04 -50.19 -4.29
CA LYS C 428 -16.57 -48.87 -4.61
C LYS C 428 -15.46 -47.93 -5.04
N GLU C 429 -15.82 -47.03 -5.95
CA GLU C 429 -14.89 -46.10 -6.59
C GLU C 429 -14.75 -44.86 -5.72
N ILE C 430 -13.56 -44.61 -5.20
CA ILE C 430 -13.34 -43.43 -4.36
C ILE C 430 -12.47 -42.38 -5.04
N VAL C 431 -11.81 -42.72 -6.14
CA VAL C 431 -10.89 -41.82 -6.82
C VAL C 431 -11.07 -41.96 -8.32
N ASN C 432 -10.98 -40.84 -9.03
CA ASN C 432 -11.02 -40.80 -10.49
C ASN C 432 -10.01 -39.76 -10.94
N ALA C 433 -9.09 -40.19 -11.81
CA ALA C 433 -8.04 -39.30 -12.28
C ALA C 433 -7.77 -39.59 -13.75
N TYR C 434 -7.11 -38.64 -14.41
CA TYR C 434 -6.65 -38.87 -15.77
C TYR C 434 -5.60 -37.84 -16.13
N THR C 435 -4.94 -38.06 -17.28
CA THR C 435 -4.04 -37.08 -17.86
C THR C 435 -4.88 -36.18 -18.75
N GLU C 436 -4.98 -34.90 -18.37
CA GLU C 436 -5.99 -34.03 -18.95
C GLU C 436 -5.75 -33.78 -20.43
N LEU C 437 -6.85 -33.75 -21.18
CA LEU C 437 -6.80 -33.54 -22.62
C LEU C 437 -6.53 -32.07 -22.93
N ASN C 438 -5.39 -31.80 -23.54
CA ASN C 438 -5.01 -30.45 -23.92
C ASN C 438 -5.29 -30.16 -25.38
N ASP C 439 -5.99 -31.08 -26.06
CA ASP C 439 -6.23 -30.99 -27.49
C ASP C 439 -7.56 -30.30 -27.75
N PRO C 440 -7.58 -29.15 -28.43
CA PRO C 440 -8.86 -28.51 -28.77
C PRO C 440 -9.68 -29.26 -29.80
N LEU C 441 -9.20 -30.38 -30.32
CA LEU C 441 -10.02 -31.28 -31.14
C LEU C 441 -10.57 -32.36 -30.21
N THR C 442 -11.68 -32.04 -29.56
CA THR C 442 -12.32 -32.91 -28.58
C THR C 442 -13.69 -33.33 -29.11
N GLN C 443 -13.83 -34.63 -29.39
CA GLN C 443 -15.06 -35.20 -29.93
C GLN C 443 -16.00 -35.52 -28.78
N ARG C 444 -17.23 -34.99 -28.84
CA ARG C 444 -18.17 -35.13 -27.74
C ARG C 444 -19.28 -36.14 -28.03
N LEU C 445 -19.96 -36.52 -26.95
CA LEU C 445 -20.93 -37.60 -26.99
C LEU C 445 -22.12 -37.24 -27.87
N ARG C 446 -22.46 -38.15 -28.80
CA ARG C 446 -23.51 -37.86 -29.77
C ARG C 446 -24.90 -37.93 -29.12
N PHE C 447 -25.16 -38.99 -28.34
CA PHE C 447 -26.52 -39.21 -27.87
C PHE C 447 -26.89 -38.25 -26.74
N ASP C 448 -25.96 -37.97 -25.83
CA ASP C 448 -26.14 -36.98 -24.77
C ASP C 448 -27.37 -37.27 -23.93
N GLU C 449 -27.44 -38.49 -23.40
CA GLU C 449 -28.56 -38.94 -22.59
C GLU C 449 -28.07 -39.18 -21.17
N GLN C 450 -28.54 -38.34 -20.23
CA GLN C 450 -28.26 -38.49 -18.80
C GLN C 450 -26.77 -38.44 -18.50
N ALA C 451 -26.02 -37.64 -19.26
CA ALA C 451 -24.58 -37.50 -19.05
C ALA C 451 -24.08 -36.20 -19.65
N ILE C 464 -19.13 -30.22 -22.06
CA ILE C 464 -19.93 -29.70 -23.15
C ILE C 464 -20.06 -28.19 -23.05
N ASP C 465 -18.95 -27.53 -22.71
CA ASP C 465 -18.91 -26.09 -22.49
C ASP C 465 -18.19 -25.43 -23.66
N GLU C 466 -18.79 -24.37 -24.20
CA GLU C 466 -18.16 -23.65 -25.31
C GLU C 466 -16.94 -22.88 -24.85
N ASN C 467 -17.03 -22.23 -23.68
CA ASN C 467 -15.91 -21.43 -23.19
C ASN C 467 -14.72 -22.28 -22.77
N TYR C 468 -14.94 -23.58 -22.55
CA TYR C 468 -13.85 -24.46 -22.11
C TYR C 468 -12.91 -24.78 -23.27
N CYS C 469 -13.46 -25.19 -24.42
CA CYS C 469 -12.59 -25.46 -25.57
C CYS C 469 -11.81 -24.21 -25.98
N THR C 470 -12.45 -23.03 -25.89
CA THR C 470 -11.74 -21.79 -26.17
C THR C 470 -10.68 -21.51 -25.11
N ALA C 471 -10.88 -22.01 -23.88
CA ALA C 471 -9.82 -21.92 -22.90
C ALA C 471 -8.67 -22.85 -23.26
N LEU C 472 -8.99 -24.00 -23.86
CA LEU C 472 -7.97 -24.93 -24.32
C LEU C 472 -7.20 -24.38 -25.51
N GLU C 473 -7.80 -23.49 -26.29
CA GLU C 473 -7.07 -22.93 -27.44
C GLU C 473 -5.91 -22.04 -27.01
N TYR C 474 -6.04 -21.35 -25.88
CA TYR C 474 -4.90 -20.61 -25.35
C TYR C 474 -3.82 -21.54 -24.81
N GLY C 475 -4.12 -22.81 -24.63
CA GLY C 475 -3.14 -23.83 -24.32
C GLY C 475 -3.25 -24.31 -22.88
N LEU C 476 -3.19 -25.63 -22.72
CA LEU C 476 -3.20 -26.30 -21.43
C LEU C 476 -1.92 -27.10 -21.32
N PRO C 477 -1.08 -26.85 -20.32
CA PRO C 477 0.14 -27.65 -20.16
C PRO C 477 -0.21 -29.11 -19.93
N PRO C 478 0.71 -30.02 -20.21
CA PRO C 478 0.46 -31.43 -19.90
C PRO C 478 0.12 -31.56 -18.43
N THR C 479 -1.04 -32.15 -18.15
CA THR C 479 -1.63 -32.01 -16.83
C THR C 479 -2.17 -33.35 -16.35
N ALA C 480 -2.25 -33.49 -15.03
CA ALA C 480 -2.83 -34.65 -14.38
C ALA C 480 -3.93 -34.15 -13.46
N GLY C 481 -5.16 -34.55 -13.73
CA GLY C 481 -6.29 -34.22 -12.88
C GLY C 481 -6.68 -35.38 -11.99
N TRP C 482 -7.19 -35.05 -10.81
CA TRP C 482 -7.41 -36.05 -9.79
C TRP C 482 -8.61 -35.63 -8.93
N GLY C 483 -9.41 -36.61 -8.53
CA GLY C 483 -10.58 -36.33 -7.72
C GLY C 483 -10.93 -37.51 -6.85
N MET C 484 -11.57 -37.24 -5.72
CA MET C 484 -11.88 -38.26 -4.74
C MET C 484 -13.14 -37.88 -3.99
N GLY C 485 -14.00 -38.87 -3.75
CA GLY C 485 -15.12 -38.69 -2.85
C GLY C 485 -14.64 -38.65 -1.41
N ILE C 486 -14.89 -37.54 -0.71
CA ILE C 486 -14.44 -37.41 0.67
C ILE C 486 -15.32 -38.24 1.60
N ASP C 487 -16.65 -38.17 1.40
CA ASP C 487 -17.57 -38.91 2.25
C ASP C 487 -17.36 -40.41 2.15
N ARG C 488 -16.90 -40.90 0.99
CA ARG C 488 -16.73 -42.34 0.78
C ARG C 488 -15.44 -42.84 1.43
N LEU C 489 -14.35 -42.07 1.31
CA LEU C 489 -13.14 -42.42 2.07
C LEU C 489 -13.41 -42.34 3.56
N ALA C 490 -14.28 -41.42 3.97
CA ALA C 490 -14.72 -41.38 5.37
C ALA C 490 -15.52 -42.62 5.72
N MET C 491 -16.35 -43.11 4.80
CA MET C 491 -17.06 -44.37 5.00
C MET C 491 -16.08 -45.52 5.26
N ILE C 492 -15.08 -45.65 4.40
CA ILE C 492 -14.12 -46.75 4.53
C ILE C 492 -13.37 -46.64 5.85
N LEU C 493 -12.80 -45.48 6.14
CA LEU C 493 -11.97 -45.35 7.33
C LEU C 493 -12.81 -45.30 8.61
N THR C 494 -14.12 -45.09 8.51
CA THR C 494 -15.04 -45.12 9.63
C THR C 494 -15.67 -46.49 9.87
N ASP C 495 -15.55 -47.42 8.92
CA ASP C 495 -16.20 -48.72 9.00
C ASP C 495 -17.73 -48.56 9.14
N SER C 496 -18.30 -47.83 8.18
CA SER C 496 -19.74 -47.65 8.09
C SER C 496 -20.21 -48.17 6.73
N ASN C 497 -21.24 -49.02 6.74
CA ASN C 497 -21.77 -49.55 5.49
C ASN C 497 -22.68 -48.55 4.79
N ASN C 498 -23.09 -47.49 5.48
CA ASN C 498 -24.05 -46.52 4.98
C ASN C 498 -23.40 -45.15 5.02
N ILE C 499 -23.55 -44.39 3.92
CA ILE C 499 -22.96 -43.06 3.86
C ILE C 499 -23.63 -42.11 4.83
N LYS C 500 -24.86 -42.41 5.24
CA LYS C 500 -25.58 -41.55 6.17
C LYS C 500 -24.91 -41.46 7.54
N GLU C 501 -24.01 -42.40 7.86
CA GLU C 501 -23.35 -42.38 9.17
C GLU C 501 -22.19 -41.41 9.24
N VAL C 502 -21.61 -41.02 8.11
CA VAL C 502 -20.54 -40.01 8.10
C VAL C 502 -21.07 -38.63 7.75
N LEU C 503 -22.38 -38.48 7.55
CA LEU C 503 -22.99 -37.19 7.28
C LEU C 503 -23.86 -36.81 8.47
N PHE C 504 -23.71 -35.57 8.94
CA PHE C 504 -24.46 -35.12 10.11
C PHE C 504 -25.96 -35.13 9.84
N PHE C 505 -26.37 -34.52 8.74
CA PHE C 505 -27.78 -34.41 8.36
C PHE C 505 -27.88 -34.96 6.94
N PRO C 506 -28.07 -36.27 6.80
CA PRO C 506 -28.13 -36.87 5.47
C PRO C 506 -29.43 -36.55 4.75
N ALA C 507 -29.63 -37.15 3.58
CA ALA C 507 -30.80 -36.89 2.76
C ALA C 507 -31.95 -37.85 3.04
N MET C 508 -31.91 -38.55 4.17
CA MET C 508 -32.97 -39.49 4.53
C MET C 508 -34.30 -38.76 4.66
N ARG C 509 -35.28 -39.19 3.86
CA ARG C 509 -36.60 -38.57 3.87
C ARG C 509 -37.62 -39.48 3.18
N GLU D 9 51.77 34.18 -20.17
CA GLU D 9 52.72 34.74 -19.22
C GLU D 9 53.44 33.63 -18.47
N TYR D 10 53.19 33.56 -17.16
CA TYR D 10 53.70 32.48 -16.33
C TYR D 10 52.93 31.19 -16.57
N PHE D 11 51.66 31.31 -16.95
CA PHE D 11 50.82 30.15 -17.25
C PHE D 11 51.35 29.33 -18.43
N LYS D 12 51.95 29.97 -19.42
CA LYS D 12 52.47 29.24 -20.57
C LYS D 12 53.56 28.24 -20.17
N LEU D 13 54.46 28.63 -19.28
CA LEU D 13 55.54 27.72 -18.87
C LEU D 13 54.99 26.48 -18.19
N ARG D 14 54.05 26.66 -17.27
CA ARG D 14 53.53 25.51 -16.52
C ARG D 14 52.57 24.66 -17.35
N THR D 15 51.90 25.29 -18.29
CA THR D 15 51.04 24.55 -19.19
C THR D 15 51.95 23.62 -20.01
N ALA D 16 53.08 24.14 -20.43
CA ALA D 16 54.03 23.36 -21.20
C ALA D 16 54.60 22.21 -20.39
N LEU D 17 54.95 22.50 -19.14
CA LEU D 17 55.52 21.50 -18.24
C LEU D 17 54.54 20.39 -17.97
N ILE D 18 53.28 20.75 -17.83
CA ILE D 18 52.24 19.76 -17.60
C ILE D 18 52.02 18.92 -18.85
N ASN D 19 52.06 19.56 -20.02
CA ASN D 19 51.90 18.80 -21.26
C ASN D 19 53.10 17.88 -21.49
N GLU D 20 54.31 18.35 -21.19
CA GLU D 20 55.49 17.51 -21.31
C GLU D 20 55.47 16.36 -20.30
N ARG D 21 54.81 16.54 -19.15
CA ARG D 21 54.61 15.42 -18.25
C ARG D 21 53.55 14.45 -18.79
N ARG D 22 52.57 14.97 -19.54
CA ARG D 22 51.58 14.10 -20.15
C ARG D 22 52.11 13.42 -21.42
N SER D 23 53.12 14.00 -22.06
CA SER D 23 53.73 13.40 -23.24
C SER D 23 54.80 12.38 -22.89
N LYS D 24 55.19 12.29 -21.61
CA LYS D 24 56.09 11.26 -21.13
C LYS D 24 55.36 10.08 -20.52
N GLY D 25 54.03 10.07 -20.61
CA GLY D 25 53.23 8.96 -20.10
C GLY D 25 52.75 9.12 -18.67
N ILE D 26 52.94 10.28 -18.07
CA ILE D 26 52.49 10.54 -16.71
C ILE D 26 51.18 11.32 -16.75
N ASN D 27 50.33 11.06 -15.75
CA ASN D 27 49.04 11.73 -15.66
C ASN D 27 49.17 12.92 -14.73
N PRO D 28 49.09 14.16 -15.22
CA PRO D 28 49.20 15.31 -14.32
C PRO D 28 48.03 15.48 -13.38
N TYR D 29 46.89 14.82 -13.63
CA TYR D 29 45.67 15.00 -12.86
C TYR D 29 45.18 13.64 -12.37
N PRO D 30 45.68 13.18 -11.20
CA PRO D 30 45.31 11.85 -10.71
C PRO D 30 43.84 11.68 -10.41
N HIS D 31 43.44 10.47 -10.01
CA HIS D 31 42.03 10.09 -9.93
C HIS D 31 41.46 10.22 -8.53
N LYS D 32 42.03 9.51 -7.56
CA LYS D 32 41.49 9.46 -6.21
C LYS D 32 42.63 9.47 -5.20
N PHE D 33 42.54 10.37 -4.23
CA PHE D 33 43.46 10.38 -3.10
C PHE D 33 42.68 10.09 -1.83
N HIS D 34 43.18 9.15 -1.02
CA HIS D 34 42.51 8.72 0.19
C HIS D 34 42.95 9.60 1.35
N VAL D 35 42.01 10.40 1.88
CA VAL D 35 42.27 11.25 3.02
C VAL D 35 42.06 10.43 4.28
N SER D 36 43.11 10.27 5.08
CA SER D 36 43.00 9.50 6.31
C SER D 36 42.23 10.26 7.37
N ILE D 37 42.62 11.50 7.64
CA ILE D 37 41.99 12.33 8.66
C ILE D 37 41.87 13.74 8.12
N SER D 38 40.79 14.41 8.52
CA SER D 38 40.59 15.81 8.14
C SER D 38 41.59 16.68 8.89
N LEU D 39 41.86 17.86 8.33
CA LEU D 39 42.80 18.80 8.92
C LEU D 39 42.35 19.24 10.29
N ALA D 40 41.06 19.49 10.45
CA ALA D 40 40.57 19.91 11.74
C ALA D 40 40.78 18.81 12.75
N ASP D 41 40.45 17.59 12.36
CA ASP D 41 40.59 16.43 13.22
C ASP D 41 42.04 16.17 13.54
N PHE D 42 42.91 16.35 12.55
CA PHE D 42 44.34 16.13 12.73
C PHE D 42 44.88 17.04 13.84
N ILE D 43 44.63 18.34 13.71
CA ILE D 43 45.11 19.28 14.73
C ILE D 43 44.43 19.04 16.07
N ALA D 44 43.13 18.72 16.05
CA ALA D 44 42.42 18.43 17.29
C ALA D 44 42.96 17.20 18.00
N LYS D 45 43.39 16.19 17.23
CA LYS D 45 43.91 14.98 17.86
C LYS D 45 45.35 15.14 18.32
N TYR D 46 46.20 15.72 17.49
CA TYR D 46 47.63 15.85 17.81
C TYR D 46 47.99 17.20 18.41
N ASN D 47 46.99 17.99 18.81
CA ASN D 47 47.27 19.24 19.50
C ASN D 47 47.94 18.99 20.85
N SER D 48 47.77 17.79 21.42
CA SER D 48 48.38 17.46 22.69
C SER D 48 49.83 17.04 22.54
N LEU D 49 50.37 17.04 21.31
CA LEU D 49 51.78 16.76 21.12
C LEU D 49 52.59 17.88 21.75
N GLU D 50 53.83 17.56 22.12
CA GLU D 50 54.66 18.55 22.78
C GLU D 50 56.10 18.42 22.30
N LYS D 51 56.92 19.37 22.78
CA LYS D 51 58.35 19.43 22.50
C LYS D 51 58.66 19.36 21.01
N ASP D 52 59.50 18.38 20.62
CA ASP D 52 60.02 18.20 19.28
C ASP D 52 59.93 16.69 19.04
N VAL D 53 58.69 16.20 18.89
CA VAL D 53 58.45 14.77 18.75
C VAL D 53 57.92 14.46 17.36
N ILE D 54 58.28 13.28 16.89
CA ILE D 54 57.85 12.75 15.60
C ILE D 54 57.35 11.33 15.81
N LEU D 55 56.10 11.07 15.42
CA LEU D 55 55.46 9.77 15.62
C LEU D 55 55.71 8.92 14.37
N ASN D 56 56.62 7.95 14.48
CA ASN D 56 56.96 7.10 13.34
C ASN D 56 56.08 5.86 13.23
N ASP D 57 55.34 5.50 14.29
CA ASP D 57 54.46 4.35 14.22
C ASP D 57 53.10 4.69 13.66
N ILE D 58 52.82 5.96 13.41
CA ILE D 58 51.55 6.42 12.86
C ILE D 58 51.82 7.13 11.54
N VAL D 59 51.08 6.73 10.51
CA VAL D 59 51.17 7.33 9.18
C VAL D 59 49.78 7.85 8.82
N GLN D 60 49.69 9.15 8.54
CA GLN D 60 48.43 9.79 8.21
C GLN D 60 48.48 10.36 6.80
N SER D 61 47.30 10.47 6.19
CA SER D 61 47.16 10.97 4.81
C SER D 61 46.21 12.15 4.82
N VAL D 62 46.73 13.35 4.55
CA VAL D 62 45.95 14.57 4.52
C VAL D 62 46.18 15.28 3.20
N ALA D 63 45.18 16.02 2.74
CA ALA D 63 45.26 16.69 1.46
C ALA D 63 44.72 18.11 1.59
N GLY D 64 45.22 19.00 0.73
CA GLY D 64 44.75 20.37 0.77
C GLY D 64 45.41 21.18 -0.33
N ARG D 65 45.18 22.48 -0.29
CA ARG D 65 45.76 23.38 -1.28
C ARG D 65 46.93 24.14 -0.66
N VAL D 66 48.04 24.19 -1.39
CA VAL D 66 49.25 24.85 -0.90
C VAL D 66 49.09 26.36 -1.08
N PHE D 67 49.06 27.08 0.05
CA PHE D 67 48.93 28.52 0.03
C PHE D 67 50.27 29.20 -0.17
N SER D 68 51.32 28.71 0.48
CA SER D 68 52.64 29.30 0.35
C SER D 68 53.68 28.21 0.50
N LYS D 69 54.78 28.35 -0.24
CA LYS D 69 55.89 27.42 -0.18
C LYS D 69 57.13 28.23 0.22
N ARG D 70 57.82 27.75 1.24
CA ARG D 70 59.00 28.42 1.78
C ARG D 70 60.19 27.48 1.64
N GLU D 71 61.18 27.89 0.86
CA GLU D 71 62.37 27.10 0.65
C GLU D 71 63.42 27.42 1.69
N SER D 72 64.07 26.42 2.26
CA SER D 72 65.11 26.67 3.23
C SER D 72 66.26 25.78 2.85
N GLY D 73 66.75 25.97 1.63
CA GLY D 73 67.80 25.13 1.12
C GLY D 73 67.20 23.86 0.53
N GLY D 74 68.06 22.95 0.08
CA GLY D 74 67.57 21.72 -0.48
C GLY D 74 66.83 20.79 0.47
N LYS D 75 67.36 20.64 1.68
CA LYS D 75 66.80 19.71 2.66
C LYS D 75 65.39 19.91 3.24
N LEU D 76 65.03 21.13 3.59
CA LEU D 76 63.72 21.34 4.20
C LEU D 76 62.85 22.34 3.47
N ILE D 77 61.58 22.00 3.27
CA ILE D 77 60.69 22.93 2.57
C ILE D 77 59.36 22.99 3.32
N PHE D 78 58.88 24.20 3.57
CA PHE D 78 57.71 24.42 4.41
C PHE D 78 56.54 24.85 3.52
N TYR D 79 55.44 24.09 3.60
CA TYR D 79 54.21 24.43 2.90
C TYR D 79 53.12 24.77 3.91
N ASP D 80 52.36 25.82 3.64
CA ASP D 80 51.19 26.14 4.45
C ASP D 80 49.98 25.59 3.73
N LEU D 81 49.34 24.57 4.32
CA LEU D 81 48.33 23.77 3.64
C LEU D 81 46.96 24.16 4.15
N HIS D 82 46.12 24.66 3.25
CA HIS D 82 44.77 25.08 3.59
C HIS D 82 43.76 23.99 3.23
N GLY D 83 42.99 23.58 4.24
CA GLY D 83 41.86 22.69 4.07
C GLY D 83 40.72 23.24 4.89
N GLU D 84 39.54 23.37 4.29
CA GLU D 84 38.36 23.95 4.92
C GLU D 84 38.75 25.33 5.43
N GLY D 85 38.59 25.64 6.71
CA GLY D 85 38.99 26.91 7.27
C GLY D 85 40.31 26.89 8.02
N THR D 86 41.12 25.83 7.88
CA THR D 86 42.30 25.65 8.71
C THR D 86 43.56 25.48 7.86
N ARG D 87 44.70 25.84 8.44
CA ARG D 87 46.01 25.61 7.85
C ARG D 87 46.78 24.59 8.68
N LEU D 88 47.69 23.88 8.01
CA LEU D 88 48.62 22.96 8.65
C LEU D 88 49.95 23.05 7.93
N GLN D 89 51.05 23.00 8.68
CA GLN D 89 52.38 23.19 8.11
C GLN D 89 52.93 21.83 7.69
N VAL D 90 53.13 21.65 6.39
CA VAL D 90 53.77 20.45 5.86
C VAL D 90 55.27 20.72 5.82
N LEU D 91 56.03 19.95 6.60
CA LEU D 91 57.48 20.10 6.69
C LEU D 91 58.11 18.95 5.91
N ALA D 92 58.65 19.29 4.74
CA ALA D 92 59.26 18.31 3.85
C ALA D 92 60.75 18.19 4.18
N ASN D 93 61.13 17.06 4.76
CA ASN D 93 62.52 16.75 5.09
C ASN D 93 63.04 15.66 4.15
N ALA D 94 64.28 15.83 3.69
CA ALA D 94 64.86 14.90 2.73
C ALA D 94 65.16 13.54 3.35
N ARG D 95 65.38 13.47 4.67
CA ARG D 95 65.63 12.17 5.28
C ARG D 95 64.39 11.30 5.28
N PHE D 96 63.20 11.91 5.24
CA PHE D 96 61.96 11.15 5.29
C PHE D 96 61.37 10.92 3.91
N HIS D 97 62.00 11.40 2.85
CA HIS D 97 61.50 11.15 1.50
C HIS D 97 61.74 9.71 1.07
N SER D 98 60.65 8.99 0.81
CA SER D 98 60.67 7.64 0.26
C SER D 98 60.03 7.76 -1.11
N GLY D 99 60.84 7.86 -2.16
CA GLY D 99 60.30 8.09 -3.49
C GLY D 99 61.32 7.82 -4.57
N ASP D 100 60.80 7.57 -5.77
CA ASP D 100 61.66 7.24 -6.92
C ASP D 100 62.17 8.48 -7.65
N GLU D 101 61.53 9.63 -7.49
CA GLU D 101 62.08 10.88 -8.01
C GLU D 101 62.90 11.60 -6.95
N ALA D 102 63.90 12.36 -7.42
CA ALA D 102 64.76 13.10 -6.53
C ALA D 102 63.99 14.22 -5.84
N PHE D 103 64.50 14.64 -4.68
CA PHE D 103 63.85 15.68 -3.89
C PHE D 103 63.84 17.01 -4.65
N ASP D 104 64.83 17.22 -5.51
CA ASP D 104 64.94 18.46 -6.27
C ASP D 104 63.92 18.49 -7.39
N ASN D 105 63.90 17.46 -8.23
CA ASN D 105 62.92 17.41 -9.31
C ASN D 105 61.50 17.40 -8.74
N LEU D 106 61.31 16.80 -7.56
CA LEU D 106 59.99 16.71 -6.99
C LEU D 106 59.51 18.08 -6.51
N HIS D 107 60.34 18.79 -5.75
CA HIS D 107 59.86 20.03 -5.16
C HIS D 107 60.01 21.23 -6.10
N ASP D 108 60.71 21.06 -7.22
CA ASP D 108 60.59 22.02 -8.32
C ASP D 108 59.35 21.77 -9.16
N ARG D 109 58.78 20.57 -9.04
CA ARG D 109 57.55 20.23 -9.76
C ARG D 109 56.31 20.75 -9.05
N ILE D 110 56.39 20.91 -7.73
CA ILE D 110 55.27 21.36 -6.91
C ILE D 110 55.48 22.82 -6.55
N LYS D 111 54.63 23.69 -7.07
CA LYS D 111 54.67 25.12 -6.78
C LYS D 111 53.43 25.56 -6.00
N ARG D 112 53.38 26.87 -5.72
CA ARG D 112 52.31 27.48 -4.95
C ARG D 112 50.97 27.41 -5.69
N GLY D 113 49.89 27.22 -4.93
CA GLY D 113 48.56 27.07 -5.47
C GLY D 113 48.13 25.65 -5.75
N ASP D 114 49.07 24.72 -5.84
CA ASP D 114 48.75 23.34 -6.20
C ASP D 114 47.99 22.63 -5.08
N ILE D 115 47.08 21.75 -5.47
CA ILE D 115 46.38 20.88 -4.53
C ILE D 115 47.17 19.58 -4.44
N ILE D 116 47.62 19.26 -3.23
CA ILE D 116 48.50 18.12 -2.99
C ILE D 116 47.90 17.18 -1.94
N GLY D 117 48.25 15.90 -2.06
CA GLY D 117 48.09 14.94 -1.01
C GLY D 117 49.42 14.65 -0.32
N VAL D 118 49.35 14.20 0.91
CA VAL D 118 50.52 13.97 1.75
C VAL D 118 50.29 12.73 2.61
N ASN D 119 51.22 11.78 2.54
CA ASN D 119 51.29 10.68 3.49
C ASN D 119 52.54 10.86 4.33
N GLY D 120 52.36 11.00 5.65
CA GLY D 120 53.51 11.33 6.48
C GLY D 120 53.21 11.11 7.95
N TYR D 121 54.20 11.46 8.76
CA TYR D 121 54.21 11.22 10.20
C TYR D 121 53.84 12.49 10.95
N PRO D 122 52.88 12.42 11.86
CA PRO D 122 52.56 13.57 12.70
C PRO D 122 53.73 13.97 13.57
N ALA D 123 54.03 15.27 13.58
CA ALA D 123 55.15 15.78 14.36
C ALA D 123 54.84 17.20 14.80
N ARG D 124 55.53 17.64 15.85
CA ARG D 124 55.50 19.03 16.27
C ARG D 124 56.95 19.49 16.32
N SER D 125 57.28 20.49 15.50
CA SER D 125 58.66 20.87 15.31
C SER D 125 59.24 21.52 16.56
N LYS D 126 60.55 21.78 16.51
CA LYS D 126 61.21 22.47 17.60
C LYS D 126 60.58 23.83 17.83
N SER D 127 60.13 24.48 16.76
CA SER D 127 59.49 25.79 16.87
C SER D 127 58.08 25.72 17.44
N GLY D 128 57.53 24.52 17.61
CA GLY D 128 56.21 24.36 18.17
C GLY D 128 55.09 24.26 17.14
N GLU D 129 55.37 24.60 15.88
CA GLU D 129 54.35 24.55 14.85
C GLU D 129 53.94 23.10 14.59
N LEU D 130 52.65 22.81 14.74
CA LEU D 130 52.18 21.45 14.50
C LEU D 130 52.28 21.15 13.00
N SER D 131 52.79 19.97 12.68
CA SER D 131 53.18 19.67 11.32
C SER D 131 53.03 18.19 11.01
N ILE D 132 53.03 17.88 9.71
CA ILE D 132 53.09 16.51 9.22
C ILE D 132 54.30 16.41 8.30
N ILE D 133 55.08 15.35 8.47
CA ILE D 133 56.29 15.14 7.69
C ILE D 133 55.99 14.09 6.63
N PRO D 134 55.84 14.47 5.36
CA PRO D 134 55.48 13.48 4.34
C PRO D 134 56.66 12.62 3.93
N TYR D 135 56.42 11.32 3.80
CA TYR D 135 57.35 10.46 3.09
C TYR D 135 57.06 10.41 1.60
N GLU D 136 55.89 10.88 1.19
CA GLU D 136 55.53 10.98 -0.22
C GLU D 136 54.55 12.13 -0.37
N ILE D 137 54.67 12.86 -1.47
CA ILE D 137 53.77 13.95 -1.79
C ILE D 137 53.24 13.72 -3.19
N ILE D 138 51.92 13.73 -3.33
CA ILE D 138 51.27 13.47 -4.61
C ILE D 138 50.54 14.74 -5.03
N GLN D 139 50.94 15.30 -6.16
CA GLN D 139 50.33 16.53 -6.65
C GLN D 139 49.02 16.15 -7.31
N LEU D 140 47.90 16.48 -6.66
CA LEU D 140 46.61 16.04 -7.14
C LEU D 140 46.11 16.93 -8.26
N THR D 141 46.33 18.24 -8.14
CA THR D 141 46.03 19.13 -9.23
C THR D 141 47.08 20.24 -9.23
N PRO D 142 47.67 20.54 -10.39
CA PRO D 142 48.51 21.74 -10.49
C PRO D 142 47.66 22.98 -10.64
N CYS D 143 48.17 24.09 -10.12
CA CYS D 143 47.56 25.40 -10.31
C CYS D 143 48.30 26.03 -11.49
N LEU D 144 47.65 26.04 -12.65
CA LEU D 144 48.32 26.43 -13.88
C LEU D 144 48.48 27.93 -14.01
N HIS D 145 47.89 28.70 -13.12
CA HIS D 145 47.99 30.15 -13.13
C HIS D 145 48.82 30.62 -11.93
N MET D 146 49.05 31.92 -11.88
CA MET D 146 49.86 32.53 -10.83
C MET D 146 48.95 33.18 -9.81
N LEU D 147 49.05 32.72 -8.56
CA LEU D 147 48.23 33.33 -7.52
C LEU D 147 48.81 34.69 -7.13
N PRO D 148 47.95 35.64 -6.76
CA PRO D 148 48.45 36.96 -6.40
C PRO D 148 49.27 36.89 -5.12
N HIS D 149 50.30 37.73 -5.05
CA HIS D 149 51.12 37.80 -3.84
C HIS D 149 50.22 38.05 -2.63
N THR D 150 50.43 37.25 -1.59
CA THR D 150 49.45 37.18 -0.49
C THR D 150 49.30 38.49 0.27
N HIS D 151 50.25 39.41 0.17
CA HIS D 151 50.14 40.66 0.91
C HIS D 151 49.09 41.60 0.31
N PHE D 152 49.13 41.79 -1.02
CA PHE D 152 48.06 42.51 -1.68
C PHE D 152 46.77 41.72 -1.48
N GLY D 153 46.69 40.57 -2.16
CA GLY D 153 45.72 39.53 -1.85
C GLY D 153 44.25 39.85 -1.99
N LEU D 154 43.79 40.11 -3.21
CA LEU D 154 42.36 40.29 -3.45
C LEU D 154 42.02 39.91 -4.89
N ASN D 156 41.79 44.06 -4.45
CA ASN D 156 40.99 44.60 -5.54
C ASN D 156 39.52 44.28 -5.37
N GLN D 157 38.72 44.78 -6.29
CA GLN D 157 37.28 44.54 -6.30
C GLN D 157 36.84 44.27 -7.74
N GLU D 158 35.74 43.52 -7.89
CA GLU D 158 35.20 43.09 -9.18
C GLU D 158 36.15 42.18 -9.97
N THR D 159 36.91 41.39 -9.22
CA THR D 159 37.86 40.41 -9.67
C THR D 159 37.50 39.39 -8.64
N ARG D 160 37.03 39.93 -7.51
CA ARG D 160 36.49 39.16 -6.42
C ARG D 160 35.08 38.70 -6.74
N TYR D 161 34.33 39.57 -7.41
CA TYR D 161 32.96 39.25 -7.79
C TYR D 161 32.88 38.37 -9.04
N ARG D 162 33.58 38.74 -10.11
CA ARG D 162 33.52 37.89 -11.29
C ARG D 162 34.12 36.52 -11.05
N MET D 163 35.36 36.46 -10.56
CA MET D 163 36.00 35.20 -10.20
C MET D 163 35.91 35.07 -8.69
N ARG D 164 34.93 34.30 -8.22
CA ARG D 164 34.72 34.18 -6.78
C ARG D 164 35.60 33.11 -6.16
N TYR D 165 35.98 32.09 -6.94
CA TYR D 165 36.85 31.03 -6.42
C TYR D 165 38.16 31.61 -5.94
N LEU D 166 38.71 32.58 -6.69
CA LEU D 166 39.97 33.19 -6.30
C LEU D 166 39.80 34.02 -5.04
N ASP D 167 38.65 34.67 -4.88
CA ASP D 167 38.34 35.34 -3.61
C ASP D 167 38.37 34.34 -2.46
N LEU D 168 37.68 33.20 -2.62
CA LEU D 168 37.67 32.19 -1.56
C LEU D 168 39.06 31.63 -1.28
N ILE D 169 39.94 31.61 -2.29
CA ILE D 169 41.31 31.18 -2.04
C ILE D 169 42.07 32.24 -1.27
N MET D 170 42.03 33.48 -1.75
CA MET D 170 42.84 34.56 -1.16
C MET D 170 42.21 35.13 0.11
N ASN D 171 40.87 35.18 0.17
CA ASN D 171 40.15 35.77 1.31
C ASN D 171 39.30 34.66 1.91
N PRO D 172 39.89 33.76 2.70
CA PRO D 172 39.14 32.61 3.22
C PRO D 172 38.02 32.99 4.18
N ASP D 173 38.00 34.22 4.69
CA ASP D 173 37.02 34.60 5.70
C ASP D 173 35.62 34.86 5.12
N VAL D 174 35.53 35.20 3.83
CA VAL D 174 34.23 35.48 3.23
C VAL D 174 33.29 34.28 3.36
N LYS D 175 33.82 33.06 3.40
CA LYS D 175 32.98 31.88 3.56
C LYS D 175 32.04 32.02 4.74
N ASN D 176 32.53 32.61 5.84
CA ASN D 176 31.70 32.72 7.03
C ASN D 176 30.43 33.53 6.76
N ARG D 177 30.55 34.59 5.96
CA ARG D 177 29.39 35.38 5.60
C ARG D 177 28.31 34.49 5.01
N PHE D 178 28.72 33.54 4.17
CA PHE D 178 27.75 32.65 3.54
C PHE D 178 27.30 31.58 4.53
N VAL D 179 28.22 31.05 5.35
CA VAL D 179 27.85 30.07 6.36
C VAL D 179 26.73 30.60 7.23
N THR D 180 26.88 31.85 7.70
CA THR D 180 25.85 32.46 8.53
C THR D 180 24.53 32.49 7.78
N ARG D 181 24.57 32.87 6.49
CA ARG D 181 23.37 32.88 5.68
C ARG D 181 22.69 31.53 5.74
N SER D 182 23.45 30.45 5.57
CA SER D 182 22.88 29.12 5.66
C SER D 182 22.29 28.90 7.04
N ARG D 183 23.10 29.14 8.08
CA ARG D 183 22.59 29.00 9.44
C ARG D 183 21.40 29.91 9.69
N MET D 184 21.32 31.01 8.94
CA MET D 184 20.15 31.87 9.05
C MET D 184 18.92 31.16 8.49
N ILE D 185 19.00 30.68 7.26
CA ILE D 185 17.85 30.02 6.64
C ILE D 185 17.43 28.80 7.44
N SER D 186 18.42 28.00 7.88
CA SER D 186 18.13 26.88 8.76
C SER D 186 17.29 27.34 9.95
N PHE D 187 17.72 28.43 10.59
CA PHE D 187 16.94 28.98 11.70
C PHE D 187 15.51 29.25 11.27
N LEU D 188 15.35 30.00 10.18
CA LEU D 188 14.01 30.29 9.68
C LEU D 188 13.25 29.00 9.41
N ARG D 189 13.93 28.03 8.79
CA ARG D 189 13.27 26.77 8.49
C ARG D 189 12.86 26.08 9.78
N ARG D 190 13.73 26.13 10.80
CA ARG D 190 13.40 25.54 12.08
C ARG D 190 12.35 26.33 12.83
N TYR D 191 12.18 27.61 12.49
CA TYR D 191 11.20 28.44 13.19
C TYR D 191 9.77 28.18 12.71
N LEU D 192 9.52 28.39 11.41
CA LEU D 192 8.18 28.13 10.88
C LEU D 192 7.80 26.67 11.00
N ASP D 193 8.77 25.81 10.68
CA ASP D 193 8.65 24.37 10.81
C ASP D 193 8.50 23.99 12.30
N ASN D 194 8.96 24.87 13.19
CA ASN D 194 8.85 24.76 14.65
C ASN D 194 7.37 24.79 15.04
N LEU D 195 6.59 25.61 14.33
CA LEU D 195 5.15 25.73 14.42
C LEU D 195 4.51 24.72 13.44
N GLY D 196 3.28 24.99 13.02
CA GLY D 196 2.59 24.06 12.14
C GLY D 196 2.81 24.24 10.66
N PHE D 197 3.78 25.08 10.27
CA PHE D 197 3.96 25.40 8.87
C PHE D 197 4.46 24.21 8.05
N LEU D 198 4.17 24.28 6.75
CA LEU D 198 4.57 23.26 5.77
C LEU D 198 5.33 23.94 4.64
N GLU D 199 6.61 23.60 4.47
CA GLU D 199 7.37 24.15 3.35
C GLU D 199 6.88 23.52 2.05
N VAL D 200 6.49 24.35 1.09
CA VAL D 200 5.97 23.91 -0.19
C VAL D 200 6.77 24.57 -1.31
N GLU D 201 6.39 24.25 -2.54
CA GLU D 201 7.06 24.78 -3.73
C GLU D 201 6.03 25.06 -4.80
N THR D 202 6.19 26.18 -5.49
CA THR D 202 5.24 26.71 -6.46
C THR D 202 5.95 26.98 -7.78
N PRO D 203 5.21 27.06 -8.88
CA PRO D 203 5.87 27.24 -10.19
C PRO D 203 6.58 28.57 -10.29
N MET D 204 7.82 28.54 -10.80
CA MET D 204 8.56 29.75 -11.09
C MET D 204 8.27 30.28 -12.50
N MET D 205 7.37 29.63 -13.23
CA MET D 205 6.96 30.07 -14.56
C MET D 205 5.44 30.15 -14.59
N ASN D 206 4.92 31.33 -14.89
CA ASN D 206 3.48 31.58 -14.93
C ASN D 206 3.14 32.29 -16.23
N LEU D 207 1.86 32.23 -16.59
CA LEU D 207 1.41 32.99 -17.76
C LEU D 207 1.40 34.48 -17.46
N ILE D 208 0.96 34.87 -16.27
CA ILE D 208 0.96 36.26 -15.81
C ILE D 208 1.62 36.30 -14.43
N ALA D 209 2.78 36.92 -14.35
CA ALA D 209 3.56 37.03 -13.12
C ALA D 209 2.95 38.08 -12.19
N GLY D 210 2.30 37.61 -11.11
CA GLY D 210 1.75 38.50 -10.13
C GLY D 210 2.27 38.21 -8.73
N GLY D 211 2.10 39.20 -7.84
CA GLY D 211 2.42 39.03 -6.43
C GLY D 211 3.15 40.18 -5.78
N ALA D 212 3.64 41.13 -6.58
CA ALA D 212 4.39 42.27 -6.08
C ALA D 212 4.32 43.37 -7.13
N THR D 213 5.10 44.43 -6.92
CA THR D 213 5.15 45.56 -7.83
C THR D 213 6.57 45.64 -8.41
N ALA D 214 6.76 45.02 -9.57
CA ALA D 214 8.03 45.10 -10.28
C ALA D 214 7.78 44.71 -11.73
N LYS D 215 8.89 44.63 -12.50
CA LYS D 215 8.94 44.26 -13.91
C LYS D 215 9.41 42.82 -14.04
N PRO D 216 8.74 41.99 -14.84
CA PRO D 216 9.10 40.58 -14.90
C PRO D 216 9.98 40.21 -16.08
N PHE D 217 10.52 38.98 -16.05
CA PHE D 217 11.25 38.42 -17.18
C PHE D 217 10.30 37.64 -18.08
N ILE D 218 10.47 37.77 -19.39
CA ILE D 218 9.67 37.04 -20.37
C ILE D 218 10.57 36.03 -21.06
N THR D 219 10.17 34.76 -21.03
CA THR D 219 10.88 33.69 -21.72
C THR D 219 9.85 32.89 -22.52
N HIS D 220 10.33 32.03 -23.42
CA HIS D 220 9.45 31.26 -24.28
C HIS D 220 9.61 29.77 -24.02
N HIS D 221 8.49 29.06 -23.94
CA HIS D 221 8.47 27.61 -23.83
C HIS D 221 7.95 27.04 -25.14
N ASN D 222 8.84 26.40 -25.88
CA ASN D 222 8.55 25.86 -27.20
C ASN D 222 7.55 24.72 -27.33
N ASP D 223 7.59 23.77 -26.42
CA ASP D 223 6.68 22.64 -26.53
C ASP D 223 5.23 23.09 -26.45
N LEU D 224 4.94 24.00 -25.53
CA LEU D 224 3.59 24.51 -25.42
C LEU D 224 3.46 25.67 -26.39
N ASP D 225 4.58 26.06 -26.99
CA ASP D 225 4.53 27.15 -27.96
C ASP D 225 3.84 28.38 -27.35
N MET D 226 4.38 28.83 -26.23
CA MET D 226 3.77 29.95 -25.53
C MET D 226 4.84 30.81 -24.87
N ASP D 227 4.49 32.08 -24.65
CA ASP D 227 5.34 33.00 -23.93
C ASP D 227 4.93 32.97 -22.46
N LEU D 228 5.92 32.85 -21.58
CA LEU D 228 5.69 32.77 -20.14
C LEU D 228 6.48 33.85 -19.41
N TYR D 229 5.98 34.22 -18.25
CA TYR D 229 6.63 35.18 -17.37
C TYR D 229 7.27 34.46 -16.20
N LEU D 230 8.52 34.80 -15.89
CA LEU D 230 9.17 34.29 -14.69
C LEU D 230 8.50 34.90 -13.46
N ARG D 231 8.41 34.11 -12.40
CA ARG D 231 7.68 34.54 -11.21
C ARG D 231 8.36 35.74 -10.57
N VAL D 232 7.55 36.74 -10.22
CA VAL D 232 8.02 37.89 -9.46
C VAL D 232 7.68 37.78 -7.98
N ALA D 233 6.80 36.85 -7.59
CA ALA D 233 6.46 36.59 -6.19
C ALA D 233 5.66 35.29 -6.09
N PRO D 234 5.83 34.51 -5.02
CA PRO D 234 5.03 33.31 -4.82
C PRO D 234 3.62 33.55 -4.28
N GLU D 235 3.15 34.80 -4.26
CA GLU D 235 1.92 35.12 -3.51
C GLU D 235 0.71 34.38 -4.07
N LEU D 236 0.37 34.66 -5.34
CA LEU D 236 -0.90 34.21 -5.90
C LEU D 236 -1.07 32.70 -5.76
N TYR D 237 0.00 31.93 -5.96
CA TYR D 237 -0.07 30.48 -5.85
C TYR D 237 -0.29 30.04 -4.39
N LEU D 238 0.53 30.55 -3.47
CA LEU D 238 0.42 30.17 -2.07
C LEU D 238 -0.97 30.47 -1.50
N LYS D 239 -1.56 31.61 -1.90
CA LYS D 239 -2.90 31.91 -1.41
C LYS D 239 -3.92 30.89 -1.89
N MET D 240 -3.75 30.41 -3.13
CA MET D 240 -4.59 29.32 -3.61
C MET D 240 -4.38 28.06 -2.77
N LEU D 241 -3.14 27.81 -2.35
CA LEU D 241 -2.91 26.69 -1.43
C LEU D 241 -3.64 26.89 -0.12
N VAL D 242 -3.76 28.13 0.35
CA VAL D 242 -4.51 28.38 1.58
C VAL D 242 -6.00 28.15 1.36
N VAL D 243 -6.50 28.51 0.17
CA VAL D 243 -7.91 28.25 -0.16
C VAL D 243 -8.23 26.77 -0.01
N GLY D 244 -7.34 25.90 -0.46
CA GLY D 244 -7.62 24.48 -0.49
C GLY D 244 -7.53 23.74 0.82
N GLY D 245 -7.45 24.45 1.94
CA GLY D 245 -7.48 23.82 3.24
C GLY D 245 -6.15 23.73 3.94
N ILE D 246 -5.05 24.15 3.31
CA ILE D 246 -3.76 24.20 3.98
C ILE D 246 -3.71 25.50 4.77
N ASP D 247 -3.71 25.38 6.10
CA ASP D 247 -3.87 26.55 6.95
C ASP D 247 -2.56 27.34 7.09
N ARG D 248 -1.42 26.66 7.05
CA ARG D 248 -0.12 27.30 7.20
C ARG D 248 0.78 26.87 6.06
N VAL D 249 1.10 27.82 5.18
CA VAL D 249 1.90 27.55 3.99
C VAL D 249 3.20 28.32 4.12
N TYR D 250 4.29 27.74 3.60
CA TYR D 250 5.61 28.33 3.78
C TYR D 250 6.46 28.00 2.55
N GLU D 251 7.15 29.01 2.03
CA GLU D 251 7.98 28.83 0.84
C GLU D 251 9.20 29.75 0.91
N ILE D 252 10.40 29.16 0.92
CA ILE D 252 11.65 29.88 0.66
C ILE D 252 12.15 29.53 -0.73
N GLY D 253 12.37 30.56 -1.55
CA GLY D 253 12.85 30.30 -2.90
C GLY D 253 13.17 31.59 -3.62
N ARG D 254 13.85 31.45 -4.76
CA ARG D 254 14.33 32.60 -5.48
C ARG D 254 13.19 33.28 -6.25
N VAL D 255 13.41 34.54 -6.56
CA VAL D 255 12.41 35.41 -7.17
C VAL D 255 13.12 36.27 -8.22
N PHE D 256 12.44 36.51 -9.34
CA PHE D 256 13.04 37.10 -10.53
C PHE D 256 12.38 38.45 -10.81
N ARG D 257 13.16 39.52 -10.73
CA ARG D 257 12.69 40.86 -11.00
C ARG D 257 13.64 41.51 -12.00
N ASN D 258 13.08 42.20 -12.99
CA ASN D 258 13.82 42.66 -14.15
C ASN D 258 14.48 44.02 -13.96
N GLU D 259 14.44 44.55 -12.73
CA GLU D 259 14.96 45.88 -12.46
C GLU D 259 16.48 45.90 -12.55
N GLY D 260 17.06 47.06 -12.22
CA GLY D 260 18.49 47.25 -12.34
C GLY D 260 19.27 46.85 -11.11
N ILE D 261 20.59 46.75 -11.30
CA ILE D 261 21.49 46.30 -10.24
C ILE D 261 21.87 47.47 -9.35
N ASP D 262 22.03 47.19 -8.06
CA ASP D 262 22.39 48.19 -7.06
C ASP D 262 23.27 47.53 -6.01
N GLN D 263 23.57 48.25 -4.95
CA GLN D 263 24.19 47.65 -3.79
C GLN D 263 23.18 46.87 -2.96
N THR D 264 21.91 47.23 -3.04
CA THR D 264 20.83 46.50 -2.38
C THR D 264 19.97 45.70 -3.35
N HIS D 265 20.33 45.64 -4.63
CA HIS D 265 19.51 44.96 -5.63
C HIS D 265 20.32 44.02 -6.50
N ASN D 266 19.73 42.85 -6.77
CA ASN D 266 20.19 41.87 -7.74
C ASN D 266 18.92 41.32 -8.39
N PRO D 267 18.91 41.13 -9.72
CA PRO D 267 17.65 40.74 -10.39
C PRO D 267 17.00 39.49 -9.83
N GLU D 268 17.78 38.55 -9.31
CA GLU D 268 17.28 37.30 -8.75
C GLU D 268 17.68 37.26 -7.28
N PHE D 269 16.70 37.19 -6.39
CA PHE D 269 17.01 37.23 -4.96
C PHE D 269 16.15 36.22 -4.21
N THR D 270 16.65 35.80 -3.06
CA THR D 270 15.98 34.78 -2.27
C THR D 270 14.90 35.43 -1.42
N SER D 271 13.66 34.96 -1.57
CA SER D 271 12.53 35.48 -0.83
C SER D 271 11.93 34.37 0.01
N CYS D 272 11.54 34.72 1.24
CA CYS D 272 10.85 33.80 2.13
C CYS D 272 9.46 34.36 2.39
N GLU D 273 8.43 33.62 1.98
CA GLU D 273 7.06 34.05 2.19
C GLU D 273 6.30 32.93 2.90
N PHE D 274 5.41 33.31 3.81
CA PHE D 274 4.52 32.34 4.45
C PHE D 274 3.15 32.97 4.60
N TYR D 275 2.13 32.12 4.57
CA TYR D 275 0.75 32.58 4.67
C TYR D 275 0.05 31.78 5.76
N MET D 276 -0.60 32.48 6.67
CA MET D 276 -1.19 31.87 7.87
C MET D 276 -2.64 32.31 7.99
N ALA D 277 -3.56 31.35 8.00
CA ALA D 277 -4.98 31.62 8.05
C ALA D 277 -5.45 31.98 9.47
N TYR D 278 -6.57 32.71 9.53
CA TYR D 278 -7.22 33.12 10.77
C TYR D 278 -6.33 34.03 11.61
N ALA D 279 -5.70 35.00 10.95
CA ALA D 279 -4.88 35.98 11.64
C ALA D 279 -4.88 37.29 10.87
N ASP D 280 -4.82 38.39 11.60
CA ASP D 280 -4.63 39.70 11.00
C ASP D 280 -3.15 40.07 11.08
N TYR D 281 -2.79 41.24 10.54
CA TYR D 281 -1.38 41.63 10.51
C TYR D 281 -0.87 42.00 11.89
N GLU D 282 -1.78 42.35 12.81
CA GLU D 282 -1.40 42.67 14.17
C GLU D 282 -0.79 41.46 14.87
N ASP D 283 -1.16 40.25 14.43
CA ASP D 283 -0.48 39.05 14.91
C ASP D 283 0.91 38.92 14.29
N LEU D 284 1.02 39.16 12.98
CA LEU D 284 2.31 39.03 12.29
C LEU D 284 3.35 40.01 12.80
N MET D 285 2.92 41.17 13.30
CA MET D 285 3.88 42.07 13.94
C MET D 285 4.47 41.42 15.19
N LYS D 286 3.60 40.88 16.04
CA LYS D 286 4.03 40.21 17.26
C LYS D 286 4.77 38.92 16.99
N ILE D 287 4.77 38.43 15.75
CA ILE D 287 5.65 37.30 15.40
C ILE D 287 6.98 37.84 14.90
N THR D 288 6.95 38.69 13.87
CA THR D 288 8.17 39.26 13.30
C THR D 288 9.10 39.80 14.38
N GLU D 289 8.55 40.51 15.37
CA GLU D 289 9.35 40.96 16.50
C GLU D 289 10.07 39.78 17.15
N ASP D 290 9.30 38.76 17.53
CA ASP D 290 9.85 37.58 18.18
C ASP D 290 10.96 36.95 17.36
N MET D 291 10.66 36.58 16.11
CA MET D 291 11.61 35.86 15.28
C MET D 291 12.89 36.65 15.07
N LEU D 292 12.76 37.90 14.61
CA LEU D 292 13.97 38.67 14.34
C LEU D 292 14.81 38.84 15.60
N ALA D 293 14.15 39.00 16.76
CA ALA D 293 14.87 39.11 18.01
C ALA D 293 15.67 37.82 18.31
N ARG D 294 15.00 36.66 18.27
CA ARG D 294 15.70 35.42 18.58
C ARG D 294 16.80 35.14 17.57
N MET D 295 16.55 35.42 16.30
CA MET D 295 17.54 35.13 15.27
C MET D 295 18.80 35.96 15.48
N VAL D 296 18.63 37.26 15.74
CA VAL D 296 19.79 38.10 16.02
C VAL D 296 20.52 37.60 17.26
N TYR D 297 19.77 37.27 18.32
CA TYR D 297 20.40 36.78 19.55
C TYR D 297 21.08 35.43 19.35
N TYR D 298 20.65 34.65 18.35
CA TYR D 298 21.20 33.32 18.11
C TYR D 298 22.65 33.37 17.65
N MET D 299 22.95 34.23 16.66
CA MET D 299 24.29 34.33 16.09
C MET D 299 25.18 35.28 16.87
N HIS D 300 24.68 36.47 17.17
CA HIS D 300 25.47 37.47 17.87
C HIS D 300 25.21 37.33 19.36
N GLY D 301 26.15 37.83 20.16
CA GLY D 301 26.01 37.69 21.59
C GLY D 301 24.94 38.55 22.21
N THR D 302 24.44 39.56 21.48
CA THR D 302 23.46 40.50 22.00
C THR D 302 22.45 40.87 20.92
N TYR D 303 21.34 41.47 21.37
CA TYR D 303 20.29 41.93 20.48
C TYR D 303 20.66 43.22 19.76
N LYS D 304 21.67 43.93 20.23
CA LYS D 304 22.08 45.20 19.66
C LYS D 304 23.38 44.99 18.91
N ILE D 305 23.35 45.18 17.59
CA ILE D 305 24.50 44.95 16.74
C ILE D 305 24.73 46.22 15.91
N GLN D 306 25.97 46.36 15.45
CA GLN D 306 26.38 47.54 14.70
C GLN D 306 26.33 47.26 13.20
N TYR D 307 26.29 48.35 12.44
CA TYR D 307 26.17 48.27 10.98
C TYR D 307 26.91 49.46 10.37
N HIS D 308 27.63 49.22 9.29
CA HIS D 308 28.42 50.27 8.63
C HIS D 308 27.91 50.46 7.21
N PRO D 309 27.04 51.43 6.95
CA PRO D 309 26.46 51.56 5.60
C PRO D 309 27.46 52.04 4.56
N ASN D 310 28.49 52.79 4.96
CA ASN D 310 29.52 53.28 4.05
C ASN D 310 30.86 52.68 4.48
N GLY D 311 31.27 51.60 3.85
CA GLY D 311 32.56 51.01 4.11
C GLY D 311 32.55 50.08 5.31
N ILE D 312 33.46 49.12 5.32
CA ILE D 312 33.60 48.20 6.44
C ILE D 312 34.06 48.95 7.66
N VAL D 313 35.03 49.83 7.44
CA VAL D 313 35.66 50.61 8.50
C VAL D 313 35.67 52.10 8.16
N GLU D 314 34.53 52.72 8.37
CA GLU D 314 34.35 54.14 8.10
C GLU D 314 33.60 54.83 9.21
N ASN D 315 33.49 56.15 9.09
CA ASN D 315 32.97 57.01 10.16
C ASN D 315 31.55 56.82 10.70
N PRO D 316 30.57 56.53 9.86
CA PRO D 316 29.20 56.38 10.36
C PRO D 316 28.87 54.96 10.74
N VAL D 317 28.54 54.73 12.01
CA VAL D 317 28.17 53.42 12.50
C VAL D 317 26.80 53.47 13.15
N TYR D 318 25.90 52.63 12.65
CA TYR D 318 24.54 52.52 13.16
C TYR D 318 24.47 51.46 14.24
N GLU D 319 23.79 51.78 15.35
CA GLU D 319 23.67 50.88 16.49
C GLU D 319 22.28 50.25 16.49
N VAL D 320 22.07 49.31 15.57
CA VAL D 320 20.75 48.72 15.38
C VAL D 320 20.38 47.88 16.60
N ASP D 321 19.19 48.14 17.13
CA ASP D 321 18.69 47.50 18.34
C ASP D 321 17.45 46.68 17.98
N PHE D 322 17.57 45.36 18.05
CA PHE D 322 16.49 44.45 17.68
C PHE D 322 15.65 44.00 18.87
N THR D 323 15.86 44.58 20.04
CA THR D 323 15.05 44.22 21.19
C THR D 323 13.60 44.61 20.95
N PRO D 324 12.63 43.72 21.19
CA PRO D 324 11.22 44.07 21.05
C PRO D 324 10.82 45.08 22.14
N PRO D 325 9.84 45.96 21.85
CA PRO D 325 9.02 46.03 20.64
C PRO D 325 9.50 47.07 19.62
N PHE D 326 9.46 46.73 18.33
CA PHE D 326 9.88 47.66 17.30
C PHE D 326 8.98 48.88 17.23
N ARG D 327 9.57 50.00 16.83
CA ARG D 327 8.83 51.25 16.66
C ARG D 327 7.78 51.10 15.56
N LYS D 328 6.61 51.71 15.79
CA LYS D 328 5.51 51.72 14.84
C LYS D 328 5.30 53.12 14.29
N VAL D 329 5.06 53.21 12.98
CA VAL D 329 4.85 54.48 12.28
C VAL D 329 3.71 54.31 11.28
N ASN D 330 2.90 55.35 11.13
CA ASN D 330 1.85 55.39 10.12
C ASN D 330 2.27 56.24 8.93
N ILE D 331 1.61 56.00 7.79
CA ILE D 331 1.91 56.79 6.60
C ILE D 331 1.34 58.19 6.72
N TYR D 332 0.03 58.30 6.99
CA TYR D 332 -0.57 59.62 7.05
C TYR D 332 -0.13 60.35 8.32
N ASP D 333 -0.40 59.74 9.47
CA ASP D 333 0.10 60.25 10.74
C ASP D 333 1.61 60.02 10.79
N GLY D 334 2.38 61.09 10.73
CA GLY D 334 3.82 60.98 10.71
C GLY D 334 4.42 61.60 9.48
N LEU D 335 3.78 61.42 8.32
CA LEU D 335 4.15 62.19 7.15
C LEU D 335 3.52 63.57 7.22
N GLN D 336 2.33 63.65 7.84
CA GLN D 336 1.72 64.94 8.10
C GLN D 336 2.49 65.70 9.17
N GLU D 337 3.08 64.97 10.12
CA GLU D 337 3.97 65.58 11.10
C GLU D 337 5.29 65.98 10.47
N LYS D 338 5.84 65.12 9.61
CA LYS D 338 7.13 65.39 8.99
C LYS D 338 7.07 66.57 8.03
N LEU D 339 6.04 66.61 7.19
CA LEU D 339 5.91 67.67 6.20
C LEU D 339 5.22 68.91 6.74
N GLY D 340 4.45 68.77 7.81
CA GLY D 340 3.74 69.91 8.39
C GLY D 340 2.53 70.36 7.59
N ILE D 341 1.82 69.42 6.97
CA ILE D 341 0.61 69.70 6.23
C ILE D 341 -0.39 68.59 6.49
N GLN D 342 -1.66 68.85 6.16
CA GLN D 342 -2.72 67.87 6.29
C GLN D 342 -3.09 67.37 4.91
N PHE D 343 -3.18 66.05 4.76
CA PHE D 343 -3.41 65.42 3.48
C PHE D 343 -4.89 65.24 3.22
N PRO D 344 -5.27 64.97 1.96
CA PRO D 344 -6.68 64.69 1.68
C PRO D 344 -7.06 63.32 2.23
N PRO D 345 -8.33 63.12 2.56
CA PRO D 345 -8.78 61.80 3.01
C PRO D 345 -8.51 60.76 1.94
N ALA D 346 -8.88 59.51 2.21
CA ALA D 346 -8.57 58.48 1.23
C ALA D 346 -9.43 58.69 0.00
N ASP D 347 -8.91 59.50 -0.92
CA ASP D 347 -9.57 59.87 -2.16
C ASP D 347 -8.77 59.30 -3.31
N THR D 348 -9.45 58.85 -4.35
CA THR D 348 -8.83 58.09 -5.42
C THR D 348 -7.60 58.80 -6.03
N ASP D 350 -8.13 61.88 -8.93
CA ASP D 350 -7.87 62.78 -10.05
C ASP D 350 -7.39 64.13 -9.55
N THR D 351 -8.31 64.90 -8.95
CA THR D 351 -7.95 66.18 -8.35
C THR D 351 -6.90 66.00 -7.25
N ASP D 352 -6.94 64.87 -6.55
CA ASP D 352 -5.98 64.61 -5.48
C ASP D 352 -4.57 64.38 -5.99
N GLU D 353 -4.39 64.04 -7.26
CA GLU D 353 -3.06 63.84 -7.78
C GLU D 353 -2.27 65.13 -7.72
N ALA D 354 -2.94 66.23 -8.04
CA ALA D 354 -2.31 67.54 -8.06
C ALA D 354 -1.82 67.96 -6.69
N ASN D 355 -2.55 67.70 -5.61
CA ASN D 355 -2.03 68.11 -4.32
C ASN D 355 -0.73 67.41 -3.96
N LYS D 356 -0.68 66.10 -4.21
CA LYS D 356 0.51 65.29 -3.91
C LYS D 356 1.69 65.48 -4.83
N PHE D 357 1.44 66.07 -5.98
CA PHE D 357 2.46 66.30 -6.97
C PHE D 357 3.37 67.39 -6.46
N PHE D 358 3.01 67.99 -5.34
CA PHE D 358 3.78 69.11 -4.91
C PHE D 358 5.20 68.60 -4.74
N ASP D 359 6.11 69.40 -5.25
CA ASP D 359 7.54 69.18 -5.17
C ASP D 359 8.24 70.30 -4.43
N LYS D 360 7.48 71.25 -3.88
CA LYS D 360 8.05 72.35 -3.12
C LYS D 360 8.87 71.87 -1.94
N LEU D 361 8.74 70.61 -1.57
CA LEU D 361 9.56 70.01 -0.53
C LEU D 361 10.71 69.19 -1.10
N ALA D 362 10.88 69.20 -2.42
CA ALA D 362 11.99 68.48 -3.05
C ALA D 362 13.07 69.46 -3.51
N PRO D 372 6.56 57.92 -15.18
CA PRO D 372 5.24 58.55 -15.01
C PRO D 372 4.97 58.92 -13.56
N ARG D 373 4.44 60.12 -13.34
CA ARG D 373 4.18 60.61 -11.98
C ARG D 373 2.70 60.44 -11.70
N THR D 374 2.37 59.47 -10.87
CA THR D 374 1.02 59.21 -10.41
C THR D 374 0.99 59.29 -8.89
N THR D 375 -0.21 59.28 -8.33
CA THR D 375 -0.37 59.44 -6.88
C THR D 375 0.42 58.39 -6.11
N ALA D 376 0.48 57.15 -6.62
CA ALA D 376 1.16 56.08 -5.90
C ALA D 376 2.67 56.24 -5.94
N ARG D 377 3.22 56.57 -7.12
CA ARG D 377 4.67 56.74 -7.19
C ARG D 377 5.10 57.98 -6.42
N LEU D 378 4.28 59.03 -6.46
CA LEU D 378 4.55 60.22 -5.67
C LEU D 378 4.56 59.90 -4.17
N LEU D 379 3.53 59.20 -3.69
CA LEU D 379 3.51 58.82 -2.28
C LEU D 379 4.72 57.97 -1.91
N ASP D 380 5.11 57.04 -2.79
CA ASP D 380 6.24 56.17 -2.49
C ASP D 380 7.55 56.95 -2.44
N LYS D 381 7.73 57.94 -3.32
CA LYS D 381 8.96 58.71 -3.30
C LYS D 381 8.98 59.70 -2.13
N LEU D 382 7.83 60.26 -1.78
CA LEU D 382 7.74 61.15 -0.63
C LEU D 382 8.07 60.42 0.66
N ILE D 383 7.47 59.25 0.84
CA ILE D 383 7.91 58.35 1.90
C ILE D 383 9.40 58.06 1.76
N GLY D 384 9.89 57.98 0.52
CA GLY D 384 11.26 57.56 0.30
C GLY D 384 12.31 58.54 0.80
N GLU D 385 12.10 59.85 0.60
CA GLU D 385 13.11 60.78 1.12
C GLU D 385 12.86 61.21 2.55
N PHE D 386 11.62 61.58 2.88
CA PHE D 386 11.36 62.22 4.17
C PHE D 386 11.17 61.19 5.29
N LEU D 387 10.29 60.22 5.08
CA LEU D 387 9.91 59.30 6.15
C LEU D 387 10.85 58.10 6.25
N GLU D 388 11.28 57.55 5.11
CA GLU D 388 11.97 56.26 5.09
C GLU D 388 13.39 56.31 5.65
N PRO D 389 14.25 57.28 5.29
CA PRO D 389 15.63 57.25 5.80
C PRO D 389 15.75 57.36 7.30
N THR D 390 14.71 57.79 7.99
CA THR D 390 14.77 57.90 9.44
C THR D 390 14.78 56.56 10.15
N PHE D 391 14.50 55.46 9.46
CA PHE D 391 14.33 54.16 10.12
C PHE D 391 15.66 53.43 10.11
N ILE D 392 16.30 53.36 11.28
CA ILE D 392 17.54 52.61 11.48
C ILE D 392 17.26 51.47 12.43
N SER D 393 16.83 51.80 13.64
CA SER D 393 16.24 50.78 14.49
C SER D 393 15.03 50.18 13.77
N PRO D 394 14.75 48.90 13.97
CA PRO D 394 13.64 48.25 13.27
C PRO D 394 12.35 49.05 13.41
N THR D 395 11.67 49.28 12.28
CA THR D 395 10.50 50.14 12.28
C THR D 395 9.37 49.54 11.45
N PHE D 396 8.17 49.56 12.03
CA PHE D 396 6.94 49.19 11.35
C PHE D 396 6.36 50.40 10.63
N LEU D 397 6.05 50.23 9.35
CA LEU D 397 5.42 51.27 8.55
C LEU D 397 4.01 50.81 8.24
N THR D 398 3.02 51.53 8.78
CA THR D 398 1.64 51.05 8.87
C THR D 398 0.72 51.92 8.01
N GLY D 399 -0.41 51.33 7.61
CA GLY D 399 -1.48 52.07 6.96
C GLY D 399 -1.12 52.66 5.62
N HIS D 400 -0.69 51.82 4.68
CA HIS D 400 -0.42 52.30 3.34
C HIS D 400 -1.73 52.60 2.61
N PRO D 401 -1.70 53.49 1.62
CA PRO D 401 -2.90 53.75 0.83
C PRO D 401 -3.36 52.51 0.08
N GLN D 402 -4.62 52.54 -0.36
CA GLN D 402 -5.17 51.43 -1.12
C GLN D 402 -4.70 51.40 -2.57
N ILE D 403 -4.15 52.50 -3.08
CA ILE D 403 -3.72 52.57 -4.47
C ILE D 403 -2.40 51.85 -4.69
N MET D 404 -1.58 51.68 -3.66
CA MET D 404 -0.30 51.00 -3.76
C MET D 404 -0.32 49.59 -3.18
N SER D 405 -1.48 49.10 -2.75
CA SER D 405 -1.58 47.83 -2.03
C SER D 405 -2.79 47.05 -2.53
N PRO D 406 -2.65 46.38 -3.67
CA PRO D 406 -3.82 45.69 -4.26
C PRO D 406 -4.25 44.44 -3.51
N LEU D 407 -3.33 43.73 -2.87
CA LEU D 407 -3.62 42.41 -2.31
C LEU D 407 -3.92 42.42 -0.82
N ALA D 408 -3.99 43.58 -0.19
CA ALA D 408 -4.30 43.70 1.23
C ALA D 408 -5.77 44.04 1.42
N LYS D 409 -6.36 43.48 2.47
CA LYS D 409 -7.74 43.79 2.80
C LYS D 409 -7.85 45.25 3.24
N TRP D 410 -9.03 45.83 3.04
CA TRP D 410 -9.25 47.22 3.38
C TRP D 410 -9.10 47.42 4.89
N HIS D 411 -8.80 48.66 5.28
CA HIS D 411 -8.63 48.95 6.69
C HIS D 411 -9.98 48.93 7.40
N ARG D 412 -9.99 48.34 8.60
CA ARG D 412 -11.21 48.20 9.38
C ARG D 412 -11.77 49.52 9.85
N SER D 413 -10.95 50.57 9.90
CA SER D 413 -11.39 51.88 10.39
C SER D 413 -11.27 52.97 9.35
N ILE D 414 -10.05 53.28 8.92
CA ILE D 414 -9.81 54.41 8.01
C ILE D 414 -10.05 53.94 6.58
N PRO D 415 -11.06 54.47 5.90
CA PRO D 415 -11.36 54.00 4.54
C PRO D 415 -10.20 54.28 3.60
N GLY D 416 -10.23 53.62 2.45
CA GLY D 416 -9.21 53.77 1.44
C GLY D 416 -7.79 53.43 1.88
N LEU D 417 -7.66 52.77 3.03
CA LEU D 417 -6.36 52.30 3.52
C LEU D 417 -6.45 50.80 3.71
N THR D 418 -5.28 50.18 3.77
CA THR D 418 -5.18 48.74 3.91
C THR D 418 -4.44 48.39 5.19
N GLU D 419 -4.51 47.10 5.53
CA GLU D 419 -3.86 46.57 6.71
C GLU D 419 -2.40 46.20 6.45
N ARG D 420 -1.86 46.62 5.30
CA ARG D 420 -0.46 46.41 4.98
C ARG D 420 0.46 47.10 5.98
N PHE D 421 1.62 46.50 6.19
CA PHE D 421 2.73 47.17 6.86
C PHE D 421 4.03 46.66 6.23
N GLU D 422 5.06 47.51 6.27
CA GLU D 422 6.40 47.16 5.83
C GLU D 422 7.32 47.21 7.04
N LEU D 423 8.47 46.55 6.96
CA LEU D 423 9.44 46.57 8.03
C LEU D 423 10.77 47.07 7.48
N PHE D 424 11.24 48.18 8.05
CA PHE D 424 12.48 48.81 7.62
C PHE D 424 13.56 48.63 8.68
N VAL D 425 14.76 48.30 8.22
CA VAL D 425 15.97 48.30 9.03
C VAL D 425 17.06 48.98 8.22
N VAL D 426 17.87 49.80 8.90
CA VAL D 426 18.95 50.60 8.30
C VAL D 426 18.53 51.15 6.94
N THR D 427 17.41 51.89 6.93
CA THR D 427 16.87 52.64 5.81
C THR D 427 16.57 51.78 4.59
N LYS D 428 16.36 50.48 4.77
CA LYS D 428 15.92 49.64 3.66
C LYS D 428 14.84 48.66 4.12
N GLU D 429 13.98 48.31 3.16
CA GLU D 429 12.77 47.52 3.40
C GLU D 429 13.10 46.03 3.25
N ILE D 430 12.98 45.27 4.33
CA ILE D 430 13.28 43.85 4.28
C ILE D 430 12.06 42.94 4.46
N VAL D 431 10.90 43.48 4.84
CA VAL D 431 9.71 42.68 5.10
C VAL D 431 8.47 43.42 4.58
N ASN D 432 7.50 42.65 4.06
CA ASN D 432 6.21 43.15 3.60
C ASN D 432 5.14 42.15 3.99
N ALA D 433 4.07 42.61 4.65
CA ALA D 433 3.02 41.71 5.10
C ALA D 433 1.66 42.37 4.94
N TYR D 434 0.61 41.56 4.99
CA TYR D 434 -0.75 42.09 4.94
C TYR D 434 -1.75 41.13 5.56
N THR D 435 -2.97 41.65 5.74
CA THR D 435 -4.16 40.85 5.95
C THR D 435 -4.76 40.63 4.55
N GLU D 436 -4.71 39.40 4.07
CA GLU D 436 -5.00 39.14 2.68
C GLU D 436 -6.47 39.42 2.34
N LEU D 437 -6.69 39.89 1.13
CA LEU D 437 -8.03 40.25 0.67
C LEU D 437 -8.89 39.02 0.46
N ASN D 438 -9.98 38.90 1.22
CA ASN D 438 -10.89 37.76 1.12
C ASN D 438 -12.12 38.05 0.30
N ASP D 439 -12.23 39.24 -0.28
CA ASP D 439 -13.42 39.63 -1.04
C ASP D 439 -13.16 39.49 -2.52
N PRO D 440 -13.94 38.71 -3.26
CA PRO D 440 -13.74 38.61 -4.71
C PRO D 440 -14.03 39.91 -5.47
N LEU D 441 -14.37 40.99 -4.81
CA LEU D 441 -14.42 42.30 -5.46
C LEU D 441 -13.09 43.01 -5.27
N THR D 442 -12.17 42.74 -6.20
CA THR D 442 -10.83 43.33 -6.20
C THR D 442 -10.80 44.28 -7.38
N GLN D 443 -10.85 45.57 -7.10
CA GLN D 443 -10.88 46.56 -8.15
C GLN D 443 -9.51 46.92 -8.69
N ARG D 444 -9.36 46.73 -9.99
CA ARG D 444 -8.13 47.07 -10.67
C ARG D 444 -8.41 48.30 -11.53
N LEU D 445 -7.76 49.39 -11.17
CA LEU D 445 -7.87 50.62 -11.91
C LEU D 445 -6.41 50.93 -12.05
N ARG D 446 -5.77 50.19 -12.95
CA ARG D 446 -4.35 50.33 -13.13
C ARG D 446 -3.84 50.66 -14.52
N PHE D 447 -3.07 51.74 -14.61
CA PHE D 447 -2.32 52.02 -15.83
C PHE D 447 -0.93 51.43 -15.63
N ASP D 448 -0.62 50.39 -16.41
CA ASP D 448 0.47 49.49 -16.07
C ASP D 448 1.83 50.15 -16.23
N GLU D 449 2.69 49.92 -15.23
CA GLU D 449 4.11 50.23 -15.30
C GLU D 449 4.91 49.06 -14.74
N GLN D 450 4.67 48.73 -13.48
CA GLN D 450 5.30 47.57 -12.85
C GLN D 450 4.23 46.66 -12.22
N GLU D 466 -10.33 35.67 -15.08
CA GLU D 466 -8.94 35.44 -14.69
C GLU D 466 -8.89 34.32 -13.65
N ASN D 467 -7.85 33.48 -13.74
CA ASN D 467 -7.79 32.27 -12.92
C ASN D 467 -7.56 32.52 -11.44
N TYR D 468 -7.08 33.70 -11.03
CA TYR D 468 -6.85 33.92 -9.60
C TYR D 468 -8.13 34.28 -8.86
N CYS D 469 -8.87 35.28 -9.35
CA CYS D 469 -10.10 35.70 -8.69
C CYS D 469 -11.10 34.56 -8.57
N THR D 470 -11.13 33.66 -9.55
CA THR D 470 -12.01 32.50 -9.48
C THR D 470 -11.65 31.59 -8.32
N ALA D 471 -10.39 31.63 -7.86
CA ALA D 471 -10.04 30.92 -6.63
C ALA D 471 -10.60 31.64 -5.41
N LEU D 472 -10.63 32.98 -5.46
CA LEU D 472 -11.24 33.73 -4.36
C LEU D 472 -12.75 33.52 -4.29
N GLU D 473 -13.39 33.18 -5.41
CA GLU D 473 -14.83 32.94 -5.38
C GLU D 473 -15.18 31.68 -4.59
N TYR D 474 -14.31 30.67 -4.64
CA TYR D 474 -14.50 29.51 -3.76
C TYR D 474 -14.19 29.83 -2.31
N GLY D 475 -13.52 30.95 -2.05
CA GLY D 475 -13.35 31.43 -0.69
C GLY D 475 -11.98 31.24 -0.09
N LEU D 476 -11.48 32.30 0.53
CA LEU D 476 -10.20 32.30 1.23
C LEU D 476 -10.48 32.67 2.68
N PRO D 477 -10.12 31.85 3.66
CA PRO D 477 -10.35 32.25 5.04
C PRO D 477 -9.58 33.51 5.35
N PRO D 478 -10.02 34.29 6.34
CA PRO D 478 -9.25 35.48 6.73
C PRO D 478 -7.83 35.07 7.10
N THR D 479 -6.86 35.64 6.38
CA THR D 479 -5.49 35.16 6.46
C THR D 479 -4.53 36.32 6.41
N ALA D 480 -3.33 36.08 6.91
CA ALA D 480 -2.25 37.05 6.95
C ALA D 480 -1.06 36.51 6.17
N GLY D 481 -0.65 37.26 5.16
CA GLY D 481 0.51 36.91 4.35
C GLY D 481 1.74 37.71 4.75
N TRP D 482 2.90 37.11 4.54
CA TRP D 482 4.16 37.66 5.04
C TRP D 482 5.27 37.30 4.09
N GLY D 483 6.21 38.23 3.90
CA GLY D 483 7.34 37.99 3.01
C GLY D 483 8.55 38.80 3.44
N MET D 484 9.73 38.28 3.11
CA MET D 484 10.98 38.87 3.57
C MET D 484 12.07 38.60 2.55
N GLY D 485 12.87 39.64 2.28
CA GLY D 485 14.09 39.47 1.52
C GLY D 485 15.18 38.82 2.36
N ILE D 486 15.67 37.66 1.93
CA ILE D 486 16.71 36.97 2.69
C ILE D 486 18.06 37.63 2.49
N ASP D 487 18.39 38.02 1.26
CA ASP D 487 19.70 38.59 0.97
C ASP D 487 19.95 39.89 1.71
N ARG D 488 18.90 40.66 1.99
CA ARG D 488 19.08 41.92 2.69
C ARG D 488 19.27 41.70 4.18
N LEU D 489 18.52 40.76 4.76
CA LEU D 489 18.77 40.37 6.14
C LEU D 489 20.16 39.79 6.31
N ALA D 490 20.66 39.08 5.30
CA ALA D 490 22.04 38.63 5.32
C ALA D 490 23.01 39.80 5.23
N MET D 491 22.67 40.81 4.43
CA MET D 491 23.46 42.03 4.38
C MET D 491 23.58 42.65 5.77
N ILE D 492 22.45 42.80 6.47
CA ILE D 492 22.45 43.41 7.80
C ILE D 492 23.25 42.56 8.79
N LEU D 493 22.92 41.27 8.89
CA LEU D 493 23.47 40.43 9.95
C LEU D 493 24.92 40.04 9.71
N THR D 494 25.41 40.14 8.48
CA THR D 494 26.83 39.94 8.21
C THR D 494 27.61 41.25 8.26
N ASP D 495 26.91 42.38 8.38
CA ASP D 495 27.50 43.72 8.36
C ASP D 495 28.25 43.96 7.05
N SER D 496 27.53 43.78 5.95
CA SER D 496 28.03 44.06 4.61
C SER D 496 27.14 45.13 3.98
N ASN D 497 27.77 46.17 3.43
CA ASN D 497 27.03 47.24 2.79
C ASN D 497 26.58 46.90 1.36
N ASN D 498 27.12 45.83 0.77
CA ASN D 498 26.87 45.50 -0.63
C ASN D 498 26.27 44.10 -0.70
N ILE D 499 25.21 43.96 -1.52
CA ILE D 499 24.55 42.67 -1.67
C ILE D 499 25.43 41.67 -2.40
N LYS D 500 26.40 42.15 -3.18
CA LYS D 500 27.27 41.25 -3.92
C LYS D 500 28.14 40.40 -3.00
N GLU D 501 28.30 40.81 -1.74
CA GLU D 501 29.12 40.07 -0.79
C GLU D 501 28.37 38.93 -0.11
N VAL D 502 27.04 38.96 -0.09
CA VAL D 502 26.25 37.86 0.46
C VAL D 502 25.73 36.92 -0.61
N LEU D 503 26.02 37.19 -1.88
CA LEU D 503 25.68 36.31 -2.98
C LEU D 503 26.96 35.77 -3.60
N PHE D 504 26.99 34.46 -3.85
CA PHE D 504 28.19 33.83 -4.39
C PHE D 504 28.53 34.37 -5.76
N PHE D 505 27.56 34.37 -6.69
CA PHE D 505 27.80 34.79 -8.06
C PHE D 505 26.79 35.86 -8.46
N PRO D 506 27.06 37.13 -8.12
CA PRO D 506 26.14 38.20 -8.53
C PRO D 506 26.36 38.60 -9.98
N ALA D 507 25.66 39.64 -10.43
CA ALA D 507 25.81 40.09 -11.82
C ALA D 507 26.87 41.19 -11.92
N LYS E . -27.83 -15.24 9.64
CA LYS E . -26.61 -14.47 9.73
C LYS E . -26.52 -13.40 8.64
O LYS E . -25.97 -13.63 7.57
CB LYS E . -25.39 -15.40 9.65
CG LYS E . -25.24 -16.29 10.86
CD LYS E . -24.95 -15.44 12.09
CE LYS E . -24.88 -16.30 13.33
NZ LYS E . -24.21 -15.54 14.43
OXT LYS E . -27.01 -12.28 8.82
O4 KRS F . -21.16 -11.17 0.75
C8 KRS F . -22.20 -10.96 1.35
C9 KRS F . -23.52 -11.07 0.67
C5 KRS F . -24.70 -10.94 1.42
C4 KRS F . -25.93 -11.03 0.78
C3 KRS F . -25.98 -11.28 -0.61
O2 KRS F . -27.25 -11.39 -1.28
C2 KRS F . -24.81 -11.41 -1.35
C1 KRS F . -23.57 -11.31 -0.71
O1 KRS F . -22.43 -11.43 -1.43
O3 KRS F . -22.19 -10.63 2.70
C7 KRS F . -23.23 -11.09 3.51
C6 KRS F . -24.61 -10.67 2.98
C10 KRS F . -23.04 -10.51 4.90
C11 KRS F . -21.77 -11.11 5.49
O5 KRS F . -21.96 -12.53 5.67
C12 KRS F . -22.87 -12.86 6.74
C16 KRS F . -22.85 -14.35 6.96
C13 KRS F . -22.48 -12.19 8.01
C14 KRS F . -22.36 -10.75 7.83
C15 KRS F . -21.45 -10.40 6.77
C1 GOL G . 14.68 8.86 -21.28
O1 GOL G . 13.83 9.78 -21.92
C2 GOL G . 15.85 8.54 -22.21
O2 GOL G . 16.62 7.50 -21.65
C3 GOL G . 15.30 8.09 -23.55
O3 GOL G . 16.06 6.99 -24.02
N LYS H . 22.87 18.25 -15.44
CA LYS H . 23.59 17.03 -15.11
C LYS H . 22.66 15.96 -14.55
O LYS H . 22.61 14.84 -15.05
CB LYS H . 24.71 17.31 -14.11
CG LYS H . 25.19 16.10 -13.34
CD LYS H . 26.28 16.48 -12.36
CE LYS H . 26.66 15.33 -11.47
NZ LYS H . 27.84 15.71 -10.65
OXT LYS H . 21.93 16.19 -13.58
O4 KRS I . 12.73 15.05 -13.24
C8 KRS I . 13.54 14.95 -14.15
C9 KRS I . 13.37 15.68 -15.43
C5 KRS I . 14.39 15.68 -16.38
C4 KRS I . 14.23 16.37 -17.58
C3 KRS I . 13.03 17.07 -17.83
O2 KRS I . 12.86 17.78 -19.07
C2 KRS I . 12.00 17.07 -16.88
C1 KRS I . 12.17 16.38 -15.68
O1 KRS I . 11.18 16.38 -14.76
O3 KRS I . 14.66 14.15 -14.02
C7 KRS I . 15.87 14.58 -14.58
C6 KRS I . 15.73 14.89 -16.08
C10 KRS I . 16.93 13.51 -14.39
C11 KRS I . 17.18 13.28 -12.91
O5 KRS I . 17.37 14.56 -12.26
C12 KRS I . 18.67 15.16 -12.49
C16 KRS I . 18.81 16.35 -11.59
C13 KRS I . 19.78 14.21 -12.21
C14 KRS I . 19.62 12.99 -13.00
C15 KRS I . 18.36 12.35 -12.76
N LYS J . -16.25 -35.70 -12.69
CA LYS J . -15.50 -36.89 -12.29
C LYS J . -16.44 -38.04 -11.95
O LYS J . -16.53 -39.02 -12.68
CB LYS J . -14.60 -36.57 -11.09
CG LYS J . -13.42 -35.67 -11.43
CD LYS J . -12.45 -36.37 -12.35
CE LYS J . -11.29 -35.46 -12.72
NZ LYS J . -10.11 -36.21 -13.24
OXT LYS J . -17.13 -38.02 -10.93
O4 KRS K . -19.85 -40.65 -3.11
C8 KRS K . -20.00 -40.60 -4.32
C9 KRS K . -21.33 -40.28 -4.91
C5 KRS K . -21.45 -40.15 -6.30
C4 KRS K . -22.69 -39.85 -6.85
C3 KRS K . -23.81 -39.67 -6.02
O2 KRS K . -25.09 -39.34 -6.61
C2 KRS K . -23.68 -39.78 -4.64
C1 KRS K . -22.44 -40.09 -4.08
O1 KRS K . -22.32 -40.21 -2.74
O3 KRS K . -18.95 -40.85 -5.17
C7 KRS K . -18.89 -40.20 -6.41
C6 KRS K . -20.19 -40.37 -7.22
C10 KRS K . -17.75 -40.77 -7.23
C11 KRS K . -16.41 -40.51 -6.52
O5 KRS K . -16.30 -39.11 -6.19
C12 KRS K . -16.07 -38.23 -7.32
C16 KRS K . -15.69 -36.88 -6.80
C13 KRS K . -14.97 -38.73 -8.20
C14 KRS K . -15.17 -40.13 -8.57
C15 KRS K . -15.31 -40.98 -7.43
N LYS L . 4.82 39.88 -2.47
CA LYS L . 5.22 40.89 -1.49
C LYS L . 6.30 41.80 -2.07
O LYS L . 7.37 41.35 -2.44
CB LYS L . 5.74 40.22 -0.21
CG LYS L . 4.79 39.20 0.38
CD LYS L . 3.76 39.86 1.27
CE LYS L . 2.55 38.97 1.46
NZ LYS L . 2.24 38.23 0.21
OXT LYS L . 6.10 43.02 -2.19
O4 KRS M . 16.97 42.04 -3.16
C8 KRS M . 15.95 42.68 -3.39
C9 KRS M . 15.65 43.15 -4.78
C5 KRS M . 14.45 43.82 -5.04
C4 KRS M . 14.17 44.27 -6.32
C3 KRS M . 15.10 44.03 -7.36
O2 KRS M . 14.81 44.48 -8.69
C2 KRS M . 16.29 43.36 -7.09
C1 KRS M . 16.57 42.92 -5.81
O1 KRS M . 17.72 42.26 -5.55
O3 KRS M . 15.06 43.00 -2.39
C7 KRS M . 13.70 43.15 -2.67
C6 KRS M . 13.42 44.08 -3.86
C10 KRS M . 13.02 43.76 -1.47
C11 KRS M . 12.17 42.69 -0.79
O5 KRS M . 10.86 42.77 -1.37
C12 KRS M . 9.91 41.92 -0.70
C16 KRS M . 10.27 40.46 -0.93
C13 KRS M . 9.86 42.17 0.77
C14 KRS M . 11.18 42.22 1.39
C15 KRS M . 12.18 42.97 0.69
#